data_2K75
#
_entry.id   2K75
#
_entity_poly.entity_id   1
_entity_poly.type   'polypeptide(L)'
_entity_poly.pdbx_seq_one_letter_code
;SDLVKIRDVSLSTPYVSVIGKITGIHKKEYESDGTTKSVYQGYIEDDTARIRISSFGKQLQDSDVVRIDNARVAQFNGYL
SLSVGDSSRIESVNVNIPLEHHHHHH
;
_entity_poly.pdbx_strand_id   A
#
# COMPACT_ATOMS: atom_id res chain seq x y z
N SER A 1 -0.86 -3.91 -14.17
CA SER A 1 0.02 -3.77 -12.98
C SER A 1 1.13 -2.78 -13.31
N ASP A 2 0.86 -1.89 -14.23
CA ASP A 2 1.88 -0.88 -14.64
C ASP A 2 1.96 0.25 -13.61
N LEU A 3 2.99 1.04 -13.70
CA LEU A 3 3.18 2.15 -12.74
C LEU A 3 2.25 3.31 -13.09
N VAL A 4 1.45 3.72 -12.15
CA VAL A 4 0.51 4.86 -12.38
C VAL A 4 0.47 5.77 -11.15
N LYS A 5 -0.05 6.95 -11.32
CA LYS A 5 -0.14 7.93 -10.21
C LYS A 5 -1.35 7.61 -9.32
N ILE A 6 -1.32 8.12 -8.12
CA ILE A 6 -2.43 7.87 -7.15
C ILE A 6 -3.74 8.45 -7.71
N ARG A 7 -3.68 9.62 -8.25
CA ARG A 7 -4.91 10.28 -8.79
C ARG A 7 -5.40 9.51 -10.03
N ASP A 8 -4.55 8.72 -10.61
CA ASP A 8 -4.94 7.94 -11.83
C ASP A 8 -5.60 6.62 -11.39
N VAL A 9 -5.71 6.38 -10.11
CA VAL A 9 -6.34 5.11 -9.63
C VAL A 9 -7.82 5.08 -9.98
N SER A 10 -8.24 3.99 -10.57
CA SER A 10 -9.68 3.83 -10.95
C SER A 10 -10.00 2.35 -11.17
N LEU A 11 -11.26 2.04 -11.26
CA LEU A 11 -11.69 0.62 -11.46
C LEU A 11 -11.24 0.16 -12.84
N SER A 12 -10.99 1.09 -13.73
CA SER A 12 -10.55 0.73 -15.11
C SER A 12 -9.23 -0.02 -15.04
N THR A 13 -8.52 0.12 -13.95
CA THR A 13 -7.20 -0.57 -13.80
C THR A 13 -7.21 -1.41 -12.51
N PRO A 14 -7.80 -2.58 -12.56
CA PRO A 14 -7.89 -3.49 -11.37
C PRO A 14 -6.51 -3.73 -10.74
N TYR A 15 -5.51 -3.90 -11.57
CA TYR A 15 -4.12 -4.15 -11.06
C TYR A 15 -3.25 -2.95 -11.40
N VAL A 16 -2.60 -2.39 -10.41
CA VAL A 16 -1.73 -1.21 -10.65
C VAL A 16 -0.58 -1.17 -9.64
N SER A 17 0.46 -0.45 -9.99
CA SER A 17 1.65 -0.31 -9.10
C SER A 17 1.81 1.16 -8.71
N VAL A 18 2.04 1.42 -7.45
CA VAL A 18 2.21 2.83 -6.98
C VAL A 18 3.40 2.92 -6.02
N ILE A 19 3.88 4.12 -5.82
CA ILE A 19 5.03 4.34 -4.90
C ILE A 19 4.80 5.63 -4.10
N GLY A 20 5.07 5.57 -2.82
CA GLY A 20 4.89 6.77 -1.96
C GLY A 20 5.14 6.42 -0.50
N LYS A 21 4.74 7.31 0.38
CA LYS A 21 4.96 7.08 1.85
C LYS A 21 3.61 6.90 2.54
N ILE A 22 3.54 5.94 3.43
CA ILE A 22 2.28 5.66 4.18
C ILE A 22 2.32 6.37 5.53
N THR A 23 1.23 6.97 5.91
CA THR A 23 1.15 7.68 7.22
C THR A 23 -0.11 7.26 7.98
N GLY A 24 -0.08 7.45 9.28
CA GLY A 24 -1.24 7.10 10.14
C GLY A 24 -1.59 5.62 9.98
N ILE A 25 -1.06 4.79 10.82
CA ILE A 25 -1.33 3.32 10.73
C ILE A 25 -2.50 2.96 11.65
N HIS A 26 -3.53 2.36 11.08
CA HIS A 26 -4.72 1.96 11.89
C HIS A 26 -4.91 0.45 11.80
N LYS A 27 -5.26 -0.15 12.91
CA LYS A 27 -5.46 -1.63 12.95
C LYS A 27 -6.95 -1.95 13.07
N LYS A 28 -7.40 -2.89 12.28
CA LYS A 28 -8.83 -3.31 12.32
C LYS A 28 -8.94 -4.81 12.09
N GLU A 29 -10.00 -5.40 12.58
CA GLU A 29 -10.21 -6.87 12.41
C GLU A 29 -11.54 -7.15 11.72
N TYR A 30 -11.55 -8.18 10.91
CA TYR A 30 -12.81 -8.55 10.18
C TYR A 30 -12.90 -10.07 10.07
N GLU A 31 -14.11 -10.55 9.86
CA GLU A 31 -14.33 -12.03 9.75
C GLU A 31 -14.14 -12.47 8.30
N SER A 32 -13.15 -13.29 8.07
CA SER A 32 -12.86 -13.80 6.70
C SER A 32 -13.12 -15.31 6.66
N ASP A 33 -14.12 -15.71 5.93
CA ASP A 33 -14.47 -17.15 5.80
C ASP A 33 -14.70 -17.75 7.19
N GLY A 34 -15.15 -16.94 8.11
CA GLY A 34 -15.43 -17.44 9.49
C GLY A 34 -14.17 -17.34 10.34
N THR A 35 -13.11 -16.83 9.77
CA THR A 35 -11.82 -16.69 10.53
C THR A 35 -11.43 -15.23 10.64
N THR A 36 -11.17 -14.79 11.85
CA THR A 36 -10.77 -13.38 12.09
C THR A 36 -9.39 -13.10 11.52
N LYS A 37 -9.28 -12.05 10.74
CA LYS A 37 -7.97 -11.67 10.14
C LYS A 37 -7.70 -10.19 10.38
N SER A 38 -6.47 -9.87 10.68
CA SER A 38 -6.10 -8.45 10.95
C SER A 38 -5.78 -7.72 9.66
N VAL A 39 -6.17 -6.48 9.58
CA VAL A 39 -5.90 -5.65 8.37
C VAL A 39 -5.44 -4.26 8.80
N TYR A 40 -4.41 -3.77 8.18
CA TYR A 40 -3.87 -2.41 8.52
C TYR A 40 -4.35 -1.39 7.50
N GLN A 41 -4.83 -0.27 7.97
CA GLN A 41 -5.32 0.80 7.06
C GLN A 41 -4.53 2.09 7.31
N GLY A 42 -4.43 2.91 6.30
CA GLY A 42 -3.67 4.18 6.45
C GLY A 42 -3.80 5.02 5.19
N TYR A 43 -3.05 6.10 5.15
CA TYR A 43 -3.09 7.02 3.97
C TYR A 43 -1.72 7.06 3.31
N ILE A 44 -1.71 7.15 2.01
CA ILE A 44 -0.42 7.20 1.26
C ILE A 44 -0.42 8.42 0.35
N GLU A 45 0.69 9.09 0.26
CA GLU A 45 0.79 10.32 -0.59
C GLU A 45 2.04 10.28 -1.45
N ASP A 46 2.03 11.06 -2.51
CA ASP A 46 3.18 11.13 -3.44
C ASP A 46 3.33 12.56 -3.98
N ASP A 47 3.81 12.69 -5.19
CA ASP A 47 4.01 14.04 -5.79
C ASP A 47 2.68 14.56 -6.31
N THR A 48 1.66 13.74 -6.28
CA THR A 48 0.32 14.17 -6.80
C THR A 48 -0.62 14.42 -5.62
N ALA A 49 -1.34 13.42 -5.20
CA ALA A 49 -2.31 13.57 -4.07
C ALA A 49 -2.15 12.42 -3.08
N ARG A 50 -3.25 12.00 -2.49
CA ARG A 50 -3.20 10.89 -1.50
C ARG A 50 -4.46 10.03 -1.58
N ILE A 51 -4.35 8.81 -1.15
CA ILE A 51 -5.53 7.88 -1.17
C ILE A 51 -5.45 6.89 0.00
N ARG A 52 -6.56 6.29 0.31
CA ARG A 52 -6.62 5.31 1.42
C ARG A 52 -6.07 3.96 0.97
N ILE A 53 -5.46 3.25 1.87
CA ILE A 53 -4.88 1.91 1.54
C ILE A 53 -5.24 0.90 2.62
N SER A 54 -5.21 -0.36 2.25
CA SER A 54 -5.53 -1.45 3.22
C SER A 54 -4.61 -2.63 2.96
N SER A 55 -3.93 -3.07 4.00
CA SER A 55 -2.99 -4.22 3.88
C SER A 55 -3.48 -5.37 4.75
N PHE A 56 -3.55 -6.54 4.18
CA PHE A 56 -4.03 -7.73 4.93
C PHE A 56 -2.82 -8.55 5.41
N GLY A 57 -2.71 -8.70 6.70
CA GLY A 57 -1.59 -9.50 7.28
C GLY A 57 -0.31 -8.68 7.32
N LYS A 58 0.08 -8.11 6.22
CA LYS A 58 1.35 -7.33 6.16
C LYS A 58 1.19 -6.01 6.93
N GLN A 59 2.18 -5.68 7.72
CA GLN A 59 2.13 -4.42 8.53
C GLN A 59 2.72 -3.26 7.75
N LEU A 60 2.31 -2.07 8.10
CA LEU A 60 2.80 -0.83 7.42
C LEU A 60 3.51 0.06 8.44
N GLN A 61 4.46 0.83 7.97
CA GLN A 61 5.22 1.74 8.89
C GLN A 61 4.92 3.21 8.56
N ASP A 62 4.84 4.00 9.58
CA ASP A 62 4.50 5.45 9.41
C ASP A 62 5.58 6.19 8.63
N SER A 63 5.14 7.01 7.71
CA SER A 63 6.06 7.83 6.86
C SER A 63 7.10 6.95 6.19
N ASP A 64 6.81 5.69 6.03
CA ASP A 64 7.77 4.77 5.37
C ASP A 64 7.57 4.78 3.85
N VAL A 65 8.64 5.04 3.14
CA VAL A 65 8.57 5.07 1.65
C VAL A 65 8.67 3.65 1.11
N VAL A 66 7.63 3.19 0.49
CA VAL A 66 7.62 1.81 -0.06
C VAL A 66 6.94 1.78 -1.43
N ARG A 67 7.17 0.73 -2.16
CA ARG A 67 6.56 0.56 -3.52
C ARG A 67 5.65 -0.66 -3.52
N ILE A 68 4.43 -0.48 -3.94
CA ILE A 68 3.45 -1.61 -3.98
C ILE A 68 3.22 -2.04 -5.42
N ASP A 69 3.34 -3.31 -5.67
CA ASP A 69 3.14 -3.87 -7.04
C ASP A 69 1.93 -4.80 -7.06
N ASN A 70 1.21 -4.78 -8.15
CA ASN A 70 0.02 -5.65 -8.32
C ASN A 70 -1.04 -5.28 -7.28
N ALA A 71 -1.20 -4.02 -7.02
CA ALA A 71 -2.22 -3.56 -6.03
C ALA A 71 -3.62 -3.73 -6.61
N ARG A 72 -4.56 -4.02 -5.75
CA ARG A 72 -5.97 -4.22 -6.21
C ARG A 72 -6.82 -3.01 -5.83
N VAL A 73 -7.47 -2.43 -6.80
CA VAL A 73 -8.33 -1.24 -6.55
C VAL A 73 -9.73 -1.67 -6.13
N ALA A 74 -10.24 -1.07 -5.09
CA ALA A 74 -11.60 -1.41 -4.59
C ALA A 74 -12.26 -0.18 -4.00
N GLN A 75 -13.57 -0.22 -3.89
CA GLN A 75 -14.34 0.93 -3.33
C GLN A 75 -14.86 0.58 -1.94
N PHE A 76 -14.36 1.29 -0.96
CA PHE A 76 -14.81 1.06 0.45
C PHE A 76 -15.50 2.33 0.97
N ASN A 77 -16.71 2.17 1.44
CA ASN A 77 -17.50 3.31 1.97
C ASN A 77 -17.64 4.37 0.90
N GLY A 78 -17.65 3.97 -0.34
CA GLY A 78 -17.81 4.93 -1.47
C GLY A 78 -16.48 5.62 -1.74
N TYR A 79 -15.42 5.10 -1.19
CA TYR A 79 -14.06 5.72 -1.40
C TYR A 79 -13.13 4.70 -2.05
N LEU A 80 -12.39 5.13 -3.03
CA LEU A 80 -11.44 4.23 -3.73
C LEU A 80 -10.20 4.02 -2.87
N SER A 81 -9.66 2.83 -2.91
CA SER A 81 -8.44 2.53 -2.11
C SER A 81 -7.68 1.36 -2.72
N LEU A 82 -6.45 1.22 -2.33
CA LEU A 82 -5.59 0.11 -2.85
C LEU A 82 -5.47 -0.98 -1.80
N SER A 83 -5.83 -2.19 -2.17
CA SER A 83 -5.77 -3.34 -1.23
C SER A 83 -4.56 -4.21 -1.53
N VAL A 84 -3.72 -4.39 -0.54
CA VAL A 84 -2.49 -5.22 -0.72
C VAL A 84 -2.73 -6.62 -0.16
N GLY A 85 -2.91 -7.57 -1.03
CA GLY A 85 -3.16 -8.98 -0.61
C GLY A 85 -1.85 -9.76 -0.50
N ASP A 86 -1.95 -11.03 -0.22
CA ASP A 86 -0.75 -11.89 -0.08
C ASP A 86 -0.14 -12.13 -1.47
N SER A 87 -0.91 -11.88 -2.49
CA SER A 87 -0.40 -12.11 -3.89
C SER A 87 0.36 -10.86 -4.35
N SER A 88 0.19 -9.76 -3.67
CA SER A 88 0.89 -8.51 -4.05
C SER A 88 2.31 -8.51 -3.49
N ARG A 89 3.13 -7.60 -3.96
CA ARG A 89 4.54 -7.52 -3.49
C ARG A 89 4.85 -6.10 -3.01
N ILE A 90 5.54 -6.00 -1.91
CA ILE A 90 5.92 -4.68 -1.34
C ILE A 90 7.45 -4.58 -1.23
N GLU A 91 8.01 -3.54 -1.78
CA GLU A 91 9.49 -3.35 -1.72
C GLU A 91 9.83 -2.00 -1.10
N SER A 92 10.66 -2.02 -0.10
CA SER A 92 11.07 -0.77 0.61
C SER A 92 12.08 -0.01 -0.24
N VAL A 93 12.09 1.29 -0.12
CA VAL A 93 13.05 2.14 -0.90
C VAL A 93 14.09 2.74 0.04
N ASN A 94 15.24 2.12 0.10
CA ASN A 94 16.34 2.61 0.98
C ASN A 94 17.41 3.29 0.12
N VAL A 95 17.20 3.32 -1.18
CA VAL A 95 18.19 3.97 -2.11
C VAL A 95 17.62 5.26 -2.69
N ASN A 96 18.37 6.33 -2.58
CA ASN A 96 17.92 7.67 -3.08
C ASN A 96 17.97 7.72 -4.61
N ILE A 97 17.04 8.45 -5.18
CA ILE A 97 16.98 8.59 -6.67
C ILE A 97 16.48 9.99 -7.05
N PRO A 98 17.27 11.01 -6.79
CA PRO A 98 16.91 12.41 -7.13
C PRO A 98 17.06 12.69 -8.63
N LEU A 99 18.27 12.89 -9.07
CA LEU A 99 18.54 13.16 -10.51
C LEU A 99 17.83 14.44 -10.95
N GLU A 100 18.28 15.02 -12.02
CA GLU A 100 17.67 16.27 -12.56
C GLU A 100 17.56 17.34 -11.48
N HIS A 101 17.27 18.56 -11.88
CA HIS A 101 17.17 19.68 -10.91
C HIS A 101 15.73 19.78 -10.40
N HIS A 102 15.57 19.58 -9.11
CA HIS A 102 14.21 19.65 -8.50
C HIS A 102 13.93 21.09 -8.09
N HIS A 103 14.86 21.98 -8.35
CA HIS A 103 14.67 23.42 -7.99
C HIS A 103 13.46 23.97 -8.75
N HIS A 104 13.36 23.63 -10.01
CA HIS A 104 12.22 24.13 -10.85
C HIS A 104 11.34 22.95 -11.29
N HIS A 105 10.04 23.13 -11.21
CA HIS A 105 9.09 22.04 -11.59
C HIS A 105 9.17 21.80 -13.10
N HIS A 106 9.37 22.85 -13.86
CA HIS A 106 9.45 22.72 -15.35
C HIS A 106 10.24 21.46 -15.73
N SER A 1 -0.75 -4.23 -13.65
CA SER A 1 0.01 -3.81 -12.43
C SER A 1 1.02 -2.73 -12.80
N ASP A 2 0.72 -1.99 -13.83
CA ASP A 2 1.66 -0.91 -14.30
C ASP A 2 1.62 0.27 -13.33
N LEU A 3 2.71 0.99 -13.27
CA LEU A 3 2.79 2.16 -12.36
C LEU A 3 1.88 3.28 -12.87
N VAL A 4 1.05 3.78 -12.00
CA VAL A 4 0.14 4.89 -12.38
C VAL A 4 0.07 5.92 -11.25
N LYS A 5 -0.42 7.09 -11.57
CA LYS A 5 -0.52 8.18 -10.55
C LYS A 5 -1.69 7.89 -9.60
N ILE A 6 -1.62 8.46 -8.44
CA ILE A 6 -2.68 8.25 -7.42
C ILE A 6 -4.02 8.79 -7.93
N ARG A 7 -4.00 9.96 -8.51
CA ARG A 7 -5.26 10.56 -9.04
C ARG A 7 -5.74 9.75 -10.25
N ASP A 8 -4.86 9.01 -10.87
CA ASP A 8 -5.25 8.21 -12.06
C ASP A 8 -5.88 6.89 -11.60
N VAL A 9 -5.89 6.67 -10.31
CA VAL A 9 -6.47 5.40 -9.77
C VAL A 9 -7.99 5.41 -9.94
N SER A 10 -8.51 4.37 -10.52
CA SER A 10 -9.98 4.25 -10.75
C SER A 10 -10.33 2.80 -11.05
N LEU A 11 -11.58 2.47 -10.92
CA LEU A 11 -12.04 1.06 -11.18
C LEU A 11 -11.81 0.71 -12.65
N SER A 12 -11.33 1.66 -13.41
CA SER A 12 -11.07 1.40 -14.86
C SER A 12 -10.05 0.29 -15.00
N THR A 13 -9.12 0.20 -14.07
CA THR A 13 -8.07 -0.86 -14.16
C THR A 13 -8.19 -1.82 -12.95
N PRO A 14 -7.90 -3.09 -13.16
CA PRO A 14 -7.97 -4.13 -12.09
C PRO A 14 -6.80 -4.02 -11.10
N TYR A 15 -5.59 -4.18 -11.59
CA TYR A 15 -4.40 -4.12 -10.69
C TYR A 15 -3.46 -3.00 -11.13
N VAL A 16 -2.96 -2.26 -10.18
CA VAL A 16 -2.02 -1.13 -10.47
C VAL A 16 -0.91 -1.08 -9.42
N SER A 17 0.14 -0.37 -9.73
CA SER A 17 1.30 -0.25 -8.77
C SER A 17 1.48 1.23 -8.39
N VAL A 18 1.86 1.46 -7.17
CA VAL A 18 2.08 2.87 -6.69
C VAL A 18 3.34 2.96 -5.84
N ILE A 19 3.84 4.16 -5.70
CA ILE A 19 5.07 4.41 -4.89
C ILE A 19 4.89 5.67 -4.07
N GLY A 20 5.17 5.58 -2.79
CA GLY A 20 5.02 6.76 -1.90
C GLY A 20 5.31 6.39 -0.46
N LYS A 21 4.76 7.15 0.46
CA LYS A 21 4.98 6.89 1.92
C LYS A 21 3.63 6.76 2.62
N ILE A 22 3.54 5.81 3.51
CA ILE A 22 2.27 5.58 4.27
C ILE A 22 2.29 6.38 5.58
N THR A 23 1.22 7.08 5.84
CA THR A 23 1.14 7.88 7.10
C THR A 23 -0.13 7.50 7.88
N GLY A 24 -0.02 7.50 9.18
CA GLY A 24 -1.18 7.16 10.06
C GLY A 24 -1.52 5.68 9.92
N ILE A 25 -1.03 4.88 10.83
CA ILE A 25 -1.31 3.40 10.78
C ILE A 25 -2.50 3.05 11.67
N HIS A 26 -3.46 2.39 11.09
CA HIS A 26 -4.69 1.98 11.84
C HIS A 26 -4.87 0.48 11.73
N LYS A 27 -5.15 -0.16 12.84
CA LYS A 27 -5.34 -1.65 12.86
C LYS A 27 -6.81 -1.99 13.05
N LYS A 28 -7.31 -2.89 12.24
CA LYS A 28 -8.73 -3.31 12.34
C LYS A 28 -8.84 -4.81 12.11
N GLU A 29 -9.91 -5.39 12.58
CA GLU A 29 -10.13 -6.87 12.42
C GLU A 29 -11.41 -7.12 11.65
N TYR A 30 -11.42 -8.16 10.86
CA TYR A 30 -12.63 -8.49 10.05
C TYR A 30 -12.81 -10.01 9.98
N GLU A 31 -14.01 -10.43 9.69
CA GLU A 31 -14.33 -11.88 9.63
C GLU A 31 -14.26 -12.34 8.17
N SER A 32 -13.58 -13.43 7.93
CA SER A 32 -13.45 -13.97 6.55
C SER A 32 -13.10 -15.44 6.58
N ASP A 33 -13.67 -16.20 5.69
CA ASP A 33 -13.41 -17.66 5.61
C ASP A 33 -13.70 -18.32 6.95
N GLY A 34 -14.60 -17.75 7.70
CA GLY A 34 -14.97 -18.33 9.03
C GLY A 34 -13.85 -18.07 10.02
N THR A 35 -12.94 -17.19 9.69
CA THR A 35 -11.81 -16.88 10.61
C THR A 35 -11.60 -15.37 10.67
N THR A 36 -11.03 -14.92 11.76
CA THR A 36 -10.78 -13.46 11.93
C THR A 36 -9.33 -13.13 11.57
N LYS A 37 -9.17 -12.20 10.69
CA LYS A 37 -7.80 -11.78 10.25
C LYS A 37 -7.64 -10.27 10.44
N SER A 38 -6.47 -9.86 10.84
CA SER A 38 -6.22 -8.41 11.08
C SER A 38 -5.84 -7.71 9.78
N VAL A 39 -6.24 -6.48 9.66
CA VAL A 39 -5.92 -5.69 8.43
C VAL A 39 -5.40 -4.31 8.82
N TYR A 40 -4.37 -3.87 8.15
CA TYR A 40 -3.78 -2.54 8.44
C TYR A 40 -4.23 -1.53 7.40
N GLN A 41 -4.69 -0.39 7.85
CA GLN A 41 -5.17 0.67 6.92
C GLN A 41 -4.45 1.98 7.23
N GLY A 42 -4.38 2.83 6.25
CA GLY A 42 -3.70 4.14 6.43
C GLY A 42 -3.80 4.96 5.15
N TYR A 43 -3.02 6.02 5.08
CA TYR A 43 -3.03 6.91 3.87
C TYR A 43 -1.66 6.94 3.23
N ILE A 44 -1.62 6.93 1.93
CA ILE A 44 -0.33 6.98 1.18
C ILE A 44 -0.35 8.18 0.26
N GLU A 45 0.71 8.94 0.25
CA GLU A 45 0.78 10.16 -0.60
C GLU A 45 2.12 10.23 -1.34
N ASP A 46 2.13 10.93 -2.44
CA ASP A 46 3.36 11.09 -3.25
C ASP A 46 3.15 12.17 -4.30
N ASP A 47 3.57 13.37 -3.98
CA ASP A 47 3.43 14.53 -4.93
C ASP A 47 2.00 14.64 -5.44
N THR A 48 1.62 13.80 -6.36
CA THR A 48 0.25 13.84 -6.94
C THR A 48 -0.77 14.16 -5.85
N ALA A 49 -1.16 13.17 -5.11
CA ALA A 49 -2.16 13.39 -4.02
C ALA A 49 -2.05 12.29 -2.97
N ARG A 50 -3.18 11.88 -2.43
CA ARG A 50 -3.19 10.82 -1.38
C ARG A 50 -4.41 9.91 -1.55
N ILE A 51 -4.27 8.67 -1.15
CA ILE A 51 -5.40 7.71 -1.27
C ILE A 51 -5.35 6.71 -0.11
N ARG A 52 -6.48 6.14 0.20
CA ARG A 52 -6.57 5.15 1.32
C ARG A 52 -5.98 3.82 0.88
N ILE A 53 -5.39 3.11 1.81
CA ILE A 53 -4.78 1.79 1.49
C ILE A 53 -5.14 0.77 2.57
N SER A 54 -5.15 -0.48 2.20
CA SER A 54 -5.46 -1.57 3.18
C SER A 54 -4.58 -2.78 2.89
N SER A 55 -4.01 -3.34 3.92
CA SER A 55 -3.11 -4.53 3.76
C SER A 55 -3.51 -5.61 4.77
N PHE A 56 -3.58 -6.82 4.31
CA PHE A 56 -3.96 -7.96 5.19
C PHE A 56 -2.73 -8.66 5.77
N GLY A 57 -2.65 -8.72 7.06
CA GLY A 57 -1.52 -9.41 7.75
C GLY A 57 -0.22 -8.62 7.60
N LYS A 58 -0.08 -7.89 6.54
CA LYS A 58 1.18 -7.10 6.31
C LYS A 58 1.22 -5.89 7.22
N GLN A 59 2.37 -5.65 7.80
CA GLN A 59 2.53 -4.51 8.73
C GLN A 59 3.08 -3.29 7.99
N LEU A 60 2.68 -2.12 8.41
CA LEU A 60 3.14 -0.85 7.77
C LEU A 60 3.66 0.11 8.85
N GLN A 61 4.57 0.97 8.46
CA GLN A 61 5.15 1.97 9.41
C GLN A 61 4.94 3.39 8.87
N ASP A 62 4.57 4.28 9.76
CA ASP A 62 4.31 5.70 9.36
C ASP A 62 5.58 6.38 8.85
N SER A 63 5.46 7.08 7.77
CA SER A 63 6.59 7.83 7.17
C SER A 63 7.52 6.87 6.41
N ASP A 64 7.10 5.64 6.27
CA ASP A 64 7.93 4.63 5.55
C ASP A 64 7.69 4.71 4.04
N VAL A 65 8.76 4.91 3.30
CA VAL A 65 8.66 4.99 1.82
C VAL A 65 8.74 3.59 1.22
N VAL A 66 7.68 3.16 0.58
CA VAL A 66 7.67 1.79 -0.02
C VAL A 66 6.93 1.79 -1.36
N ARG A 67 7.15 0.75 -2.12
CA ARG A 67 6.49 0.61 -3.46
C ARG A 67 5.64 -0.65 -3.45
N ILE A 68 4.40 -0.52 -3.85
CA ILE A 68 3.48 -1.70 -3.87
C ILE A 68 3.24 -2.14 -5.30
N ASP A 69 3.42 -3.41 -5.53
CA ASP A 69 3.22 -3.98 -6.91
C ASP A 69 2.04 -4.95 -6.92
N ASN A 70 1.30 -4.95 -8.00
CA ASN A 70 0.12 -5.84 -8.16
C ASN A 70 -0.92 -5.51 -7.10
N ALA A 71 -1.09 -4.25 -6.78
CA ALA A 71 -2.11 -3.85 -5.78
C ALA A 71 -3.51 -4.00 -6.37
N ARG A 72 -4.47 -4.37 -5.57
CA ARG A 72 -5.86 -4.55 -6.08
C ARG A 72 -6.68 -3.28 -5.83
N VAL A 73 -7.38 -2.84 -6.84
CA VAL A 73 -8.21 -1.61 -6.73
C VAL A 73 -9.56 -1.97 -6.11
N ALA A 74 -9.97 -1.21 -5.13
CA ALA A 74 -11.28 -1.47 -4.46
C ALA A 74 -11.94 -0.14 -4.08
N GLN A 75 -13.25 -0.16 -3.97
CA GLN A 75 -14.00 1.10 -3.61
C GLN A 75 -14.78 0.87 -2.31
N PHE A 76 -14.45 1.64 -1.31
CA PHE A 76 -15.15 1.53 0.01
C PHE A 76 -15.80 2.87 0.37
N ASN A 77 -17.04 2.81 0.76
CA ASN A 77 -17.81 4.04 1.14
C ASN A 77 -17.80 5.05 0.00
N GLY A 78 -17.63 4.58 -1.20
CA GLY A 78 -17.63 5.49 -2.39
C GLY A 78 -16.25 6.12 -2.54
N TYR A 79 -15.29 5.63 -1.81
CA TYR A 79 -13.90 6.17 -1.88
C TYR A 79 -12.96 5.11 -2.43
N LEU A 80 -12.07 5.51 -3.29
CA LEU A 80 -11.11 4.56 -3.91
C LEU A 80 -10.00 4.21 -2.94
N SER A 81 -9.60 2.97 -2.95
CA SER A 81 -8.50 2.52 -2.05
C SER A 81 -7.78 1.32 -2.67
N LEU A 82 -6.57 1.07 -2.23
CA LEU A 82 -5.77 -0.07 -2.77
C LEU A 82 -5.66 -1.17 -1.73
N SER A 83 -6.02 -2.37 -2.10
CA SER A 83 -5.95 -3.53 -1.17
C SER A 83 -4.71 -4.36 -1.48
N VAL A 84 -3.88 -4.56 -0.50
CA VAL A 84 -2.63 -5.35 -0.69
C VAL A 84 -2.85 -6.76 -0.12
N GLY A 85 -2.90 -7.74 -0.99
CA GLY A 85 -3.12 -9.14 -0.56
C GLY A 85 -1.79 -9.88 -0.40
N ASP A 86 -1.88 -11.14 -0.05
CA ASP A 86 -0.65 -11.97 0.15
C ASP A 86 0.03 -12.20 -1.20
N SER A 87 -0.68 -11.98 -2.26
CA SER A 87 -0.11 -12.20 -3.63
C SER A 87 0.58 -10.91 -4.10
N SER A 88 0.43 -9.85 -3.34
CA SER A 88 1.07 -8.55 -3.73
C SER A 88 2.51 -8.54 -3.25
N ARG A 89 3.29 -7.62 -3.76
CA ARG A 89 4.72 -7.52 -3.36
C ARG A 89 5.04 -6.08 -2.94
N ILE A 90 5.81 -5.95 -1.90
CA ILE A 90 6.21 -4.59 -1.39
C ILE A 90 7.72 -4.47 -1.39
N GLU A 91 8.24 -3.41 -1.95
CA GLU A 91 9.72 -3.19 -2.00
C GLU A 91 10.09 -1.94 -1.18
N SER A 92 11.00 -2.13 -0.26
CA SER A 92 11.43 -0.99 0.61
C SER A 92 12.27 0.00 -0.19
N VAL A 93 12.14 1.25 0.13
CA VAL A 93 12.91 2.33 -0.58
C VAL A 93 13.81 3.08 0.41
N ASN A 94 15.06 3.23 0.05
CA ASN A 94 16.03 3.95 0.93
C ASN A 94 16.82 4.96 0.08
N VAL A 95 17.67 4.46 -0.80
CA VAL A 95 18.48 5.37 -1.67
C VAL A 95 18.30 4.96 -3.13
N ASN A 96 17.73 5.84 -3.91
CA ASN A 96 17.48 5.56 -5.35
C ASN A 96 18.77 5.76 -6.15
N ILE A 97 18.87 5.09 -7.27
CA ILE A 97 20.09 5.22 -8.13
C ILE A 97 19.66 5.25 -9.61
N PRO A 98 19.15 6.37 -10.06
CA PRO A 98 18.71 6.55 -11.47
C PRO A 98 19.84 6.30 -12.48
N LEU A 99 19.50 5.75 -13.61
CA LEU A 99 20.51 5.44 -14.66
C LEU A 99 21.62 4.56 -14.07
N GLU A 100 21.47 3.27 -14.22
CA GLU A 100 22.50 2.33 -13.70
C GLU A 100 22.42 1.01 -14.47
N HIS A 101 23.07 0.95 -15.60
CA HIS A 101 23.09 -0.28 -16.43
C HIS A 101 21.67 -0.69 -16.82
N HIS A 102 21.46 -0.92 -18.09
CA HIS A 102 20.11 -1.32 -18.58
C HIS A 102 20.24 -2.19 -19.84
N HIS A 103 19.16 -2.83 -20.21
CA HIS A 103 19.17 -3.71 -21.41
C HIS A 103 19.49 -2.87 -22.66
N HIS A 104 18.82 -1.76 -22.80
CA HIS A 104 19.05 -0.87 -23.96
C HIS A 104 18.87 -1.68 -25.25
N HIS A 105 18.46 -2.90 -25.13
CA HIS A 105 18.28 -3.77 -26.33
C HIS A 105 16.90 -3.53 -26.97
N HIS A 106 16.86 -3.54 -28.28
CA HIS A 106 15.58 -3.33 -29.01
C HIS A 106 15.69 -3.94 -30.41
N SER A 1 0.92 -4.65 -14.03
CA SER A 1 1.22 -3.91 -12.77
C SER A 1 2.04 -2.67 -13.12
N ASP A 2 1.59 -1.94 -14.10
CA ASP A 2 2.33 -0.71 -14.53
C ASP A 2 2.14 0.39 -13.48
N LEU A 3 3.13 1.24 -13.36
CA LEU A 3 3.05 2.35 -12.37
C LEU A 3 2.04 3.40 -12.81
N VAL A 4 1.20 3.84 -11.91
CA VAL A 4 0.18 4.87 -12.24
C VAL A 4 0.12 5.93 -11.14
N LYS A 5 -0.46 7.06 -11.44
CA LYS A 5 -0.56 8.15 -10.43
C LYS A 5 -1.70 7.85 -9.44
N ILE A 6 -1.62 8.41 -8.27
CA ILE A 6 -2.69 8.20 -7.25
C ILE A 6 -4.02 8.77 -7.75
N ARG A 7 -3.99 9.95 -8.31
CA ARG A 7 -5.24 10.58 -8.81
C ARG A 7 -5.73 9.85 -10.06
N ASP A 8 -4.89 9.05 -10.67
CA ASP A 8 -5.29 8.32 -11.91
C ASP A 8 -5.82 6.94 -11.51
N VAL A 9 -5.87 6.64 -10.24
CA VAL A 9 -6.36 5.31 -9.80
C VAL A 9 -7.84 5.14 -10.16
N SER A 10 -8.19 4.03 -10.76
CA SER A 10 -9.62 3.79 -11.13
C SER A 10 -9.86 2.30 -11.31
N LEU A 11 -11.11 1.90 -11.36
CA LEU A 11 -11.44 0.46 -11.54
C LEU A 11 -11.01 0.00 -12.92
N SER A 12 -10.80 0.91 -13.83
CA SER A 12 -10.38 0.51 -15.19
C SER A 12 -9.08 -0.29 -15.11
N THR A 13 -8.31 -0.09 -14.07
CA THR A 13 -7.03 -0.84 -13.90
C THR A 13 -7.06 -1.58 -12.56
N PRO A 14 -7.67 -2.74 -12.52
CA PRO A 14 -7.77 -3.57 -11.29
C PRO A 14 -6.40 -3.80 -10.64
N TYR A 15 -5.40 -4.05 -11.44
CA TYR A 15 -4.03 -4.30 -10.89
C TYR A 15 -3.07 -3.20 -11.34
N VAL A 16 -2.36 -2.61 -10.42
CA VAL A 16 -1.40 -1.52 -10.81
C VAL A 16 -0.27 -1.46 -9.78
N SER A 17 0.61 -0.51 -9.93
CA SER A 17 1.75 -0.35 -8.97
C SER A 17 1.82 1.11 -8.52
N VAL A 18 2.17 1.34 -7.28
CA VAL A 18 2.27 2.74 -6.77
C VAL A 18 3.48 2.89 -5.86
N ILE A 19 3.90 4.11 -5.63
CA ILE A 19 5.07 4.35 -4.74
C ILE A 19 4.81 5.59 -3.90
N GLY A 20 4.97 5.49 -2.60
CA GLY A 20 4.72 6.67 -1.74
C GLY A 20 4.99 6.32 -0.28
N LYS A 21 4.60 7.19 0.63
CA LYS A 21 4.83 6.92 2.09
C LYS A 21 3.49 6.64 2.77
N ILE A 22 3.50 5.76 3.72
CA ILE A 22 2.25 5.40 4.45
C ILE A 22 2.12 6.21 5.74
N THR A 23 0.96 6.77 5.98
CA THR A 23 0.75 7.58 7.21
C THR A 23 -0.66 7.35 7.75
N GLY A 24 -0.84 7.60 9.03
CA GLY A 24 -2.19 7.40 9.65
C GLY A 24 -2.51 5.91 9.67
N ILE A 25 -1.73 5.14 10.38
CA ILE A 25 -1.97 3.67 10.43
C ILE A 25 -3.14 3.36 11.38
N HIS A 26 -4.08 2.57 10.91
CA HIS A 26 -5.25 2.19 11.76
C HIS A 26 -5.43 0.67 11.70
N LYS A 27 -5.41 0.03 12.83
CA LYS A 27 -5.55 -1.45 12.85
C LYS A 27 -7.03 -1.83 12.88
N LYS A 28 -7.41 -2.80 12.10
CA LYS A 28 -8.83 -3.24 12.10
C LYS A 28 -8.88 -4.75 11.84
N GLU A 29 -9.77 -5.44 12.53
CA GLU A 29 -9.87 -6.92 12.35
C GLU A 29 -11.25 -7.28 11.76
N TYR A 30 -11.30 -8.32 10.98
CA TYR A 30 -12.61 -8.73 10.37
C TYR A 30 -12.64 -10.25 10.23
N GLU A 31 -13.81 -10.82 10.12
CA GLU A 31 -13.93 -12.30 9.99
C GLU A 31 -13.74 -12.72 8.54
N SER A 32 -12.74 -13.55 8.29
CA SER A 32 -12.49 -14.03 6.90
C SER A 32 -12.60 -15.57 6.88
N ASP A 33 -13.57 -16.07 6.19
CA ASP A 33 -13.77 -17.56 6.12
C ASP A 33 -13.88 -18.13 7.53
N GLY A 34 -14.42 -17.38 8.45
CA GLY A 34 -14.58 -17.90 9.84
C GLY A 34 -13.27 -17.71 10.61
N THR A 35 -12.31 -17.04 10.02
CA THR A 35 -10.99 -16.82 10.71
C THR A 35 -10.71 -15.33 10.84
N THR A 36 -10.41 -14.89 12.02
CA THR A 36 -10.14 -13.44 12.25
C THR A 36 -8.82 -13.04 11.55
N LYS A 37 -8.82 -11.93 10.86
CA LYS A 37 -7.60 -11.46 10.15
C LYS A 37 -7.35 -10.00 10.48
N SER A 38 -6.10 -9.60 10.53
CA SER A 38 -5.76 -8.19 10.85
C SER A 38 -5.45 -7.42 9.57
N VAL A 39 -5.97 -6.24 9.44
CA VAL A 39 -5.70 -5.40 8.23
C VAL A 39 -5.40 -3.98 8.67
N TYR A 40 -4.42 -3.36 8.08
CA TYR A 40 -4.05 -1.96 8.47
C TYR A 40 -4.53 -1.00 7.40
N GLN A 41 -5.14 0.09 7.80
CA GLN A 41 -5.65 1.10 6.82
C GLN A 41 -5.03 2.47 7.13
N GLY A 42 -4.87 3.28 6.13
CA GLY A 42 -4.27 4.62 6.37
C GLY A 42 -4.33 5.45 5.10
N TYR A 43 -3.35 6.30 4.89
CA TYR A 43 -3.33 7.14 3.65
C TYR A 43 -1.94 7.10 3.04
N ILE A 44 -1.86 7.07 1.72
CA ILE A 44 -0.54 7.03 1.03
C ILE A 44 -0.41 8.32 0.23
N GLU A 45 0.73 8.98 0.29
CA GLU A 45 0.89 10.26 -0.49
C GLU A 45 2.22 10.27 -1.23
N ASP A 46 2.26 10.95 -2.34
CA ASP A 46 3.52 11.03 -3.13
C ASP A 46 3.37 12.13 -4.19
N ASP A 47 3.84 13.29 -3.87
CA ASP A 47 3.77 14.44 -4.82
C ASP A 47 2.35 14.58 -5.41
N THR A 48 2.03 13.78 -6.39
CA THR A 48 0.68 13.85 -7.04
C THR A 48 -0.40 14.17 -6.01
N ALA A 49 -0.81 13.21 -5.23
CA ALA A 49 -1.86 13.48 -4.22
C ALA A 49 -1.83 12.40 -3.15
N ARG A 50 -2.96 12.16 -2.51
CA ARG A 50 -2.99 11.11 -1.45
C ARG A 50 -4.29 10.30 -1.55
N ILE A 51 -4.27 9.06 -1.12
CA ILE A 51 -5.50 8.22 -1.18
C ILE A 51 -5.48 7.19 -0.04
N ARG A 52 -6.61 6.61 0.24
CA ARG A 52 -6.70 5.59 1.32
C ARG A 52 -6.19 4.24 0.83
N ILE A 53 -5.63 3.45 1.71
CA ILE A 53 -5.11 2.11 1.32
C ILE A 53 -5.39 1.10 2.44
N SER A 54 -5.29 -0.18 2.12
CA SER A 54 -5.53 -1.22 3.17
C SER A 54 -4.51 -2.35 2.98
N SER A 55 -3.81 -2.71 4.03
CA SER A 55 -2.79 -3.80 3.93
C SER A 55 -3.28 -5.02 4.71
N PHE A 56 -3.47 -6.11 4.02
CA PHE A 56 -3.98 -7.35 4.70
C PHE A 56 -2.82 -8.27 5.09
N GLY A 57 -2.73 -8.60 6.35
CA GLY A 57 -1.65 -9.52 6.82
C GLY A 57 -0.30 -8.81 6.81
N LYS A 58 -0.07 -7.92 5.89
CA LYS A 58 1.24 -7.21 5.84
C LYS A 58 1.20 -5.97 6.73
N GLN A 59 2.18 -5.82 7.57
CA GLN A 59 2.23 -4.65 8.50
C GLN A 59 2.99 -3.49 7.84
N LEU A 60 2.58 -2.28 8.13
CA LEU A 60 3.27 -1.08 7.55
C LEU A 60 3.54 -0.06 8.66
N GLN A 61 4.57 0.73 8.52
CA GLN A 61 4.91 1.73 9.56
C GLN A 61 4.69 3.15 9.02
N ASP A 62 4.33 4.05 9.88
CA ASP A 62 4.06 5.46 9.47
C ASP A 62 5.32 6.15 8.95
N SER A 63 5.20 6.87 7.86
CA SER A 63 6.36 7.60 7.29
C SER A 63 7.28 6.61 6.58
N ASP A 64 6.88 5.39 6.46
CA ASP A 64 7.74 4.37 5.78
C ASP A 64 7.52 4.44 4.26
N VAL A 65 8.57 4.67 3.51
CA VAL A 65 8.45 4.74 2.04
C VAL A 65 8.53 3.33 1.46
N VAL A 66 7.49 2.89 0.79
CA VAL A 66 7.50 1.52 0.20
C VAL A 66 6.90 1.57 -1.21
N ARG A 67 7.18 0.56 -1.99
CA ARG A 67 6.64 0.48 -3.38
C ARG A 67 5.74 -0.74 -3.47
N ILE A 68 4.49 -0.55 -3.84
CA ILE A 68 3.54 -1.68 -3.93
C ILE A 68 3.27 -2.01 -5.40
N ASP A 69 3.38 -3.27 -5.74
CA ASP A 69 3.14 -3.69 -7.16
C ASP A 69 1.95 -4.65 -7.23
N ASN A 70 1.18 -4.55 -8.28
CA ASN A 70 -0.01 -5.44 -8.44
C ASN A 70 -1.03 -5.12 -7.35
N ALA A 71 -1.15 -3.88 -6.98
CA ALA A 71 -2.13 -3.48 -5.93
C ALA A 71 -3.54 -3.64 -6.49
N ARG A 72 -4.49 -4.01 -5.65
CA ARG A 72 -5.89 -4.20 -6.12
C ARG A 72 -6.73 -2.98 -5.76
N VAL A 73 -7.37 -2.40 -6.74
CA VAL A 73 -8.21 -1.19 -6.48
C VAL A 73 -9.61 -1.63 -6.04
N ALA A 74 -10.12 -1.03 -4.99
CA ALA A 74 -11.48 -1.41 -4.51
C ALA A 74 -12.18 -0.17 -3.96
N GLN A 75 -13.47 -0.24 -3.77
CA GLN A 75 -14.24 0.92 -3.23
C GLN A 75 -14.56 0.68 -1.76
N PHE A 76 -14.00 1.49 -0.90
CA PHE A 76 -14.27 1.36 0.57
C PHE A 76 -15.10 2.55 1.03
N ASN A 77 -16.25 2.29 1.59
CA ASN A 77 -17.13 3.37 2.07
C ASN A 77 -17.44 4.34 0.91
N GLY A 78 -17.48 3.83 -0.29
CA GLY A 78 -17.78 4.70 -1.46
C GLY A 78 -16.54 5.49 -1.86
N TYR A 79 -15.39 5.13 -1.34
CA TYR A 79 -14.12 5.85 -1.67
C TYR A 79 -13.11 4.89 -2.28
N LEU A 80 -12.43 5.33 -3.29
CA LEU A 80 -11.41 4.45 -3.96
C LEU A 80 -10.21 4.27 -3.06
N SER A 81 -9.67 3.08 -3.01
CA SER A 81 -8.48 2.80 -2.16
C SER A 81 -7.72 1.61 -2.72
N LEU A 82 -6.49 1.43 -2.33
CA LEU A 82 -5.68 0.29 -2.83
C LEU A 82 -5.59 -0.79 -1.76
N SER A 83 -5.93 -2.01 -2.12
CA SER A 83 -5.88 -3.14 -1.14
C SER A 83 -4.70 -4.03 -1.48
N VAL A 84 -3.84 -4.30 -0.53
CA VAL A 84 -2.65 -5.16 -0.80
C VAL A 84 -2.88 -6.56 -0.23
N GLY A 85 -3.13 -7.51 -1.10
CA GLY A 85 -3.37 -8.91 -0.64
C GLY A 85 -2.05 -9.68 -0.60
N ASP A 86 -2.10 -10.93 -0.21
CA ASP A 86 -0.86 -11.75 -0.15
C ASP A 86 -0.30 -11.96 -1.55
N SER A 87 -1.17 -12.12 -2.51
CA SER A 87 -0.71 -12.34 -3.92
C SER A 87 0.10 -11.12 -4.39
N SER A 88 -0.29 -9.94 -3.98
CA SER A 88 0.45 -8.72 -4.43
C SER A 88 1.89 -8.75 -3.93
N ARG A 89 2.74 -7.94 -4.51
CA ARG A 89 4.17 -7.90 -4.09
C ARG A 89 4.48 -6.58 -3.40
N ILE A 90 5.25 -6.61 -2.35
CA ILE A 90 5.61 -5.37 -1.60
C ILE A 90 7.13 -5.23 -1.56
N GLU A 91 7.65 -4.07 -1.90
CA GLU A 91 9.13 -3.85 -1.87
C GLU A 91 9.43 -2.59 -1.05
N SER A 92 9.99 -2.76 0.10
CA SER A 92 10.31 -1.60 0.97
C SER A 92 11.51 -0.83 0.39
N VAL A 93 11.47 0.47 0.45
CA VAL A 93 12.60 1.29 -0.08
C VAL A 93 13.44 1.80 1.09
N ASN A 94 12.81 2.40 2.08
CA ASN A 94 13.55 2.93 3.26
C ASN A 94 14.75 3.77 2.79
N VAL A 95 14.62 5.06 2.83
CA VAL A 95 15.74 5.94 2.38
C VAL A 95 16.85 5.93 3.42
N ASN A 96 17.95 5.28 3.12
CA ASN A 96 19.09 5.23 4.07
C ASN A 96 20.37 4.94 3.29
N ILE A 97 21.27 5.90 3.21
CA ILE A 97 22.55 5.69 2.47
C ILE A 97 23.67 6.45 3.18
N PRO A 98 24.18 5.90 4.26
CA PRO A 98 25.29 6.53 5.04
C PRO A 98 26.54 6.78 4.20
N LEU A 99 27.25 7.85 4.49
CA LEU A 99 28.49 8.18 3.73
C LEU A 99 28.18 8.30 2.23
N GLU A 100 28.20 9.50 1.72
CA GLU A 100 27.90 9.72 0.28
C GLU A 100 28.89 8.96 -0.60
N HIS A 101 28.42 8.45 -1.71
CA HIS A 101 29.32 7.69 -2.63
C HIS A 101 30.24 8.68 -3.36
N HIS A 102 31.16 9.26 -2.66
CA HIS A 102 32.10 10.22 -3.30
C HIS A 102 32.97 9.49 -4.32
N HIS A 103 33.40 8.30 -3.98
CA HIS A 103 34.26 7.53 -4.91
C HIS A 103 33.43 7.05 -6.11
N HIS A 104 33.11 7.94 -7.00
CA HIS A 104 32.30 7.55 -8.20
C HIS A 104 33.14 6.61 -9.06
N HIS A 105 34.42 6.82 -9.09
CA HIS A 105 35.33 5.94 -9.90
C HIS A 105 34.88 5.93 -11.36
N HIS A 106 34.40 4.79 -11.82
CA HIS A 106 33.96 4.68 -13.24
C HIS A 106 33.09 5.89 -13.62
N SER A 1 -0.65 -4.64 -13.75
CA SER A 1 0.53 -3.99 -13.09
C SER A 1 1.20 -2.98 -14.02
N ASP A 2 1.87 -2.08 -13.38
CA ASP A 2 2.69 -0.98 -14.01
C ASP A 2 2.57 0.21 -13.07
N LEU A 3 3.48 1.13 -13.13
CA LEU A 3 3.48 2.25 -12.16
C LEU A 3 2.60 3.41 -12.64
N VAL A 4 1.61 3.77 -11.86
CA VAL A 4 0.70 4.90 -12.23
C VAL A 4 0.57 5.84 -11.02
N LYS A 5 0.14 7.04 -11.26
CA LYS A 5 0.01 8.02 -10.14
C LYS A 5 -1.21 7.69 -9.28
N ILE A 6 -1.25 8.24 -8.10
CA ILE A 6 -2.41 7.99 -7.19
C ILE A 6 -3.69 8.53 -7.83
N ARG A 7 -3.61 9.71 -8.40
CA ARG A 7 -4.83 10.31 -9.03
C ARG A 7 -5.25 9.48 -10.25
N ASP A 8 -4.38 8.66 -10.76
CA ASP A 8 -4.73 7.83 -11.95
C ASP A 8 -5.43 6.54 -11.51
N VAL A 9 -5.61 6.36 -10.24
CA VAL A 9 -6.28 5.12 -9.74
C VAL A 9 -7.75 5.09 -10.19
N SER A 10 -8.19 3.97 -10.71
CA SER A 10 -9.60 3.86 -11.17
C SER A 10 -10.03 2.39 -11.20
N LEU A 11 -11.30 2.14 -11.24
CA LEU A 11 -11.79 0.73 -11.28
C LEU A 11 -11.36 0.08 -12.59
N SER A 12 -11.24 0.85 -13.63
CA SER A 12 -10.83 0.29 -14.95
C SER A 12 -9.47 -0.37 -14.81
N THR A 13 -8.73 -0.01 -13.79
CA THR A 13 -7.37 -0.60 -13.58
C THR A 13 -7.38 -1.33 -12.23
N PRO A 14 -7.89 -2.54 -12.17
CA PRO A 14 -7.98 -3.32 -10.90
C PRO A 14 -6.60 -3.81 -10.43
N TYR A 15 -5.61 -3.77 -11.28
CA TYR A 15 -4.25 -4.24 -10.89
C TYR A 15 -3.19 -3.22 -11.34
N VAL A 16 -2.66 -2.47 -10.41
CA VAL A 16 -1.62 -1.46 -10.77
C VAL A 16 -0.58 -1.34 -9.65
N SER A 17 0.54 -0.73 -9.93
CA SER A 17 1.60 -0.56 -8.88
C SER A 17 1.66 0.91 -8.48
N VAL A 18 1.86 1.18 -7.22
CA VAL A 18 1.93 2.61 -6.75
C VAL A 18 3.12 2.78 -5.80
N ILE A 19 3.57 4.00 -5.61
CA ILE A 19 4.73 4.27 -4.71
C ILE A 19 4.48 5.57 -3.96
N GLY A 20 4.78 5.60 -2.69
CA GLY A 20 4.56 6.86 -1.91
C GLY A 20 4.94 6.67 -0.45
N LYS A 21 4.53 7.60 0.39
CA LYS A 21 4.85 7.51 1.85
C LYS A 21 3.60 7.10 2.61
N ILE A 22 3.73 6.13 3.50
CA ILE A 22 2.55 5.64 4.29
C ILE A 22 2.41 6.46 5.57
N THR A 23 1.22 6.95 5.84
CA THR A 23 1.00 7.77 7.08
C THR A 23 -0.33 7.37 7.73
N GLY A 24 -0.52 7.69 8.98
CA GLY A 24 -1.80 7.35 9.68
C GLY A 24 -2.04 5.83 9.61
N ILE A 25 -1.38 5.09 10.45
CA ILE A 25 -1.56 3.60 10.45
C ILE A 25 -2.68 3.22 11.43
N HIS A 26 -3.72 2.60 10.93
CA HIS A 26 -4.86 2.17 11.79
C HIS A 26 -5.01 0.65 11.72
N LYS A 27 -5.00 -0.01 12.85
CA LYS A 27 -5.14 -1.51 12.85
C LYS A 27 -6.61 -1.90 13.03
N LYS A 28 -7.06 -2.84 12.25
CA LYS A 28 -8.48 -3.30 12.35
C LYS A 28 -8.56 -4.78 11.98
N GLU A 29 -9.39 -5.53 12.64
CA GLU A 29 -9.54 -6.99 12.33
C GLU A 29 -10.99 -7.31 12.00
N TYR A 30 -11.22 -8.22 11.09
CA TYR A 30 -12.62 -8.58 10.71
C TYR A 30 -12.73 -10.08 10.47
N GLU A 31 -13.92 -10.61 10.51
CA GLU A 31 -14.09 -12.08 10.31
C GLU A 31 -14.04 -12.40 8.81
N SER A 32 -13.04 -13.13 8.39
CA SER A 32 -12.90 -13.49 6.95
C SER A 32 -13.19 -14.99 6.76
N ASP A 33 -14.26 -15.32 6.10
CA ASP A 33 -14.60 -16.76 5.87
C ASP A 33 -14.62 -17.51 7.21
N GLY A 34 -14.97 -16.86 8.28
CA GLY A 34 -15.02 -17.54 9.60
C GLY A 34 -13.67 -17.45 10.31
N THR A 35 -12.68 -16.87 9.69
CA THR A 35 -11.33 -16.73 10.32
C THR A 35 -10.99 -15.25 10.48
N THR A 36 -10.68 -14.84 11.68
CA THR A 36 -10.34 -13.42 11.92
C THR A 36 -9.00 -13.07 11.28
N LYS A 37 -8.92 -11.94 10.61
CA LYS A 37 -7.64 -11.52 9.97
C LYS A 37 -7.35 -10.06 10.33
N SER A 38 -6.09 -9.71 10.42
CA SER A 38 -5.72 -8.31 10.78
C SER A 38 -5.41 -7.53 9.51
N VAL A 39 -5.98 -6.35 9.39
CA VAL A 39 -5.73 -5.50 8.19
C VAL A 39 -5.38 -4.08 8.66
N TYR A 40 -4.38 -3.49 8.09
CA TYR A 40 -3.98 -2.11 8.49
C TYR A 40 -4.43 -1.12 7.42
N GLN A 41 -5.00 -0.01 7.82
CA GLN A 41 -5.48 1.02 6.84
C GLN A 41 -4.85 2.35 7.16
N GLY A 42 -4.71 3.19 6.17
CA GLY A 42 -4.09 4.52 6.42
C GLY A 42 -4.18 5.38 5.17
N TYR A 43 -3.25 6.28 5.00
CA TYR A 43 -3.25 7.18 3.80
C TYR A 43 -1.87 7.15 3.15
N ILE A 44 -1.82 7.26 1.85
CA ILE A 44 -0.52 7.27 1.12
C ILE A 44 -0.44 8.55 0.30
N GLU A 45 0.72 9.14 0.21
CA GLU A 45 0.88 10.41 -0.58
C GLU A 45 2.02 10.27 -1.58
N ASP A 46 1.94 10.97 -2.68
CA ASP A 46 3.01 10.88 -3.71
C ASP A 46 3.27 12.27 -4.31
N ASP A 47 3.73 12.33 -5.53
CA ASP A 47 4.01 13.64 -6.17
C ASP A 47 2.70 14.26 -6.67
N THR A 48 1.62 13.53 -6.61
CA THR A 48 0.30 14.07 -7.09
C THR A 48 -0.63 14.35 -5.91
N ALA A 49 -1.34 13.35 -5.46
CA ALA A 49 -2.30 13.54 -4.32
C ALA A 49 -2.15 12.38 -3.33
N ARG A 50 -3.22 12.02 -2.67
CA ARG A 50 -3.16 10.91 -1.67
C ARG A 50 -4.47 10.12 -1.67
N ILE A 51 -4.43 8.89 -1.25
CA ILE A 51 -5.69 8.07 -1.21
C ILE A 51 -5.62 7.05 -0.06
N ARG A 52 -6.74 6.49 0.29
CA ARG A 52 -6.75 5.48 1.40
C ARG A 52 -6.25 4.14 0.90
N ILE A 53 -5.53 3.42 1.73
CA ILE A 53 -5.00 2.08 1.34
C ILE A 53 -5.24 1.07 2.46
N SER A 54 -5.18 -0.20 2.14
CA SER A 54 -5.39 -1.26 3.17
C SER A 54 -4.36 -2.37 2.95
N SER A 55 -3.83 -2.91 4.02
CA SER A 55 -2.82 -4.01 3.92
C SER A 55 -3.35 -5.25 4.62
N PHE A 56 -3.58 -6.31 3.90
CA PHE A 56 -4.12 -7.55 4.54
C PHE A 56 -2.98 -8.52 4.87
N GLY A 57 -2.78 -8.81 6.12
CA GLY A 57 -1.70 -9.76 6.51
C GLY A 57 -0.32 -9.11 6.34
N LYS A 58 -0.27 -7.99 5.67
CA LYS A 58 1.04 -7.29 5.45
C LYS A 58 1.13 -6.08 6.39
N GLN A 59 1.94 -6.18 7.40
CA GLN A 59 2.09 -5.06 8.37
C GLN A 59 2.87 -3.92 7.71
N LEU A 60 2.53 -2.71 8.05
CA LEU A 60 3.25 -1.52 7.46
C LEU A 60 3.73 -0.62 8.60
N GLN A 61 4.77 0.13 8.37
CA GLN A 61 5.32 1.04 9.44
C GLN A 61 4.96 2.48 9.11
N ASP A 62 4.63 3.24 10.12
CA ASP A 62 4.25 4.68 9.91
C ASP A 62 5.44 5.48 9.40
N SER A 63 5.19 6.35 8.45
CA SER A 63 6.28 7.22 7.89
C SER A 63 7.36 6.37 7.24
N ASP A 64 7.11 5.89 6.05
CA ASP A 64 8.13 5.05 5.33
C ASP A 64 7.77 4.99 3.84
N VAL A 65 8.71 5.32 2.99
CA VAL A 65 8.45 5.28 1.53
C VAL A 65 8.52 3.84 1.06
N VAL A 66 7.45 3.34 0.48
CA VAL A 66 7.45 1.92 0.00
C VAL A 66 6.78 1.85 -1.38
N ARG A 67 7.04 0.78 -2.10
CA ARG A 67 6.43 0.59 -3.45
C ARG A 67 5.55 -0.66 -3.42
N ILE A 68 4.32 -0.54 -3.86
CA ILE A 68 3.39 -1.71 -3.86
C ILE A 68 3.20 -2.19 -5.30
N ASP A 69 3.43 -3.47 -5.53
CA ASP A 69 3.28 -4.03 -6.91
C ASP A 69 2.06 -4.95 -6.96
N ASN A 70 1.33 -4.90 -8.06
CA ASN A 70 0.11 -5.74 -8.21
C ASN A 70 -0.91 -5.34 -7.15
N ALA A 71 -1.05 -4.06 -6.90
CA ALA A 71 -2.04 -3.60 -5.88
C ALA A 71 -3.45 -3.81 -6.43
N ARG A 72 -4.40 -4.11 -5.56
CA ARG A 72 -5.81 -4.33 -6.02
C ARG A 72 -6.65 -3.10 -5.70
N VAL A 73 -7.30 -2.56 -6.69
CA VAL A 73 -8.16 -1.35 -6.46
C VAL A 73 -9.56 -1.77 -6.01
N ALA A 74 -10.06 -1.16 -4.98
CA ALA A 74 -11.43 -1.52 -4.48
C ALA A 74 -12.12 -0.26 -3.97
N GLN A 75 -13.44 -0.24 -4.00
CA GLN A 75 -14.19 0.96 -3.53
C GLN A 75 -14.87 0.64 -2.19
N PHE A 76 -14.56 1.42 -1.17
CA PHE A 76 -15.16 1.19 0.18
C PHE A 76 -15.81 2.49 0.66
N ASN A 77 -16.97 2.40 1.26
CA ASN A 77 -17.67 3.62 1.75
C ASN A 77 -17.86 4.60 0.59
N GLY A 78 -17.88 4.10 -0.62
CA GLY A 78 -18.08 4.99 -1.80
C GLY A 78 -16.77 5.72 -2.13
N TYR A 79 -15.69 5.35 -1.49
CA TYR A 79 -14.37 6.01 -1.77
C TYR A 79 -13.38 4.98 -2.31
N LEU A 80 -12.61 5.36 -3.28
CA LEU A 80 -11.62 4.42 -3.89
C LEU A 80 -10.42 4.23 -2.96
N SER A 81 -9.87 3.05 -2.93
CA SER A 81 -8.69 2.78 -2.06
C SER A 81 -7.88 1.62 -2.65
N LEU A 82 -6.65 1.48 -2.27
CA LEU A 82 -5.79 0.38 -2.80
C LEU A 82 -5.62 -0.70 -1.73
N SER A 83 -5.93 -1.92 -2.06
CA SER A 83 -5.80 -3.04 -1.08
C SER A 83 -4.63 -3.95 -1.48
N VAL A 84 -3.80 -4.32 -0.54
CA VAL A 84 -2.64 -5.21 -0.85
C VAL A 84 -3.00 -6.63 -0.44
N GLY A 85 -3.11 -7.53 -1.40
CA GLY A 85 -3.47 -8.94 -1.08
C GLY A 85 -2.22 -9.76 -0.78
N ASP A 86 -2.40 -11.00 -0.41
CA ASP A 86 -1.25 -11.88 -0.10
C ASP A 86 -0.45 -12.16 -1.38
N SER A 87 -1.09 -12.07 -2.52
CA SER A 87 -0.37 -12.33 -3.79
C SER A 87 0.37 -11.07 -4.25
N SER A 88 0.17 -9.98 -3.57
CA SER A 88 0.86 -8.72 -3.95
C SER A 88 2.28 -8.70 -3.39
N ARG A 89 3.07 -7.74 -3.79
CA ARG A 89 4.48 -7.66 -3.30
C ARG A 89 4.79 -6.24 -2.83
N ILE A 90 5.52 -6.10 -1.75
CA ILE A 90 5.87 -4.74 -1.22
C ILE A 90 7.40 -4.59 -1.18
N GLU A 91 7.90 -3.50 -1.71
CA GLU A 91 9.38 -3.26 -1.72
C GLU A 91 9.68 -1.96 -0.99
N SER A 92 10.46 -2.02 0.05
CA SER A 92 10.80 -0.80 0.82
C SER A 92 11.83 0.04 0.07
N VAL A 93 11.76 1.34 0.20
CA VAL A 93 12.73 2.23 -0.49
C VAL A 93 13.18 3.33 0.49
N ASN A 94 13.80 2.93 1.57
CA ASN A 94 14.26 3.93 2.59
C ASN A 94 15.74 4.28 2.33
N VAL A 95 16.32 3.70 1.31
CA VAL A 95 17.76 3.98 0.99
C VAL A 95 17.86 4.57 -0.42
N ASN A 96 18.56 5.66 -0.56
CA ASN A 96 18.71 6.31 -1.90
C ASN A 96 20.09 5.95 -2.46
N ILE A 97 20.42 4.69 -2.48
CA ILE A 97 21.74 4.25 -3.02
C ILE A 97 21.58 2.92 -3.75
N PRO A 98 20.92 2.94 -4.88
CA PRO A 98 20.70 1.71 -5.69
C PRO A 98 21.93 1.37 -6.55
N LEU A 99 22.95 2.18 -6.44
CA LEU A 99 24.18 1.94 -7.24
C LEU A 99 24.93 0.72 -6.69
N GLU A 100 25.60 0.00 -7.56
CA GLU A 100 26.36 -1.20 -7.12
C GLU A 100 25.43 -2.20 -6.42
N HIS A 101 25.73 -2.57 -5.20
CA HIS A 101 24.88 -3.55 -4.46
C HIS A 101 24.51 -4.71 -5.39
N HIS A 102 23.37 -4.63 -6.03
CA HIS A 102 22.97 -5.72 -6.95
C HIS A 102 22.01 -5.17 -8.00
N HIS A 103 21.95 -5.78 -9.16
CA HIS A 103 21.04 -5.28 -10.24
C HIS A 103 19.73 -6.06 -10.22
N HIS A 104 18.63 -5.37 -10.07
CA HIS A 104 17.31 -6.06 -10.04
C HIS A 104 17.02 -6.68 -11.41
N HIS A 105 17.32 -5.97 -12.46
CA HIS A 105 17.05 -6.52 -13.83
C HIS A 105 18.10 -7.56 -14.19
N HIS A 106 17.71 -8.59 -14.89
CA HIS A 106 18.66 -9.65 -15.30
C HIS A 106 19.89 -9.02 -15.94
N SER A 1 1.23 -5.51 -15.34
CA SER A 1 1.26 -4.42 -14.33
C SER A 1 1.91 -3.18 -14.94
N ASP A 2 1.91 -2.09 -14.21
CA ASP A 2 2.54 -0.84 -14.75
C ASP A 2 2.54 0.23 -13.66
N LEU A 3 3.41 1.19 -13.78
CA LEU A 3 3.49 2.27 -12.75
C LEU A 3 2.45 3.34 -13.04
N VAL A 4 1.69 3.72 -12.06
CA VAL A 4 0.64 4.78 -12.25
C VAL A 4 0.63 5.72 -11.04
N LYS A 5 0.07 6.88 -11.21
CA LYS A 5 0.03 7.87 -10.10
C LYS A 5 -1.20 7.61 -9.22
N ILE A 6 -1.21 8.17 -8.04
CA ILE A 6 -2.36 7.96 -7.11
C ILE A 6 -3.64 8.55 -7.73
N ARG A 7 -3.56 9.72 -8.30
CA ARG A 7 -4.77 10.34 -8.91
C ARG A 7 -5.22 9.51 -10.12
N ASP A 8 -4.33 8.71 -10.65
CA ASP A 8 -4.69 7.88 -11.83
C ASP A 8 -5.38 6.60 -11.36
N VAL A 9 -5.51 6.42 -10.08
CA VAL A 9 -6.16 5.18 -9.56
C VAL A 9 -7.65 5.17 -9.90
N SER A 10 -8.13 4.09 -10.42
CA SER A 10 -9.57 4.00 -10.78
C SER A 10 -9.95 2.53 -10.99
N LEU A 11 -11.21 2.22 -10.92
CA LEU A 11 -11.64 0.81 -11.11
C LEU A 11 -11.36 0.40 -12.55
N SER A 12 -10.89 1.32 -13.34
CA SER A 12 -10.59 1.01 -14.76
C SER A 12 -9.54 -0.11 -14.82
N THR A 13 -8.61 -0.10 -13.88
CA THR A 13 -7.53 -1.14 -13.87
C THR A 13 -7.67 -2.02 -12.61
N PRO A 14 -7.59 -3.33 -12.74
CA PRO A 14 -7.72 -4.25 -11.57
C PRO A 14 -6.45 -4.24 -10.71
N TYR A 15 -5.31 -4.47 -11.32
CA TYR A 15 -4.03 -4.50 -10.57
C TYR A 15 -3.09 -3.42 -11.10
N VAL A 16 -2.52 -2.63 -10.23
CA VAL A 16 -1.59 -1.55 -10.67
C VAL A 16 -0.51 -1.36 -9.62
N SER A 17 0.57 -0.69 -9.97
CA SER A 17 1.67 -0.45 -9.00
C SER A 17 1.72 1.04 -8.64
N VAL A 18 1.93 1.35 -7.38
CA VAL A 18 1.99 2.77 -6.95
C VAL A 18 3.19 2.98 -6.02
N ILE A 19 3.62 4.20 -5.87
CA ILE A 19 4.78 4.49 -4.98
C ILE A 19 4.55 5.81 -4.24
N GLY A 20 4.86 5.85 -2.98
CA GLY A 20 4.66 7.11 -2.21
C GLY A 20 5.06 6.91 -0.75
N LYS A 21 4.62 7.78 0.11
CA LYS A 21 4.95 7.67 1.57
C LYS A 21 3.71 7.28 2.36
N ILE A 22 3.82 6.26 3.17
CA ILE A 22 2.64 5.80 3.97
C ILE A 22 2.77 6.30 5.41
N THR A 23 1.71 6.88 5.94
CA THR A 23 1.75 7.40 7.34
C THR A 23 0.37 7.22 7.99
N GLY A 24 0.35 7.10 9.29
CA GLY A 24 -0.94 6.94 10.02
C GLY A 24 -1.41 5.49 9.94
N ILE A 25 -0.68 4.59 10.54
CA ILE A 25 -1.07 3.15 10.49
C ILE A 25 -2.14 2.88 11.55
N HIS A 26 -3.22 2.25 11.16
CA HIS A 26 -4.32 1.93 12.13
C HIS A 26 -4.59 0.43 12.08
N LYS A 27 -4.68 -0.20 13.21
CA LYS A 27 -4.93 -1.67 13.25
C LYS A 27 -6.43 -1.94 13.39
N LYS A 28 -6.94 -2.85 12.61
CA LYS A 28 -8.40 -3.18 12.67
C LYS A 28 -8.59 -4.66 12.40
N GLU A 29 -9.69 -5.21 12.85
CA GLU A 29 -9.97 -6.66 12.63
C GLU A 29 -11.30 -6.83 11.90
N TYR A 30 -11.39 -7.80 11.03
CA TYR A 30 -12.67 -8.02 10.28
C TYR A 30 -12.91 -9.52 10.11
N GLU A 31 -14.13 -9.90 9.83
CA GLU A 31 -14.45 -11.35 9.67
C GLU A 31 -14.03 -11.82 8.27
N SER A 32 -13.64 -13.06 8.16
CA SER A 32 -13.22 -13.60 6.83
C SER A 32 -13.64 -15.07 6.74
N ASP A 33 -12.89 -15.86 6.01
CA ASP A 33 -13.24 -17.32 5.87
C ASP A 33 -13.48 -17.94 7.24
N GLY A 34 -14.67 -17.80 7.75
CA GLY A 34 -15.00 -18.37 9.08
C GLY A 34 -13.91 -18.03 10.09
N THR A 35 -13.12 -17.01 9.82
CA THR A 35 -12.04 -16.64 10.79
C THR A 35 -11.80 -15.12 10.74
N THR A 36 -11.37 -14.57 11.83
CA THR A 36 -11.10 -13.10 11.88
C THR A 36 -9.65 -12.83 11.46
N LYS A 37 -9.44 -11.90 10.56
CA LYS A 37 -8.06 -11.58 10.09
C LYS A 37 -7.73 -10.12 10.40
N SER A 38 -6.49 -9.85 10.69
CA SER A 38 -6.09 -8.45 11.01
C SER A 38 -5.82 -7.68 9.72
N VAL A 39 -6.13 -6.41 9.71
CA VAL A 39 -5.89 -5.57 8.51
C VAL A 39 -5.34 -4.21 8.95
N TYR A 40 -4.37 -3.70 8.25
CA TYR A 40 -3.77 -2.38 8.61
C TYR A 40 -4.26 -1.32 7.64
N GLN A 41 -4.77 -0.23 8.16
CA GLN A 41 -5.28 0.88 7.29
C GLN A 41 -4.41 2.10 7.47
N GLY A 42 -4.34 2.94 6.49
CA GLY A 42 -3.50 4.16 6.61
C GLY A 42 -3.67 5.03 5.38
N TYR A 43 -2.85 6.04 5.23
CA TYR A 43 -2.95 6.94 4.05
C TYR A 43 -1.62 6.99 3.33
N ILE A 44 -1.65 7.12 2.02
CA ILE A 44 -0.39 7.21 1.23
C ILE A 44 -0.45 8.49 0.39
N GLU A 45 0.65 9.19 0.29
CA GLU A 45 0.66 10.47 -0.49
C GLU A 45 1.76 10.44 -1.54
N ASP A 46 1.54 11.11 -2.64
CA ASP A 46 2.56 11.16 -3.73
C ASP A 46 2.68 12.60 -4.24
N ASP A 47 3.20 12.79 -5.41
CA ASP A 47 3.35 14.16 -5.97
C ASP A 47 2.03 14.63 -6.58
N THR A 48 1.03 13.79 -6.58
CA THR A 48 -0.30 14.18 -7.16
C THR A 48 -1.31 14.38 -6.02
N ALA A 49 -1.58 13.34 -5.27
CA ALA A 49 -2.55 13.47 -4.15
C ALA A 49 -2.36 12.33 -3.17
N ARG A 50 -3.40 11.94 -2.47
CA ARG A 50 -3.27 10.82 -1.48
C ARG A 50 -4.55 9.99 -1.47
N ILE A 51 -4.47 8.75 -1.04
CA ILE A 51 -5.69 7.88 -1.00
C ILE A 51 -5.60 6.91 0.20
N ARG A 52 -6.71 6.39 0.62
CA ARG A 52 -6.72 5.43 1.76
C ARG A 52 -6.22 4.08 1.31
N ILE A 53 -5.50 3.38 2.16
CA ILE A 53 -4.96 2.03 1.79
C ILE A 53 -5.32 1.01 2.86
N SER A 54 -5.33 -0.24 2.51
CA SER A 54 -5.66 -1.32 3.49
C SER A 54 -4.81 -2.55 3.16
N SER A 55 -4.08 -3.06 4.13
CA SER A 55 -3.23 -4.26 3.89
C SER A 55 -3.75 -5.44 4.71
N PHE A 56 -3.98 -6.55 4.07
CA PHE A 56 -4.50 -7.74 4.81
C PHE A 56 -3.36 -8.69 5.19
N GLY A 57 -3.15 -8.90 6.45
CA GLY A 57 -2.06 -9.83 6.90
C GLY A 57 -0.72 -9.10 6.93
N LYS A 58 -0.33 -8.49 5.84
CA LYS A 58 0.99 -7.79 5.82
C LYS A 58 0.94 -6.52 6.68
N GLN A 59 1.99 -6.28 7.44
CA GLN A 59 2.02 -5.07 8.32
C GLN A 59 2.59 -3.88 7.55
N LEU A 60 2.29 -2.70 8.00
CA LEU A 60 2.79 -1.45 7.32
C LEU A 60 3.62 -0.64 8.32
N GLN A 61 4.54 0.15 7.82
CA GLN A 61 5.41 0.97 8.72
C GLN A 61 5.00 2.44 8.62
N ASP A 62 4.90 3.10 9.75
CA ASP A 62 4.49 4.52 9.77
C ASP A 62 5.55 5.41 9.10
N SER A 63 5.10 6.34 8.29
CA SER A 63 6.03 7.27 7.59
C SER A 63 7.19 6.49 6.98
N ASP A 64 6.95 5.85 5.86
CA ASP A 64 8.02 5.08 5.19
C ASP A 64 7.79 5.07 3.68
N VAL A 65 8.77 5.46 2.91
CA VAL A 65 8.61 5.49 1.43
C VAL A 65 8.76 4.07 0.88
N VAL A 66 7.70 3.55 0.30
CA VAL A 66 7.75 2.16 -0.24
C VAL A 66 6.99 2.10 -1.56
N ARG A 67 7.17 1.02 -2.29
CA ARG A 67 6.48 0.85 -3.60
C ARG A 67 5.65 -0.44 -3.55
N ILE A 68 4.40 -0.36 -3.93
CA ILE A 68 3.53 -1.58 -3.90
C ILE A 68 3.27 -2.06 -5.32
N ASP A 69 3.49 -3.33 -5.57
CA ASP A 69 3.27 -3.89 -6.93
C ASP A 69 2.07 -4.84 -6.93
N ASN A 70 1.31 -4.81 -8.01
CA ASN A 70 0.10 -5.69 -8.12
C ASN A 70 -0.91 -5.31 -7.04
N ALA A 71 -1.06 -4.04 -6.76
CA ALA A 71 -2.05 -3.60 -5.73
C ALA A 71 -3.45 -3.75 -6.30
N ARG A 72 -4.39 -4.21 -5.51
CA ARG A 72 -5.79 -4.40 -6.01
C ARG A 72 -6.61 -3.14 -5.72
N VAL A 73 -7.34 -2.67 -6.70
CA VAL A 73 -8.18 -1.45 -6.51
C VAL A 73 -9.55 -1.85 -5.95
N ALA A 74 -10.00 -1.18 -4.93
CA ALA A 74 -11.33 -1.51 -4.33
C ALA A 74 -12.07 -0.21 -3.97
N GLN A 75 -13.37 -0.27 -3.92
CA GLN A 75 -14.18 0.95 -3.58
C GLN A 75 -15.01 0.66 -2.33
N PHE A 76 -14.80 1.43 -1.29
CA PHE A 76 -15.57 1.23 -0.02
C PHE A 76 -16.30 2.52 0.35
N ASN A 77 -17.55 2.42 0.69
CA ASN A 77 -18.35 3.62 1.06
C ASN A 77 -18.30 4.65 -0.07
N GLY A 78 -18.20 4.20 -1.29
CA GLY A 78 -18.16 5.15 -2.43
C GLY A 78 -16.79 5.80 -2.54
N TYR A 79 -15.85 5.38 -1.73
CA TYR A 79 -14.46 5.98 -1.78
C TYR A 79 -13.46 4.93 -2.27
N LEU A 80 -12.59 5.34 -3.15
CA LEU A 80 -11.58 4.38 -3.70
C LEU A 80 -10.47 4.12 -2.69
N SER A 81 -9.92 2.93 -2.73
CA SER A 81 -8.82 2.57 -1.79
C SER A 81 -7.99 1.45 -2.39
N LEU A 82 -6.74 1.34 -2.02
CA LEU A 82 -5.88 0.25 -2.57
C LEU A 82 -5.78 -0.89 -1.56
N SER A 83 -6.08 -2.09 -1.99
CA SER A 83 -6.01 -3.27 -1.07
C SER A 83 -4.78 -4.11 -1.40
N VAL A 84 -3.94 -4.34 -0.43
CA VAL A 84 -2.70 -5.14 -0.68
C VAL A 84 -2.96 -6.60 -0.25
N GLY A 85 -3.00 -7.49 -1.21
CA GLY A 85 -3.28 -8.93 -0.91
C GLY A 85 -1.98 -9.68 -0.63
N ASP A 86 -2.10 -10.95 -0.33
CA ASP A 86 -0.89 -11.77 -0.03
C ASP A 86 -0.09 -12.02 -1.31
N SER A 87 -0.73 -11.90 -2.45
CA SER A 87 -0.01 -12.14 -3.74
C SER A 87 0.69 -10.86 -4.18
N SER A 88 0.48 -9.79 -3.46
CA SER A 88 1.12 -8.50 -3.83
C SER A 88 2.57 -8.49 -3.35
N ARG A 89 3.34 -7.54 -3.81
CA ARG A 89 4.78 -7.46 -3.40
C ARG A 89 5.10 -6.02 -2.96
N ILE A 90 5.89 -5.88 -1.94
CA ILE A 90 6.27 -4.51 -1.44
C ILE A 90 7.79 -4.37 -1.46
N GLU A 91 8.28 -3.29 -2.02
CA GLU A 91 9.76 -3.06 -2.08
C GLU A 91 10.10 -1.72 -1.44
N SER A 92 11.15 -1.67 -0.68
CA SER A 92 11.55 -0.41 -0.01
C SER A 92 12.07 0.60 -1.04
N VAL A 93 11.90 1.88 -0.77
CA VAL A 93 12.38 2.93 -1.72
C VAL A 93 13.51 3.72 -1.07
N ASN A 94 14.57 3.93 -1.78
CA ASN A 94 15.74 4.70 -1.25
C ASN A 94 16.13 4.17 0.13
N VAL A 95 16.05 5.01 1.13
CA VAL A 95 16.44 4.60 2.52
C VAL A 95 17.88 4.07 2.50
N ASN A 96 18.51 4.05 1.34
CA ASN A 96 19.91 3.56 1.26
C ASN A 96 20.87 4.63 1.74
N ILE A 97 22.14 4.30 1.79
CA ILE A 97 23.18 5.27 2.25
C ILE A 97 24.38 5.21 1.30
N PRO A 98 24.17 5.55 0.05
CA PRO A 98 25.25 5.52 -0.99
C PRO A 98 26.19 6.72 -0.85
N LEU A 99 25.86 7.60 0.04
CA LEU A 99 26.70 8.81 0.22
C LEU A 99 28.20 8.44 0.27
N GLU A 100 28.73 8.06 1.43
CA GLU A 100 30.19 7.71 1.49
C GLU A 100 31.04 8.69 0.68
N HIS A 101 31.55 9.70 1.32
CA HIS A 101 32.38 10.72 0.60
C HIS A 101 33.67 10.05 0.10
N HIS A 102 34.19 9.11 0.84
CA HIS A 102 35.45 8.44 0.42
C HIS A 102 35.23 7.65 -0.86
N HIS A 103 36.22 7.61 -1.71
CA HIS A 103 36.10 6.87 -3.00
C HIS A 103 37.32 5.96 -3.20
N HIS A 104 37.14 4.84 -3.82
CA HIS A 104 38.27 3.91 -4.06
C HIS A 104 37.98 3.06 -5.29
N HIS A 105 38.19 3.62 -6.46
CA HIS A 105 37.94 2.88 -7.73
C HIS A 105 38.39 3.74 -8.90
N HIS A 106 39.47 4.45 -8.72
CA HIS A 106 40.00 5.33 -9.82
C HIS A 106 38.91 6.30 -10.28
N SER A 1 -0.40 -4.24 -13.72
CA SER A 1 0.28 -3.73 -12.50
C SER A 1 1.30 -2.66 -12.92
N ASP A 2 1.03 -1.99 -14.01
CA ASP A 2 1.95 -0.94 -14.51
C ASP A 2 1.98 0.24 -13.54
N LEU A 3 3.05 1.00 -13.56
CA LEU A 3 3.17 2.15 -12.63
C LEU A 3 2.27 3.30 -13.11
N VAL A 4 1.40 3.77 -12.25
CA VAL A 4 0.50 4.89 -12.64
C VAL A 4 0.33 5.85 -11.46
N LYS A 5 -0.23 7.00 -11.73
CA LYS A 5 -0.43 8.01 -10.65
C LYS A 5 -1.65 7.65 -9.80
N ILE A 6 -1.68 8.15 -8.59
CA ILE A 6 -2.81 7.85 -7.67
C ILE A 6 -4.11 8.43 -8.24
N ARG A 7 -4.06 9.62 -8.75
CA ARG A 7 -5.29 10.26 -9.32
C ARG A 7 -5.76 9.46 -10.54
N ASP A 8 -4.89 8.68 -11.13
CA ASP A 8 -5.28 7.88 -12.33
C ASP A 8 -5.90 6.56 -11.87
N VAL A 9 -5.96 6.34 -10.58
CA VAL A 9 -6.52 5.07 -10.06
C VAL A 9 -8.03 5.01 -10.35
N SER A 10 -8.48 3.89 -10.86
CA SER A 10 -9.93 3.74 -11.16
C SER A 10 -10.29 2.25 -11.18
N LEU A 11 -11.56 1.96 -11.19
CA LEU A 11 -12.02 0.54 -11.21
C LEU A 11 -11.52 -0.13 -12.49
N SER A 12 -11.51 0.58 -13.57
CA SER A 12 -11.04 0.00 -14.86
C SER A 12 -9.62 -0.56 -14.68
N THR A 13 -8.91 -0.09 -13.68
CA THR A 13 -7.52 -0.57 -13.44
C THR A 13 -7.48 -1.33 -12.11
N PRO A 14 -7.91 -2.57 -12.10
CA PRO A 14 -7.94 -3.41 -10.87
C PRO A 14 -6.54 -3.79 -10.39
N TYR A 15 -5.57 -3.73 -11.28
CA TYR A 15 -4.16 -4.08 -10.90
C TYR A 15 -3.22 -2.94 -11.29
N VAL A 16 -2.75 -2.20 -10.33
CA VAL A 16 -1.83 -1.06 -10.63
C VAL A 16 -0.71 -1.00 -9.58
N SER A 17 0.34 -0.30 -9.89
CA SER A 17 1.48 -0.17 -8.93
C SER A 17 1.66 1.30 -8.56
N VAL A 18 1.87 1.60 -7.30
CA VAL A 18 2.04 3.01 -6.85
C VAL A 18 3.24 3.12 -5.92
N ILE A 19 3.73 4.32 -5.74
CA ILE A 19 4.90 4.53 -4.85
C ILE A 19 4.67 5.77 -3.98
N GLY A 20 5.09 5.73 -2.74
CA GLY A 20 4.89 6.91 -1.87
C GLY A 20 5.17 6.54 -0.42
N LYS A 21 4.79 7.40 0.50
CA LYS A 21 5.03 7.12 1.95
C LYS A 21 3.70 6.85 2.64
N ILE A 22 3.65 5.81 3.44
CA ILE A 22 2.38 5.46 4.14
C ILE A 22 2.46 5.91 5.60
N THR A 23 1.43 6.56 6.08
CA THR A 23 1.42 7.03 7.49
C THR A 23 0.01 6.86 8.08
N GLY A 24 -0.08 6.81 9.38
CA GLY A 24 -1.41 6.65 10.04
C GLY A 24 -1.79 5.16 10.07
N ILE A 25 -0.93 4.34 10.57
CA ILE A 25 -1.23 2.87 10.62
C ILE A 25 -2.19 2.59 11.78
N HIS A 26 -3.29 1.96 11.48
CA HIS A 26 -4.29 1.61 12.53
C HIS A 26 -4.59 0.12 12.46
N LYS A 27 -4.41 -0.58 13.55
CA LYS A 27 -4.66 -2.05 13.58
C LYS A 27 -6.15 -2.32 13.79
N LYS A 28 -6.73 -3.12 12.94
CA LYS A 28 -8.18 -3.46 13.08
C LYS A 28 -8.38 -4.93 12.73
N GLU A 29 -9.47 -5.50 13.17
CA GLU A 29 -9.77 -6.95 12.88
C GLU A 29 -11.04 -7.05 12.05
N TYR A 30 -11.04 -7.95 11.09
CA TYR A 30 -12.25 -8.12 10.23
C TYR A 30 -12.53 -9.60 10.02
N GLU A 31 -13.74 -9.94 9.66
CA GLU A 31 -14.11 -11.37 9.45
C GLU A 31 -13.87 -11.77 7.99
N SER A 32 -12.77 -12.45 7.74
CA SER A 32 -12.45 -12.89 6.36
C SER A 32 -13.19 -14.18 6.03
N ASP A 33 -12.62 -14.98 5.16
CA ASP A 33 -13.27 -16.26 4.77
C ASP A 33 -13.56 -17.12 6.01
N GLY A 34 -14.59 -16.76 6.73
CA GLY A 34 -14.95 -17.53 7.96
C GLY A 34 -13.77 -17.52 8.93
N THR A 35 -12.90 -16.54 8.82
CA THR A 35 -11.73 -16.48 9.72
C THR A 35 -11.37 -15.03 10.01
N THR A 36 -11.14 -14.70 11.26
CA THR A 36 -10.80 -13.30 11.61
C THR A 36 -9.32 -13.04 11.31
N LYS A 37 -9.02 -11.97 10.63
CA LYS A 37 -7.59 -11.65 10.29
C LYS A 37 -7.30 -10.18 10.59
N SER A 38 -6.09 -9.88 10.96
CA SER A 38 -5.71 -8.48 11.28
C SER A 38 -5.49 -7.68 10.00
N VAL A 39 -5.84 -6.41 10.01
CA VAL A 39 -5.65 -5.55 8.81
C VAL A 39 -5.17 -4.17 9.25
N TYR A 40 -4.22 -3.60 8.54
CA TYR A 40 -3.71 -2.25 8.89
C TYR A 40 -4.22 -1.23 7.88
N GLN A 41 -4.74 -0.12 8.36
CA GLN A 41 -5.27 0.93 7.43
C GLN A 41 -4.48 2.23 7.62
N GLY A 42 -4.42 3.04 6.61
CA GLY A 42 -3.67 4.32 6.73
C GLY A 42 -3.84 5.15 5.45
N TYR A 43 -2.91 6.03 5.20
CA TYR A 43 -3.00 6.90 3.99
C TYR A 43 -1.63 6.97 3.31
N ILE A 44 -1.61 7.08 2.01
CA ILE A 44 -0.32 7.16 1.27
C ILE A 44 -0.31 8.45 0.46
N GLU A 45 0.83 9.10 0.36
CA GLU A 45 0.91 10.37 -0.42
C GLU A 45 2.12 10.36 -1.34
N ASP A 46 2.05 11.08 -2.43
CA ASP A 46 3.19 11.13 -3.39
C ASP A 46 3.24 12.51 -4.06
N ASP A 47 3.84 12.59 -5.21
CA ASP A 47 3.94 13.89 -5.94
C ASP A 47 2.63 14.18 -6.67
N THR A 48 1.72 13.23 -6.68
CA THR A 48 0.42 13.45 -7.38
C THR A 48 -0.66 13.79 -6.36
N ALA A 49 -1.04 12.84 -5.53
CA ALA A 49 -2.09 13.12 -4.51
C ALA A 49 -2.00 12.09 -3.39
N ARG A 50 -3.12 11.76 -2.78
CA ARG A 50 -3.10 10.76 -1.67
C ARG A 50 -4.36 9.89 -1.70
N ILE A 51 -4.28 8.69 -1.20
CA ILE A 51 -5.47 7.80 -1.18
C ILE A 51 -5.39 6.82 0.00
N ARG A 52 -6.53 6.45 0.55
CA ARG A 52 -6.55 5.51 1.71
C ARG A 52 -6.23 4.09 1.23
N ILE A 53 -5.43 3.37 1.98
CA ILE A 53 -5.07 1.98 1.57
C ILE A 53 -5.20 1.05 2.78
N SER A 54 -5.23 -0.24 2.54
CA SER A 54 -5.34 -1.22 3.64
C SER A 54 -4.47 -2.44 3.34
N SER A 55 -3.81 -2.97 4.34
CA SER A 55 -2.94 -4.17 4.13
C SER A 55 -3.50 -5.35 4.91
N PHE A 56 -3.64 -6.48 4.26
CA PHE A 56 -4.20 -7.68 4.94
C PHE A 56 -3.09 -8.62 5.41
N GLY A 57 -3.02 -8.84 6.69
CA GLY A 57 -1.98 -9.77 7.24
C GLY A 57 -0.62 -9.09 7.24
N LYS A 58 -0.25 -8.47 6.16
CA LYS A 58 1.09 -7.81 6.08
C LYS A 58 1.10 -6.53 6.91
N GLN A 59 2.14 -6.34 7.68
CA GLN A 59 2.24 -5.11 8.52
C GLN A 59 2.98 -4.01 7.76
N LEU A 60 2.70 -2.77 8.09
CA LEU A 60 3.37 -1.62 7.41
C LEU A 60 3.86 -0.63 8.45
N GLN A 61 4.83 0.18 8.09
CA GLN A 61 5.39 1.18 9.05
C GLN A 61 4.85 2.58 8.72
N ASP A 62 4.86 3.44 9.70
CA ASP A 62 4.35 4.82 9.52
C ASP A 62 5.35 5.69 8.75
N SER A 63 4.84 6.65 8.01
CA SER A 63 5.71 7.57 7.22
C SER A 63 6.86 6.79 6.59
N ASP A 64 6.62 5.58 6.18
CA ASP A 64 7.71 4.76 5.56
C ASP A 64 7.61 4.81 4.03
N VAL A 65 8.70 5.10 3.38
CA VAL A 65 8.69 5.16 1.89
C VAL A 65 8.75 3.74 1.33
N VAL A 66 7.70 3.31 0.69
CA VAL A 66 7.67 1.93 0.12
C VAL A 66 6.98 1.94 -1.24
N ARG A 67 7.16 0.88 -2.00
CA ARG A 67 6.53 0.78 -3.34
C ARG A 67 5.58 -0.43 -3.35
N ILE A 68 4.37 -0.23 -3.79
CA ILE A 68 3.38 -1.35 -3.84
C ILE A 68 3.20 -1.81 -5.28
N ASP A 69 3.40 -3.08 -5.52
CA ASP A 69 3.25 -3.63 -6.90
C ASP A 69 2.08 -4.62 -6.94
N ASN A 70 1.34 -4.62 -8.02
CA ASN A 70 0.17 -5.53 -8.16
C ASN A 70 -0.87 -5.17 -7.10
N ALA A 71 -1.07 -3.90 -6.87
CA ALA A 71 -2.08 -3.46 -5.86
C ALA A 71 -3.50 -3.71 -6.40
N ARG A 72 -4.41 -4.02 -5.51
CA ARG A 72 -5.82 -4.29 -5.94
C ARG A 72 -6.68 -3.07 -5.63
N VAL A 73 -7.30 -2.51 -6.64
CA VAL A 73 -8.15 -1.31 -6.44
C VAL A 73 -9.55 -1.72 -6.02
N ALA A 74 -10.09 -1.05 -5.02
CA ALA A 74 -11.46 -1.38 -4.53
C ALA A 74 -12.19 -0.08 -4.18
N GLN A 75 -13.50 -0.08 -4.25
CA GLN A 75 -14.28 1.15 -3.91
C GLN A 75 -15.13 0.89 -2.67
N PHE A 76 -14.84 1.58 -1.59
CA PHE A 76 -15.60 1.40 -0.31
C PHE A 76 -16.40 2.68 0.01
N ASN A 77 -17.68 2.52 0.22
CA ASN A 77 -18.56 3.68 0.54
C ASN A 77 -18.45 4.77 -0.54
N GLY A 78 -18.13 4.38 -1.74
CA GLY A 78 -18.03 5.39 -2.84
C GLY A 78 -16.64 6.02 -2.85
N TYR A 79 -15.75 5.54 -2.01
CA TYR A 79 -14.37 6.10 -1.97
C TYR A 79 -13.37 5.05 -2.47
N LEU A 80 -12.51 5.45 -3.36
CA LEU A 80 -11.51 4.49 -3.92
C LEU A 80 -10.40 4.24 -2.92
N SER A 81 -9.89 3.04 -2.88
CA SER A 81 -8.80 2.70 -1.94
C SER A 81 -7.98 1.55 -2.52
N LEU A 82 -6.76 1.39 -2.06
CA LEU A 82 -5.89 0.29 -2.58
C LEU A 82 -5.77 -0.82 -1.53
N SER A 83 -5.96 -2.04 -1.95
CA SER A 83 -5.88 -3.20 -1.01
C SER A 83 -4.62 -4.01 -1.31
N VAL A 84 -3.79 -4.22 -0.33
CA VAL A 84 -2.53 -5.00 -0.54
C VAL A 84 -2.73 -6.42 0.01
N GLY A 85 -2.98 -7.36 -0.85
CA GLY A 85 -3.20 -8.76 -0.41
C GLY A 85 -1.87 -9.50 -0.27
N ASP A 86 -1.93 -10.73 0.18
CA ASP A 86 -0.68 -11.54 0.34
C ASP A 86 -0.06 -11.81 -1.03
N SER A 87 -0.87 -11.88 -2.06
CA SER A 87 -0.33 -12.15 -3.43
C SER A 87 0.36 -10.89 -3.96
N SER A 88 0.23 -9.80 -3.26
CA SER A 88 0.87 -8.55 -3.73
C SER A 88 2.35 -8.53 -3.36
N ARG A 89 3.11 -7.60 -3.91
CA ARG A 89 4.57 -7.51 -3.60
C ARG A 89 4.90 -6.10 -3.11
N ILE A 90 5.72 -5.99 -2.10
CA ILE A 90 6.09 -4.66 -1.55
C ILE A 90 7.61 -4.51 -1.54
N GLU A 91 8.11 -3.42 -2.07
CA GLU A 91 9.60 -3.19 -2.10
C GLU A 91 9.91 -1.92 -1.31
N SER A 92 10.59 -2.07 -0.20
CA SER A 92 10.94 -0.89 0.64
C SER A 92 12.07 -0.09 0.00
N VAL A 93 12.09 1.20 0.23
CA VAL A 93 13.17 2.05 -0.35
C VAL A 93 14.42 2.02 0.54
N ASN A 94 15.56 1.83 -0.07
CA ASN A 94 16.83 1.76 0.71
C ASN A 94 17.19 3.14 1.28
N VAL A 95 17.74 3.17 2.46
CA VAL A 95 18.11 4.45 3.11
C VAL A 95 19.25 5.13 2.34
N ASN A 96 19.25 6.43 2.33
CA ASN A 96 20.31 7.19 1.59
C ASN A 96 21.71 6.79 2.07
N ILE A 97 22.67 6.91 1.20
CA ILE A 97 24.07 6.55 1.56
C ILE A 97 24.13 5.09 2.03
N PRO A 98 23.97 4.16 1.13
CA PRO A 98 24.02 2.70 1.45
C PRO A 98 25.37 2.26 2.00
N LEU A 99 25.38 1.28 2.86
CA LEU A 99 26.66 0.80 3.46
C LEU A 99 27.29 -0.25 2.53
N GLU A 100 28.40 0.09 1.92
CA GLU A 100 29.08 -0.86 1.00
C GLU A 100 30.22 -1.57 1.73
N HIS A 101 30.48 -2.79 1.36
CA HIS A 101 31.57 -3.57 2.01
C HIS A 101 31.42 -3.52 3.53
N HIS A 102 30.23 -3.74 4.00
CA HIS A 102 29.99 -3.73 5.48
C HIS A 102 30.79 -4.87 6.12
N HIS A 103 30.77 -6.02 5.52
CA HIS A 103 31.54 -7.17 6.09
C HIS A 103 31.79 -8.21 5.01
N HIS A 104 32.99 -8.24 4.47
CA HIS A 104 33.31 -9.24 3.40
C HIS A 104 33.28 -10.65 3.99
N HIS A 105 33.84 -10.84 5.16
CA HIS A 105 33.84 -12.20 5.77
C HIS A 105 33.88 -12.09 7.31
N HIS A 106 33.53 -13.16 7.98
CA HIS A 106 33.54 -13.14 9.47
C HIS A 106 33.71 -14.58 9.98
N SER A 1 0.58 -4.02 -11.07
CA SER A 1 0.80 -4.11 -12.54
C SER A 1 1.59 -2.89 -13.02
N ASP A 2 1.07 -2.19 -13.99
CA ASP A 2 1.77 -0.99 -14.54
C ASP A 2 1.74 0.15 -13.53
N LEU A 3 2.78 0.95 -13.53
CA LEU A 3 2.87 2.09 -12.59
C LEU A 3 1.97 3.22 -13.05
N VAL A 4 1.15 3.72 -12.16
CA VAL A 4 0.22 4.83 -12.51
C VAL A 4 0.13 5.86 -11.38
N LYS A 5 -0.38 7.02 -11.69
CA LYS A 5 -0.53 8.10 -10.69
C LYS A 5 -1.65 7.77 -9.72
N ILE A 6 -1.51 8.24 -8.50
CA ILE A 6 -2.54 7.97 -7.46
C ILE A 6 -3.86 8.62 -7.88
N ARG A 7 -3.80 9.82 -8.38
CA ARG A 7 -5.03 10.54 -8.79
C ARG A 7 -5.62 9.88 -10.04
N ASP A 8 -4.85 9.09 -10.73
CA ASP A 8 -5.35 8.40 -11.95
C ASP A 8 -5.90 7.03 -11.58
N VAL A 9 -5.98 6.73 -10.30
CA VAL A 9 -6.50 5.41 -9.86
C VAL A 9 -7.99 5.30 -10.19
N SER A 10 -8.37 4.19 -10.77
CA SER A 10 -9.80 3.98 -11.15
C SER A 10 -10.13 2.50 -11.16
N LEU A 11 -11.39 2.18 -11.22
CA LEU A 11 -11.84 0.76 -11.22
C LEU A 11 -11.53 0.15 -12.58
N SER A 12 -11.13 0.95 -13.53
CA SER A 12 -10.81 0.43 -14.90
C SER A 12 -9.47 -0.31 -14.83
N THR A 13 -8.72 -0.10 -13.78
CA THR A 13 -7.39 -0.78 -13.63
C THR A 13 -7.40 -1.62 -12.34
N PRO A 14 -7.91 -2.82 -12.42
CA PRO A 14 -7.99 -3.74 -11.23
C PRO A 14 -6.63 -3.91 -10.58
N TYR A 15 -5.59 -4.04 -11.36
CA TYR A 15 -4.21 -4.22 -10.80
C TYR A 15 -3.33 -3.05 -11.21
N VAL A 16 -2.64 -2.49 -10.25
CA VAL A 16 -1.72 -1.33 -10.53
C VAL A 16 -0.54 -1.34 -9.58
N SER A 17 0.36 -0.41 -9.79
CA SER A 17 1.57 -0.30 -8.92
C SER A 17 1.78 1.17 -8.57
N VAL A 18 2.10 1.44 -7.33
CA VAL A 18 2.32 2.85 -6.90
C VAL A 18 3.50 2.93 -5.94
N ILE A 19 4.00 4.12 -5.75
CA ILE A 19 5.16 4.33 -4.83
C ILE A 19 4.94 5.59 -3.99
N GLY A 20 5.20 5.50 -2.73
CA GLY A 20 5.02 6.68 -1.83
C GLY A 20 5.29 6.30 -0.38
N LYS A 21 4.93 7.18 0.52
CA LYS A 21 5.15 6.93 1.97
C LYS A 21 3.80 6.74 2.66
N ILE A 22 3.72 5.76 3.52
CA ILE A 22 2.45 5.46 4.24
C ILE A 22 2.47 6.12 5.61
N THR A 23 1.41 6.78 5.95
CA THR A 23 1.31 7.47 7.27
C THR A 23 -0.06 7.21 7.91
N GLY A 24 -0.14 7.39 9.20
CA GLY A 24 -1.42 7.17 9.92
C GLY A 24 -1.41 5.79 10.60
N ILE A 25 -1.46 4.75 9.81
CA ILE A 25 -1.46 3.36 10.35
C ILE A 25 -2.65 3.15 11.28
N HIS A 26 -3.40 2.10 11.03
CA HIS A 26 -4.57 1.79 11.89
C HIS A 26 -4.80 0.28 11.91
N LYS A 27 -5.11 -0.25 13.06
CA LYS A 27 -5.33 -1.72 13.20
C LYS A 27 -6.81 -2.02 13.35
N LYS A 28 -7.29 -2.93 12.54
CA LYS A 28 -8.73 -3.33 12.58
C LYS A 28 -8.87 -4.83 12.39
N GLU A 29 -9.97 -5.36 12.83
CA GLU A 29 -10.21 -6.84 12.72
C GLU A 29 -11.37 -7.11 11.78
N TYR A 30 -11.28 -8.15 11.01
CA TYR A 30 -12.36 -8.51 10.05
C TYR A 30 -12.48 -10.03 9.97
N GLU A 31 -13.59 -10.50 9.48
CA GLU A 31 -13.83 -11.97 9.38
C GLU A 31 -13.43 -12.49 8.00
N SER A 32 -12.33 -13.18 7.95
CA SER A 32 -11.84 -13.75 6.66
C SER A 32 -12.46 -15.12 6.44
N ASP A 33 -11.87 -15.90 5.57
CA ASP A 33 -12.41 -17.27 5.27
C ASP A 33 -12.61 -18.06 6.55
N GLY A 34 -13.70 -17.80 7.23
CA GLY A 34 -14.01 -18.51 8.50
C GLY A 34 -12.90 -18.25 9.51
N THR A 35 -12.02 -17.34 9.21
CA THR A 35 -10.89 -17.03 10.14
C THR A 35 -10.77 -15.53 10.36
N THR A 36 -10.66 -15.14 11.61
CA THR A 36 -10.52 -13.70 11.95
C THR A 36 -9.08 -13.27 11.73
N LYS A 37 -8.89 -12.22 10.99
CA LYS A 37 -7.50 -11.72 10.71
C LYS A 37 -7.44 -10.20 10.85
N SER A 38 -6.32 -9.70 11.27
CA SER A 38 -6.15 -8.24 11.46
C SER A 38 -5.83 -7.58 10.13
N VAL A 39 -6.24 -6.35 9.98
CA VAL A 39 -5.98 -5.60 8.71
C VAL A 39 -5.39 -4.23 9.05
N TYR A 40 -4.35 -3.87 8.35
CA TYR A 40 -3.69 -2.55 8.57
C TYR A 40 -4.19 -1.56 7.54
N GLN A 41 -4.54 -0.38 7.98
CA GLN A 41 -5.05 0.67 7.05
C GLN A 41 -4.33 1.97 7.30
N GLY A 42 -4.20 2.77 6.27
CA GLY A 42 -3.50 4.08 6.41
C GLY A 42 -3.64 4.89 5.13
N TYR A 43 -2.89 5.96 5.06
CA TYR A 43 -2.93 6.85 3.86
C TYR A 43 -1.54 6.95 3.24
N ILE A 44 -1.48 6.94 1.93
CA ILE A 44 -0.17 7.04 1.21
C ILE A 44 -0.11 8.35 0.47
N GLU A 45 1.01 9.02 0.53
CA GLU A 45 1.17 10.34 -0.15
C GLU A 45 2.32 10.30 -1.14
N ASP A 46 2.21 11.08 -2.19
CA ASP A 46 3.26 11.12 -3.24
C ASP A 46 3.31 12.53 -3.85
N ASP A 47 3.95 12.65 -4.98
CA ASP A 47 4.07 13.98 -5.66
C ASP A 47 2.69 14.46 -6.10
N THR A 48 1.87 13.56 -6.56
CA THR A 48 0.51 13.94 -7.02
C THR A 48 -0.38 14.25 -5.83
N ALA A 49 -0.98 13.25 -5.26
CA ALA A 49 -1.88 13.47 -4.08
C ALA A 49 -1.72 12.33 -3.09
N ARG A 50 -2.82 11.93 -2.48
CA ARG A 50 -2.77 10.81 -1.49
C ARG A 50 -4.09 10.05 -1.51
N ILE A 51 -4.06 8.84 -1.05
CA ILE A 51 -5.29 8.00 -1.03
C ILE A 51 -5.23 6.97 0.09
N ARG A 52 -6.38 6.48 0.47
CA ARG A 52 -6.46 5.47 1.57
C ARG A 52 -6.01 4.11 1.05
N ILE A 53 -5.34 3.37 1.89
CA ILE A 53 -4.84 2.02 1.49
C ILE A 53 -5.16 0.99 2.57
N SER A 54 -5.12 -0.26 2.22
CA SER A 54 -5.40 -1.34 3.20
C SER A 54 -4.54 -2.56 2.92
N SER A 55 -4.02 -3.16 3.95
CA SER A 55 -3.16 -4.37 3.78
C SER A 55 -3.57 -5.43 4.79
N PHE A 56 -3.68 -6.65 4.34
CA PHE A 56 -4.10 -7.78 5.23
C PHE A 56 -2.87 -8.49 5.81
N GLY A 57 -2.83 -8.58 7.12
CA GLY A 57 -1.70 -9.27 7.80
C GLY A 57 -0.42 -8.45 7.68
N LYS A 58 -0.20 -7.85 6.54
CA LYS A 58 1.04 -7.06 6.34
C LYS A 58 1.01 -5.81 7.22
N GLN A 59 2.10 -5.55 7.88
CA GLN A 59 2.19 -4.36 8.79
C GLN A 59 2.87 -3.20 8.07
N LEU A 60 2.49 -2.01 8.41
CA LEU A 60 3.08 -0.80 7.79
C LEU A 60 3.51 0.18 8.88
N GLN A 61 4.49 0.99 8.58
CA GLN A 61 5.01 1.98 9.57
C GLN A 61 4.76 3.40 9.07
N ASP A 62 4.75 4.33 9.98
CA ASP A 62 4.51 5.75 9.63
C ASP A 62 5.60 6.28 8.70
N SER A 63 5.19 7.04 7.71
CA SER A 63 6.13 7.63 6.72
C SER A 63 7.03 6.55 6.12
N ASP A 64 6.53 5.35 6.01
CA ASP A 64 7.36 4.24 5.42
C ASP A 64 7.37 4.35 3.90
N VAL A 65 8.54 4.66 3.36
CA VAL A 65 8.68 4.79 1.88
C VAL A 65 8.84 3.41 1.27
N VAL A 66 7.81 2.93 0.63
CA VAL A 66 7.87 1.58 -0.02
C VAL A 66 7.14 1.62 -1.36
N ARG A 67 7.36 0.62 -2.16
CA ARG A 67 6.70 0.53 -3.50
C ARG A 67 5.77 -0.68 -3.53
N ILE A 68 4.53 -0.46 -3.91
CA ILE A 68 3.53 -1.56 -3.97
C ILE A 68 3.22 -1.89 -5.43
N ASP A 69 3.27 -3.16 -5.76
CA ASP A 69 2.97 -3.62 -7.16
C ASP A 69 1.87 -4.68 -7.14
N ASN A 70 1.02 -4.63 -8.12
CA ASN A 70 -0.11 -5.61 -8.25
C ASN A 70 -1.16 -5.33 -7.18
N ALA A 71 -1.36 -4.08 -6.86
CA ALA A 71 -2.38 -3.71 -5.83
C ALA A 71 -3.78 -3.83 -6.41
N ARG A 72 -4.71 -4.29 -5.61
CA ARG A 72 -6.12 -4.46 -6.06
C ARG A 72 -6.94 -3.24 -5.67
N VAL A 73 -7.62 -2.68 -6.62
CA VAL A 73 -8.45 -1.47 -6.35
C VAL A 73 -9.78 -1.86 -5.72
N ALA A 74 -10.15 -1.18 -4.67
CA ALA A 74 -11.43 -1.48 -3.96
C ALA A 74 -12.34 -0.26 -4.03
N GLN A 75 -13.62 -0.50 -4.10
CA GLN A 75 -14.61 0.61 -4.17
C GLN A 75 -15.38 0.70 -2.85
N PHE A 76 -14.96 1.57 -1.99
CA PHE A 76 -15.63 1.75 -0.67
C PHE A 76 -16.86 2.64 -0.80
N ASN A 77 -17.51 2.90 0.31
CA ASN A 77 -18.73 3.74 0.32
C ASN A 77 -18.48 5.07 -0.39
N GLY A 78 -18.42 5.04 -1.69
CA GLY A 78 -18.20 6.27 -2.50
C GLY A 78 -16.74 6.72 -2.40
N TYR A 79 -15.88 5.85 -1.94
CA TYR A 79 -14.42 6.20 -1.82
C TYR A 79 -13.56 5.13 -2.46
N LEU A 80 -12.47 5.54 -3.06
CA LEU A 80 -11.54 4.57 -3.72
C LEU A 80 -10.31 4.35 -2.86
N SER A 81 -9.86 3.13 -2.79
CA SER A 81 -8.65 2.79 -1.98
C SER A 81 -7.96 1.57 -2.57
N LEU A 82 -6.72 1.36 -2.18
CA LEU A 82 -5.94 0.20 -2.71
C LEU A 82 -5.82 -0.89 -1.65
N SER A 83 -6.11 -2.10 -2.03
CA SER A 83 -6.04 -3.26 -1.08
C SER A 83 -4.82 -4.12 -1.43
N VAL A 84 -3.96 -4.32 -0.47
CA VAL A 84 -2.75 -5.16 -0.68
C VAL A 84 -2.98 -6.56 -0.10
N GLY A 85 -3.05 -7.53 -0.96
CA GLY A 85 -3.28 -8.94 -0.52
C GLY A 85 -1.96 -9.71 -0.43
N ASP A 86 -2.05 -10.95 -0.07
CA ASP A 86 -0.83 -11.81 0.06
C ASP A 86 -0.19 -12.01 -1.32
N SER A 87 -0.99 -11.98 -2.35
CA SER A 87 -0.44 -12.19 -3.73
C SER A 87 0.22 -10.90 -4.21
N SER A 88 0.12 -9.85 -3.43
CA SER A 88 0.73 -8.55 -3.83
C SER A 88 2.23 -8.56 -3.50
N ARG A 89 2.94 -7.59 -4.02
CA ARG A 89 4.41 -7.51 -3.77
C ARG A 89 4.78 -6.16 -3.18
N ILE A 90 5.64 -6.15 -2.20
CA ILE A 90 6.07 -4.88 -1.54
C ILE A 90 7.59 -4.78 -1.53
N GLU A 91 8.09 -3.65 -1.96
CA GLU A 91 9.57 -3.41 -1.97
C GLU A 91 9.89 -2.14 -1.18
N SER A 92 10.77 -2.27 -0.22
CA SER A 92 11.16 -1.10 0.62
C SER A 92 12.10 -0.18 -0.16
N VAL A 93 12.10 1.09 0.18
CA VAL A 93 12.98 2.08 -0.50
C VAL A 93 13.47 3.09 0.53
N ASN A 94 14.67 2.90 1.02
CA ASN A 94 15.26 3.84 2.02
C ASN A 94 15.96 4.98 1.29
N VAL A 95 15.37 6.14 1.31
CA VAL A 95 15.98 7.32 0.64
C VAL A 95 16.81 8.11 1.64
N ASN A 96 16.18 8.99 2.37
CA ASN A 96 16.90 9.81 3.38
C ASN A 96 18.23 10.30 2.79
N ILE A 97 18.18 10.79 1.58
CA ILE A 97 19.41 11.31 0.91
C ILE A 97 20.51 10.24 0.93
N PRO A 98 20.38 9.21 0.12
CA PRO A 98 21.37 8.11 0.06
C PRO A 98 22.65 8.48 -0.67
N LEU A 99 23.77 7.98 -0.20
CA LEU A 99 25.08 8.28 -0.84
C LEU A 99 26.14 7.33 -0.28
N GLU A 100 25.71 6.27 0.35
CA GLU A 100 26.66 5.28 0.93
C GLU A 100 25.93 3.97 1.26
N HIS A 101 26.42 2.88 0.74
CA HIS A 101 25.79 1.54 0.98
C HIS A 101 24.30 1.60 0.63
N HIS A 102 23.97 2.33 -0.40
CA HIS A 102 22.55 2.45 -0.82
C HIS A 102 22.05 1.09 -1.32
N HIS A 103 22.87 0.40 -2.07
CA HIS A 103 22.47 -0.92 -2.62
C HIS A 103 22.62 -1.99 -1.54
N HIS A 104 21.69 -2.91 -1.50
CA HIS A 104 21.74 -4.02 -0.49
C HIS A 104 21.42 -5.34 -1.19
N HIS A 105 21.39 -5.33 -2.50
CA HIS A 105 21.09 -6.59 -3.27
C HIS A 105 22.23 -7.60 -3.08
N HIS A 106 23.44 -7.12 -3.16
CA HIS A 106 24.64 -8.02 -3.01
C HIS A 106 24.40 -9.37 -3.68
N SER A 1 0.24 -3.66 -10.96
CA SER A 1 0.70 -3.99 -12.34
C SER A 1 1.54 -2.83 -12.90
N ASP A 2 0.98 -2.09 -13.82
CA ASP A 2 1.73 -0.94 -14.41
C ASP A 2 1.81 0.22 -13.44
N LEU A 3 2.84 1.02 -13.55
CA LEU A 3 2.99 2.18 -12.63
C LEU A 3 2.06 3.32 -13.06
N VAL A 4 1.21 3.75 -12.17
CA VAL A 4 0.26 4.86 -12.54
C VAL A 4 0.11 5.82 -11.35
N LYS A 5 -0.42 6.98 -11.61
CA LYS A 5 -0.61 7.99 -10.52
C LYS A 5 -1.80 7.61 -9.63
N ILE A 6 -1.81 8.11 -8.43
CA ILE A 6 -2.93 7.81 -7.49
C ILE A 6 -4.23 8.40 -8.06
N ARG A 7 -4.17 9.60 -8.57
CA ARG A 7 -5.39 10.24 -9.14
C ARG A 7 -5.88 9.44 -10.35
N ASP A 8 -5.00 8.72 -10.98
CA ASP A 8 -5.40 7.91 -12.17
C ASP A 8 -6.01 6.57 -11.70
N VAL A 9 -6.07 6.36 -10.42
CA VAL A 9 -6.64 5.07 -9.91
C VAL A 9 -8.13 5.00 -10.18
N SER A 10 -8.57 3.88 -10.71
CA SER A 10 -10.02 3.71 -11.01
C SER A 10 -10.34 2.22 -11.11
N LEU A 11 -11.60 1.89 -11.12
CA LEU A 11 -11.99 0.45 -11.23
C LEU A 11 -11.55 -0.09 -12.60
N SER A 12 -11.32 0.80 -13.53
CA SER A 12 -10.88 0.36 -14.88
C SER A 12 -9.52 -0.33 -14.77
N THR A 13 -8.83 -0.13 -13.68
CA THR A 13 -7.48 -0.76 -13.49
C THR A 13 -7.48 -1.58 -12.19
N PRO A 14 -8.00 -2.78 -12.24
CA PRO A 14 -8.06 -3.69 -11.05
C PRO A 14 -6.70 -3.84 -10.36
N TYR A 15 -5.65 -3.97 -11.14
CA TYR A 15 -4.29 -4.14 -10.54
C TYR A 15 -3.38 -2.99 -10.98
N VAL A 16 -2.75 -2.33 -10.04
CA VAL A 16 -1.84 -1.20 -10.40
C VAL A 16 -0.68 -1.12 -9.42
N SER A 17 0.38 -0.45 -9.81
CA SER A 17 1.57 -0.30 -8.92
C SER A 17 1.72 1.18 -8.56
N VAL A 18 1.95 1.48 -7.30
CA VAL A 18 2.10 2.90 -6.88
C VAL A 18 3.26 3.04 -5.89
N ILE A 19 3.74 4.25 -5.70
CA ILE A 19 4.87 4.47 -4.75
C ILE A 19 4.62 5.77 -3.98
N GLY A 20 4.89 5.77 -2.71
CA GLY A 20 4.68 7.01 -1.91
C GLY A 20 5.07 6.75 -0.45
N LYS A 21 4.62 7.61 0.44
CA LYS A 21 4.96 7.44 1.88
C LYS A 21 3.69 7.08 2.66
N ILE A 22 3.78 6.02 3.44
CA ILE A 22 2.59 5.58 4.23
C ILE A 22 2.65 6.17 5.63
N THR A 23 1.60 6.85 6.03
CA THR A 23 1.54 7.47 7.38
C THR A 23 0.22 7.14 8.06
N GLY A 24 0.18 7.25 9.37
CA GLY A 24 -1.08 6.96 10.13
C GLY A 24 -1.39 5.46 10.07
N ILE A 25 -0.76 4.69 10.91
CA ILE A 25 -1.02 3.21 10.91
C ILE A 25 -2.13 2.86 11.90
N HIS A 26 -3.11 2.12 11.46
CA HIS A 26 -4.23 1.72 12.36
C HIS A 26 -4.50 0.23 12.20
N LYS A 27 -4.75 -0.45 13.27
CA LYS A 27 -5.01 -1.92 13.21
C LYS A 27 -6.52 -2.18 13.36
N LYS A 28 -7.03 -3.07 12.55
CA LYS A 28 -8.48 -3.40 12.63
C LYS A 28 -8.68 -4.89 12.34
N GLU A 29 -9.80 -5.43 12.74
CA GLU A 29 -10.08 -6.89 12.50
C GLU A 29 -11.36 -7.04 11.70
N TYR A 30 -11.42 -8.02 10.82
CA TYR A 30 -12.64 -8.23 10.00
C TYR A 30 -12.87 -9.73 9.82
N GLU A 31 -14.07 -10.10 9.47
CA GLU A 31 -14.39 -11.56 9.29
C GLU A 31 -14.22 -11.94 7.82
N SER A 32 -13.29 -12.82 7.54
CA SER A 32 -13.04 -13.27 6.14
C SER A 32 -13.51 -14.73 5.98
N ASP A 33 -14.57 -14.91 5.26
CA ASP A 33 -15.13 -16.29 5.04
C ASP A 33 -15.36 -16.99 6.37
N GLY A 34 -15.73 -16.26 7.39
CA GLY A 34 -16.01 -16.87 8.72
C GLY A 34 -14.74 -16.90 9.59
N THR A 35 -13.63 -16.45 9.08
CA THR A 35 -12.37 -16.45 9.89
C THR A 35 -11.90 -15.01 10.15
N THR A 36 -11.71 -14.67 11.39
CA THR A 36 -11.26 -13.29 11.73
C THR A 36 -9.81 -13.09 11.28
N LYS A 37 -9.53 -11.98 10.65
CA LYS A 37 -8.14 -11.69 10.17
C LYS A 37 -7.79 -10.24 10.46
N SER A 38 -6.54 -10.00 10.78
CA SER A 38 -6.09 -8.62 11.10
C SER A 38 -5.77 -7.86 9.80
N VAL A 39 -6.05 -6.59 9.77
CA VAL A 39 -5.75 -5.79 8.56
C VAL A 39 -5.24 -4.41 8.99
N TYR A 40 -4.22 -3.92 8.32
CA TYR A 40 -3.64 -2.60 8.67
C TYR A 40 -4.11 -1.55 7.68
N GLN A 41 -4.51 -0.40 8.17
CA GLN A 41 -5.02 0.69 7.27
C GLN A 41 -4.09 1.89 7.39
N GLY A 42 -4.01 2.68 6.35
CA GLY A 42 -3.13 3.88 6.40
C GLY A 42 -3.41 4.76 5.19
N TYR A 43 -2.59 5.77 4.99
CA TYR A 43 -2.78 6.70 3.84
C TYR A 43 -1.44 6.88 3.12
N ILE A 44 -1.48 6.90 1.80
CA ILE A 44 -0.22 7.05 1.01
C ILE A 44 -0.28 8.38 0.27
N GLU A 45 0.77 9.17 0.37
CA GLU A 45 0.78 10.51 -0.32
C GLU A 45 1.98 10.60 -1.25
N ASP A 46 1.87 11.37 -2.30
CA ASP A 46 3.00 11.51 -3.26
C ASP A 46 2.88 12.85 -4.00
N ASP A 47 3.56 12.98 -5.12
CA ASP A 47 3.51 14.24 -5.90
C ASP A 47 2.17 14.36 -6.63
N THR A 48 1.33 13.36 -6.54
CA THR A 48 -0.01 13.42 -7.23
C THR A 48 -1.09 13.77 -6.22
N ALA A 49 -1.29 12.94 -5.24
CA ALA A 49 -2.35 13.25 -4.22
C ALA A 49 -2.26 12.26 -3.05
N ARG A 50 -3.38 12.00 -2.42
CA ARG A 50 -3.40 11.06 -1.26
C ARG A 50 -4.59 10.09 -1.39
N ILE A 51 -4.41 8.87 -0.95
CA ILE A 51 -5.53 7.89 -1.03
C ILE A 51 -5.42 6.86 0.11
N ARG A 52 -6.54 6.35 0.56
CA ARG A 52 -6.53 5.35 1.67
C ARG A 52 -5.99 4.01 1.18
N ILE A 53 -5.30 3.29 2.03
CA ILE A 53 -4.76 1.95 1.65
C ILE A 53 -5.07 0.93 2.74
N SER A 54 -5.07 -0.34 2.39
CA SER A 54 -5.37 -1.40 3.39
C SER A 54 -4.49 -2.62 3.12
N SER A 55 -3.78 -3.07 4.11
CA SER A 55 -2.89 -4.26 3.93
C SER A 55 -3.41 -5.42 4.78
N PHE A 56 -3.57 -6.56 4.17
CA PHE A 56 -4.10 -7.74 4.92
C PHE A 56 -2.97 -8.62 5.44
N GLY A 57 -2.91 -8.81 6.73
CA GLY A 57 -1.85 -9.68 7.31
C GLY A 57 -0.52 -8.91 7.42
N LYS A 58 -0.12 -8.24 6.36
CA LYS A 58 1.16 -7.50 6.40
C LYS A 58 0.97 -6.13 7.05
N GLN A 59 1.88 -5.78 7.92
CA GLN A 59 1.80 -4.47 8.62
C GLN A 59 2.53 -3.39 7.82
N LEU A 60 2.31 -2.14 8.15
CA LEU A 60 2.99 -1.02 7.43
C LEU A 60 3.74 -0.15 8.43
N GLN A 61 4.72 0.58 7.96
CA GLN A 61 5.53 1.46 8.85
C GLN A 61 5.16 2.93 8.61
N ASP A 62 4.95 3.66 9.68
CA ASP A 62 4.55 5.10 9.56
C ASP A 62 5.64 5.91 8.84
N SER A 63 5.22 6.85 8.04
CA SER A 63 6.17 7.71 7.29
C SER A 63 7.19 6.85 6.55
N ASP A 64 6.80 5.66 6.16
CA ASP A 64 7.75 4.78 5.43
C ASP A 64 7.58 4.93 3.91
N VAL A 65 8.66 5.14 3.21
CA VAL A 65 8.59 5.29 1.72
C VAL A 65 8.75 3.90 1.09
N VAL A 66 7.70 3.38 0.50
CA VAL A 66 7.81 2.02 -0.12
C VAL A 66 7.07 2.00 -1.46
N ARG A 67 7.32 0.97 -2.23
CA ARG A 67 6.65 0.82 -3.57
C ARG A 67 5.82 -0.46 -3.55
N ILE A 68 4.56 -0.37 -3.90
CA ILE A 68 3.68 -1.57 -3.91
C ILE A 68 3.40 -1.99 -5.35
N ASP A 69 3.64 -3.25 -5.65
CA ASP A 69 3.40 -3.76 -7.04
C ASP A 69 2.22 -4.73 -7.02
N ASN A 70 1.45 -4.73 -8.09
CA ASN A 70 0.27 -5.63 -8.19
C ASN A 70 -0.76 -5.26 -7.10
N ALA A 71 -0.91 -3.99 -6.85
CA ALA A 71 -1.87 -3.53 -5.81
C ALA A 71 -3.31 -3.66 -6.35
N ARG A 72 -4.19 -4.18 -5.55
CA ARG A 72 -5.61 -4.35 -6.00
C ARG A 72 -6.41 -3.09 -5.70
N VAL A 73 -7.23 -2.67 -6.63
CA VAL A 73 -8.05 -1.44 -6.43
C VAL A 73 -9.44 -1.82 -5.95
N ALA A 74 -9.93 -1.19 -4.92
CA ALA A 74 -11.29 -1.51 -4.39
C ALA A 74 -12.01 -0.23 -4.04
N GLN A 75 -13.32 -0.26 -4.05
CA GLN A 75 -14.13 0.95 -3.72
C GLN A 75 -14.97 0.67 -2.47
N PHE A 76 -14.71 1.39 -1.40
CA PHE A 76 -15.48 1.18 -0.13
C PHE A 76 -16.09 2.51 0.32
N ASN A 77 -17.34 2.48 0.70
CA ASN A 77 -18.04 3.71 1.17
C ASN A 77 -17.97 4.80 0.09
N GLY A 78 -17.91 4.40 -1.15
CA GLY A 78 -17.85 5.40 -2.26
C GLY A 78 -16.45 5.99 -2.35
N TYR A 79 -15.51 5.45 -1.60
CA TYR A 79 -14.11 5.98 -1.64
C TYR A 79 -13.17 4.92 -2.22
N LEU A 80 -12.31 5.33 -3.11
CA LEU A 80 -11.36 4.36 -3.73
C LEU A 80 -10.18 4.09 -2.79
N SER A 81 -9.71 2.87 -2.76
CA SER A 81 -8.56 2.54 -1.88
C SER A 81 -7.77 1.39 -2.49
N LEU A 82 -6.54 1.24 -2.09
CA LEU A 82 -5.69 0.13 -2.65
C LEU A 82 -5.56 -0.97 -1.60
N SER A 83 -5.86 -2.19 -1.98
CA SER A 83 -5.77 -3.34 -1.03
C SER A 83 -4.56 -4.20 -1.38
N VAL A 84 -3.70 -4.43 -0.43
CA VAL A 84 -2.49 -5.25 -0.69
C VAL A 84 -2.73 -6.69 -0.20
N GLY A 85 -2.81 -7.61 -1.12
CA GLY A 85 -3.06 -9.03 -0.76
C GLY A 85 -1.74 -9.78 -0.56
N ASP A 86 -1.81 -11.05 -0.25
CA ASP A 86 -0.58 -11.85 -0.04
C ASP A 86 0.11 -12.07 -1.39
N SER A 87 -0.59 -11.88 -2.46
CA SER A 87 0.01 -12.09 -3.82
C SER A 87 0.73 -10.79 -4.25
N SER A 88 0.55 -9.74 -3.50
CA SER A 88 1.21 -8.45 -3.87
C SER A 88 2.66 -8.45 -3.42
N ARG A 89 3.44 -7.52 -3.93
CA ARG A 89 4.88 -7.44 -3.53
C ARG A 89 5.21 -6.03 -3.04
N ILE A 90 5.90 -5.93 -1.94
CA ILE A 90 6.27 -4.58 -1.38
C ILE A 90 7.79 -4.41 -1.41
N GLU A 91 8.25 -3.31 -1.94
CA GLU A 91 9.73 -3.05 -2.01
C GLU A 91 10.03 -1.73 -1.31
N SER A 92 10.80 -1.79 -0.26
CA SER A 92 11.14 -0.55 0.48
C SER A 92 12.21 0.25 -0.25
N VAL A 93 12.16 1.55 -0.16
CA VAL A 93 13.17 2.41 -0.85
C VAL A 93 13.57 3.56 0.08
N ASN A 94 14.46 3.30 0.98
CA ASN A 94 14.91 4.37 1.92
C ASN A 94 16.16 3.88 2.66
N VAL A 95 16.27 2.59 2.89
CA VAL A 95 17.48 2.05 3.60
C VAL A 95 18.23 1.08 2.68
N ASN A 96 19.52 1.25 2.60
CA ASN A 96 20.35 0.37 1.73
C ASN A 96 21.69 0.12 2.42
N ILE A 97 21.76 -0.91 3.23
CA ILE A 97 23.03 -1.22 3.95
C ILE A 97 23.19 -2.74 4.10
N PRO A 98 23.25 -3.46 3.00
CA PRO A 98 23.40 -4.94 3.01
C PRO A 98 24.77 -5.38 3.55
N LEU A 99 24.84 -6.54 4.12
CA LEU A 99 26.13 -7.03 4.67
C LEU A 99 26.94 -7.68 3.55
N GLU A 100 26.39 -7.75 2.37
CA GLU A 100 27.11 -8.38 1.23
C GLU A 100 28.51 -7.75 1.08
N HIS A 101 29.45 -8.52 0.62
CA HIS A 101 30.83 -7.99 0.44
C HIS A 101 30.90 -7.20 -0.87
N HIS A 102 29.89 -7.31 -1.69
CA HIS A 102 29.89 -6.58 -2.98
C HIS A 102 29.70 -5.08 -2.74
N HIS A 103 30.55 -4.28 -3.31
CA HIS A 103 30.44 -2.80 -3.12
C HIS A 103 29.23 -2.24 -3.85
N HIS A 104 28.52 -1.35 -3.20
CA HIS A 104 27.32 -0.75 -3.84
C HIS A 104 27.72 0.39 -4.77
N HIS A 105 26.98 0.58 -5.84
CA HIS A 105 27.30 1.66 -6.82
C HIS A 105 26.05 2.52 -7.05
N HIS A 106 26.19 3.81 -6.93
CA HIS A 106 25.04 4.71 -7.14
C HIS A 106 24.62 4.69 -8.62
N SER A 1 1.95 -4.48 -13.73
CA SER A 1 1.69 -3.52 -12.63
C SER A 1 2.43 -2.22 -12.91
N ASP A 2 2.05 -1.54 -13.96
CA ASP A 2 2.72 -0.26 -14.33
C ASP A 2 2.49 0.80 -13.25
N LEU A 3 3.47 1.64 -13.02
CA LEU A 3 3.32 2.70 -11.99
C LEU A 3 2.35 3.78 -12.48
N VAL A 4 1.39 4.14 -11.67
CA VAL A 4 0.40 5.19 -12.09
C VAL A 4 0.18 6.17 -10.94
N LYS A 5 -0.40 7.30 -11.23
CA LYS A 5 -0.64 8.33 -10.19
C LYS A 5 -1.88 7.98 -9.36
N ILE A 6 -1.98 8.53 -8.17
CA ILE A 6 -3.16 8.25 -7.30
C ILE A 6 -4.43 8.78 -7.99
N ARG A 7 -4.37 9.97 -8.51
CA ARG A 7 -5.58 10.55 -9.17
C ARG A 7 -5.94 9.71 -10.40
N ASP A 8 -5.01 8.94 -10.90
CA ASP A 8 -5.31 8.10 -12.09
C ASP A 8 -5.89 6.76 -11.64
N VAL A 9 -5.98 6.53 -10.36
CA VAL A 9 -6.52 5.25 -9.85
C VAL A 9 -8.02 5.16 -10.13
N SER A 10 -8.46 4.04 -10.67
CA SER A 10 -9.92 3.89 -10.97
C SER A 10 -10.26 2.40 -11.05
N LEU A 11 -11.52 2.09 -11.16
CA LEU A 11 -11.94 0.67 -11.26
C LEU A 11 -11.38 0.05 -12.54
N SER A 12 -11.37 0.80 -13.61
CA SER A 12 -10.83 0.26 -14.89
C SER A 12 -9.41 -0.27 -14.68
N THR A 13 -8.77 0.12 -13.60
CA THR A 13 -7.38 -0.34 -13.33
C THR A 13 -7.38 -1.21 -12.06
N PRO A 14 -7.77 -2.46 -12.18
CA PRO A 14 -7.84 -3.40 -11.02
C PRO A 14 -6.45 -3.79 -10.52
N TYR A 15 -5.44 -3.66 -11.34
CA TYR A 15 -4.06 -4.02 -10.93
C TYR A 15 -3.10 -2.88 -11.29
N VAL A 16 -2.59 -2.19 -10.31
CA VAL A 16 -1.65 -1.06 -10.60
C VAL A 16 -0.54 -1.02 -9.55
N SER A 17 0.52 -0.30 -9.85
CA SER A 17 1.67 -0.18 -8.90
C SER A 17 1.75 1.26 -8.40
N VAL A 18 2.05 1.47 -7.15
CA VAL A 18 2.14 2.86 -6.61
C VAL A 18 3.40 3.01 -5.74
N ILE A 19 3.89 4.22 -5.59
CA ILE A 19 5.12 4.44 -4.77
C ILE A 19 4.95 5.72 -3.95
N GLY A 20 5.25 5.68 -2.68
CA GLY A 20 5.09 6.92 -1.88
C GLY A 20 5.34 6.61 -0.40
N LYS A 21 4.87 7.48 0.47
CA LYS A 21 5.07 7.27 1.93
C LYS A 21 3.72 6.98 2.60
N ILE A 22 3.69 6.01 3.49
CA ILE A 22 2.42 5.64 4.19
C ILE A 22 2.43 6.20 5.61
N THR A 23 1.38 6.87 6.00
CA THR A 23 1.31 7.45 7.38
C THR A 23 -0.04 7.16 8.00
N GLY A 24 -0.13 7.23 9.30
CA GLY A 24 -1.43 6.96 9.99
C GLY A 24 -1.77 5.47 9.87
N ILE A 25 -1.17 4.64 10.67
CA ILE A 25 -1.47 3.18 10.60
C ILE A 25 -2.53 2.84 11.65
N HIS A 26 -3.62 2.26 11.21
CA HIS A 26 -4.72 1.89 12.16
C HIS A 26 -4.88 0.36 12.15
N LYS A 27 -5.06 -0.22 13.31
CA LYS A 27 -5.21 -1.70 13.38
C LYS A 27 -6.69 -2.06 13.54
N LYS A 28 -7.18 -2.97 12.73
CA LYS A 28 -8.61 -3.37 12.82
C LYS A 28 -8.71 -4.86 12.51
N GLU A 29 -9.79 -5.50 12.90
CA GLU A 29 -9.96 -6.97 12.63
C GLU A 29 -11.23 -7.20 11.82
N TYR A 30 -11.17 -8.06 10.83
CA TYR A 30 -12.36 -8.35 9.98
C TYR A 30 -12.53 -9.87 9.89
N GLU A 31 -13.73 -10.33 9.67
CA GLU A 31 -13.96 -11.80 9.58
C GLU A 31 -13.76 -12.27 8.15
N SER A 32 -13.08 -13.37 7.96
CA SER A 32 -12.84 -13.90 6.59
C SER A 32 -13.06 -15.42 6.59
N ASP A 33 -14.12 -15.87 5.97
CA ASP A 33 -14.41 -17.34 5.93
C ASP A 33 -14.55 -17.89 7.34
N GLY A 34 -15.04 -17.09 8.26
CA GLY A 34 -15.21 -17.58 9.66
C GLY A 34 -13.89 -17.50 10.41
N THR A 35 -12.91 -16.84 9.85
CA THR A 35 -11.58 -16.71 10.52
C THR A 35 -11.26 -15.23 10.73
N THR A 36 -10.88 -14.87 11.93
CA THR A 36 -10.56 -13.44 12.21
C THR A 36 -9.14 -13.12 11.74
N LYS A 37 -8.98 -12.06 10.99
CA LYS A 37 -7.62 -11.68 10.49
C LYS A 37 -7.36 -10.20 10.74
N SER A 38 -6.16 -9.85 11.12
CA SER A 38 -5.84 -8.43 11.37
C SER A 38 -5.58 -7.71 10.05
N VAL A 39 -6.01 -6.48 9.94
CA VAL A 39 -5.78 -5.70 8.68
C VAL A 39 -5.26 -4.30 9.05
N TYR A 40 -4.27 -3.83 8.34
CA TYR A 40 -3.70 -2.48 8.63
C TYR A 40 -4.23 -1.48 7.60
N GLN A 41 -4.57 -0.29 8.03
CA GLN A 41 -5.10 0.74 7.08
C GLN A 41 -4.46 2.08 7.36
N GLY A 42 -4.38 2.93 6.38
CA GLY A 42 -3.76 4.26 6.59
C GLY A 42 -3.89 5.09 5.32
N TYR A 43 -2.96 5.98 5.08
CA TYR A 43 -3.03 6.83 3.86
C TYR A 43 -1.65 6.88 3.21
N ILE A 44 -1.61 6.91 1.89
CA ILE A 44 -0.31 6.96 1.18
C ILE A 44 -0.28 8.23 0.31
N GLU A 45 0.81 8.96 0.34
CA GLU A 45 0.90 10.22 -0.45
C GLU A 45 2.00 10.10 -1.50
N ASP A 46 1.83 10.76 -2.62
CA ASP A 46 2.86 10.71 -3.72
C ASP A 46 3.06 12.12 -4.28
N ASP A 47 3.68 12.21 -5.43
CA ASP A 47 3.91 13.54 -6.05
C ASP A 47 2.59 14.09 -6.59
N THR A 48 1.61 13.24 -6.77
CA THR A 48 0.30 13.71 -7.30
C THR A 48 -0.65 14.02 -6.14
N ALA A 49 -1.21 13.00 -5.53
CA ALA A 49 -2.16 13.23 -4.39
C ALA A 49 -2.01 12.11 -3.37
N ARG A 50 -3.08 11.76 -2.69
CA ARG A 50 -3.01 10.70 -1.65
C ARG A 50 -4.31 9.89 -1.65
N ILE A 51 -4.26 8.67 -1.16
CA ILE A 51 -5.48 7.82 -1.12
C ILE A 51 -5.41 6.83 0.04
N ARG A 52 -6.53 6.35 0.49
CA ARG A 52 -6.53 5.38 1.63
C ARG A 52 -6.17 3.99 1.11
N ILE A 53 -5.40 3.25 1.87
CA ILE A 53 -4.99 1.88 1.43
C ILE A 53 -5.17 0.90 2.60
N SER A 54 -5.16 -0.38 2.30
CA SER A 54 -5.31 -1.41 3.37
C SER A 54 -4.38 -2.58 3.07
N SER A 55 -3.94 -3.28 4.08
CA SER A 55 -3.03 -4.44 3.85
C SER A 55 -3.47 -5.61 4.75
N PHE A 56 -3.55 -6.79 4.19
CA PHE A 56 -4.01 -7.96 5.01
C PHE A 56 -2.80 -8.73 5.58
N GLY A 57 -2.76 -8.88 6.87
CA GLY A 57 -1.63 -9.63 7.51
C GLY A 57 -0.34 -8.80 7.48
N LYS A 58 0.10 -8.39 6.33
CA LYS A 58 1.36 -7.61 6.26
C LYS A 58 1.21 -6.31 7.04
N GLN A 59 2.17 -6.02 7.89
CA GLN A 59 2.10 -4.76 8.70
C GLN A 59 2.65 -3.59 7.89
N LEU A 60 2.28 -2.39 8.25
CA LEU A 60 2.76 -1.17 7.52
C LEU A 60 3.50 -0.27 8.50
N GLN A 61 4.43 0.52 8.01
CA GLN A 61 5.21 1.42 8.91
C GLN A 61 4.91 2.89 8.54
N ASP A 62 4.60 3.69 9.52
CA ASP A 62 4.27 5.11 9.24
C ASP A 62 5.48 5.87 8.71
N SER A 63 5.26 6.77 7.79
CA SER A 63 6.36 7.57 7.21
C SER A 63 7.34 6.68 6.41
N ASP A 64 7.05 5.41 6.27
CA ASP A 64 7.99 4.54 5.50
C ASP A 64 7.75 4.69 3.99
N VAL A 65 8.80 4.81 3.23
CA VAL A 65 8.65 4.97 1.75
C VAL A 65 8.79 3.58 1.10
N VAL A 66 7.72 3.08 0.52
CA VAL A 66 7.78 1.74 -0.12
C VAL A 66 7.00 1.75 -1.44
N ARG A 67 7.20 0.73 -2.24
CA ARG A 67 6.49 0.63 -3.55
C ARG A 67 5.63 -0.62 -3.54
N ILE A 68 4.40 -0.51 -3.95
CA ILE A 68 3.48 -1.69 -3.95
C ILE A 68 3.28 -2.18 -5.38
N ASP A 69 3.47 -3.45 -5.62
CA ASP A 69 3.31 -4.01 -7.00
C ASP A 69 2.07 -4.92 -7.04
N ASN A 70 1.36 -4.89 -8.14
CA ASN A 70 0.13 -5.74 -8.28
C ASN A 70 -0.88 -5.35 -7.20
N ALA A 71 -1.02 -4.08 -6.91
CA ALA A 71 -2.01 -3.64 -5.89
C ALA A 71 -3.42 -3.83 -6.44
N ARG A 72 -4.36 -4.16 -5.59
CA ARG A 72 -5.77 -4.36 -6.06
C ARG A 72 -6.60 -3.11 -5.77
N VAL A 73 -7.16 -2.53 -6.80
CA VAL A 73 -7.99 -1.30 -6.62
C VAL A 73 -9.42 -1.68 -6.22
N ALA A 74 -9.97 -1.04 -5.23
CA ALA A 74 -11.35 -1.36 -4.79
C ALA A 74 -12.08 -0.07 -4.40
N GLN A 75 -13.39 -0.06 -4.47
CA GLN A 75 -14.17 1.16 -4.10
C GLN A 75 -15.01 0.86 -2.86
N PHE A 76 -14.79 1.60 -1.79
CA PHE A 76 -15.55 1.37 -0.52
C PHE A 76 -16.23 2.69 -0.10
N ASN A 77 -17.47 2.61 0.29
CA ASN A 77 -18.20 3.83 0.72
C ASN A 77 -18.13 4.89 -0.38
N GLY A 78 -18.08 4.47 -1.62
CA GLY A 78 -18.03 5.44 -2.74
C GLY A 78 -16.64 6.07 -2.84
N TYR A 79 -15.67 5.54 -2.12
CA TYR A 79 -14.29 6.11 -2.16
C TYR A 79 -13.30 5.05 -2.63
N LEU A 80 -12.37 5.44 -3.45
CA LEU A 80 -11.36 4.47 -3.99
C LEU A 80 -10.31 4.16 -2.94
N SER A 81 -9.86 2.94 -2.92
CA SER A 81 -8.82 2.52 -1.94
C SER A 81 -7.98 1.39 -2.55
N LEU A 82 -6.75 1.27 -2.13
CA LEU A 82 -5.86 0.20 -2.67
C LEU A 82 -5.74 -0.92 -1.64
N SER A 83 -5.98 -2.14 -2.04
CA SER A 83 -5.90 -3.29 -1.09
C SER A 83 -4.69 -4.15 -1.44
N VAL A 84 -3.82 -4.39 -0.48
CA VAL A 84 -2.62 -5.23 -0.73
C VAL A 84 -2.89 -6.65 -0.22
N GLY A 85 -3.03 -7.59 -1.13
CA GLY A 85 -3.32 -8.99 -0.73
C GLY A 85 -2.03 -9.81 -0.63
N ASP A 86 -2.16 -11.07 -0.35
CA ASP A 86 -0.97 -11.96 -0.23
C ASP A 86 -0.29 -12.10 -1.59
N SER A 87 -1.04 -12.04 -2.65
CA SER A 87 -0.43 -12.16 -4.01
C SER A 87 0.27 -10.86 -4.38
N SER A 88 0.12 -9.85 -3.56
CA SER A 88 0.77 -8.53 -3.86
C SER A 88 2.22 -8.55 -3.34
N ARG A 89 3.01 -7.62 -3.77
CA ARG A 89 4.45 -7.56 -3.31
C ARG A 89 4.81 -6.13 -2.92
N ILE A 90 5.51 -5.97 -1.84
CA ILE A 90 5.92 -4.60 -1.37
C ILE A 90 7.44 -4.49 -1.41
N GLU A 91 7.96 -3.45 -1.99
CA GLU A 91 9.45 -3.27 -2.06
C GLU A 91 9.83 -1.99 -1.32
N SER A 92 10.79 -2.08 -0.45
CA SER A 92 11.22 -0.88 0.32
C SER A 92 11.96 0.09 -0.59
N VAL A 93 11.91 1.37 -0.29
CA VAL A 93 12.61 2.38 -1.13
C VAL A 93 13.54 3.22 -0.26
N ASN A 94 14.75 3.43 -0.72
CA ASN A 94 15.74 4.25 0.05
C ASN A 94 16.15 3.50 1.32
N VAL A 95 15.24 2.81 1.95
CA VAL A 95 15.58 2.06 3.21
C VAL A 95 15.47 0.55 2.97
N ASN A 96 16.48 -0.17 3.36
CA ASN A 96 16.47 -1.64 3.18
C ASN A 96 17.48 -2.27 4.14
N ILE A 97 17.13 -2.40 5.40
CA ILE A 97 18.07 -2.99 6.39
C ILE A 97 17.27 -3.79 7.43
N PRO A 98 16.83 -4.96 7.06
CA PRO A 98 16.03 -5.84 7.97
C PRO A 98 16.77 -6.20 9.26
N LEU A 99 16.05 -6.32 10.35
CA LEU A 99 16.67 -6.67 11.67
C LEU A 99 18.02 -5.95 11.84
N GLU A 100 19.07 -6.70 12.04
CA GLU A 100 20.42 -6.10 12.23
C GLU A 100 20.36 -5.12 13.40
N HIS A 101 19.71 -5.50 14.46
CA HIS A 101 19.60 -4.61 15.65
C HIS A 101 20.97 -4.38 16.28
N HIS A 102 21.76 -5.43 16.42
CA HIS A 102 23.12 -5.29 17.03
C HIS A 102 24.20 -5.47 15.95
N HIS A 103 24.94 -4.43 15.69
CA HIS A 103 26.01 -4.51 14.65
C HIS A 103 27.31 -5.00 15.29
N HIS A 104 28.32 -4.16 15.30
CA HIS A 104 29.62 -4.56 15.90
C HIS A 104 29.45 -4.73 17.41
N HIS A 105 28.70 -3.86 18.03
CA HIS A 105 28.48 -3.95 19.51
C HIS A 105 29.79 -4.28 20.22
N HIS A 106 29.98 -5.53 20.58
CA HIS A 106 31.23 -5.92 21.29
C HIS A 106 31.46 -7.43 21.12
N SER A 1 -0.87 -4.21 -13.19
CA SER A 1 0.12 -4.00 -12.11
C SER A 1 1.12 -2.93 -12.56
N ASP A 2 0.79 -2.23 -13.61
CA ASP A 2 1.69 -1.17 -14.15
C ASP A 2 1.69 0.03 -13.21
N LEU A 3 2.78 0.74 -13.16
CA LEU A 3 2.89 1.93 -12.28
C LEU A 3 2.04 3.06 -12.83
N VAL A 4 1.19 3.60 -11.99
CA VAL A 4 0.31 4.74 -12.42
C VAL A 4 0.20 5.78 -11.31
N LYS A 5 -0.26 6.94 -11.67
CA LYS A 5 -0.41 8.05 -10.68
C LYS A 5 -1.65 7.81 -9.81
N ILE A 6 -1.58 8.26 -8.58
CA ILE A 6 -2.71 8.07 -7.63
C ILE A 6 -3.97 8.75 -8.18
N ARG A 7 -3.80 9.89 -8.77
CA ARG A 7 -4.96 10.64 -9.32
C ARG A 7 -5.64 9.82 -10.41
N ASP A 8 -4.88 9.08 -11.18
CA ASP A 8 -5.47 8.28 -12.29
C ASP A 8 -6.04 6.97 -11.77
N VAL A 9 -6.16 6.84 -10.48
CA VAL A 9 -6.70 5.58 -9.90
C VAL A 9 -8.20 5.48 -10.18
N SER A 10 -8.61 4.35 -10.69
CA SER A 10 -10.06 4.15 -11.00
C SER A 10 -10.36 2.65 -11.09
N LEU A 11 -11.62 2.31 -11.06
CA LEU A 11 -12.04 0.88 -11.13
C LEU A 11 -11.60 0.29 -12.46
N SER A 12 -11.54 1.10 -13.48
CA SER A 12 -11.13 0.58 -14.82
C SER A 12 -9.80 -0.14 -14.68
N THR A 13 -9.07 0.14 -13.62
CA THR A 13 -7.76 -0.52 -13.38
C THR A 13 -7.87 -1.43 -12.14
N PRO A 14 -8.13 -2.70 -12.34
CA PRO A 14 -8.30 -3.67 -11.23
C PRO A 14 -6.95 -4.03 -10.61
N TYR A 15 -5.88 -3.80 -11.32
CA TYR A 15 -4.52 -4.11 -10.79
C TYR A 15 -3.54 -3.03 -11.22
N VAL A 16 -2.88 -2.44 -10.27
CA VAL A 16 -1.89 -1.37 -10.57
C VAL A 16 -0.83 -1.28 -9.48
N SER A 17 0.16 -0.46 -9.71
CA SER A 17 1.26 -0.29 -8.71
C SER A 17 1.47 1.20 -8.42
N VAL A 18 1.88 1.51 -7.23
CA VAL A 18 2.11 2.93 -6.83
C VAL A 18 3.34 3.06 -5.95
N ILE A 19 3.89 4.24 -5.88
CA ILE A 19 5.10 4.50 -5.04
C ILE A 19 4.93 5.80 -4.27
N GLY A 20 5.23 5.78 -3.00
CA GLY A 20 5.10 7.01 -2.17
C GLY A 20 5.41 6.69 -0.71
N LYS A 21 4.93 7.52 0.18
CA LYS A 21 5.18 7.32 1.64
C LYS A 21 3.88 6.99 2.35
N ILE A 22 3.90 5.95 3.14
CA ILE A 22 2.69 5.51 3.88
C ILE A 22 2.77 6.00 5.33
N THR A 23 1.69 6.57 5.81
CA THR A 23 1.67 7.08 7.21
C THR A 23 0.27 6.90 7.81
N GLY A 24 0.22 6.67 9.08
CA GLY A 24 -1.10 6.50 9.80
C GLY A 24 -1.55 5.05 9.68
N ILE A 25 -0.95 4.18 10.46
CA ILE A 25 -1.34 2.73 10.41
C ILE A 25 -2.37 2.44 11.50
N HIS A 26 -3.55 2.07 11.10
CA HIS A 26 -4.63 1.74 12.07
C HIS A 26 -4.94 0.24 11.99
N LYS A 27 -4.80 -0.44 13.09
CA LYS A 27 -5.06 -1.91 13.12
C LYS A 27 -6.53 -2.19 13.42
N LYS A 28 -7.11 -3.07 12.66
CA LYS A 28 -8.55 -3.42 12.86
C LYS A 28 -8.77 -4.89 12.48
N GLU A 29 -9.74 -5.52 13.08
CA GLU A 29 -10.01 -6.96 12.78
C GLU A 29 -11.35 -7.10 12.07
N TYR A 30 -11.41 -7.99 11.12
CA TYR A 30 -12.68 -8.21 10.36
C TYR A 30 -12.85 -9.71 10.07
N GLU A 31 -14.05 -10.11 9.80
CA GLU A 31 -14.34 -11.55 9.50
C GLU A 31 -14.23 -11.78 7.99
N SER A 32 -13.09 -12.24 7.57
CA SER A 32 -12.87 -12.52 6.12
C SER A 32 -13.55 -13.82 5.72
N ASP A 33 -12.99 -14.50 4.75
CA ASP A 33 -13.57 -15.78 4.27
C ASP A 33 -13.77 -16.75 5.43
N GLY A 34 -14.78 -16.51 6.21
CA GLY A 34 -15.08 -17.40 7.37
C GLY A 34 -13.88 -17.45 8.30
N THR A 35 -13.07 -16.42 8.27
CA THR A 35 -11.87 -16.40 9.16
C THR A 35 -11.56 -14.95 9.57
N THR A 36 -11.17 -14.77 10.80
CA THR A 36 -10.86 -13.40 11.29
C THR A 36 -9.39 -13.07 11.03
N LYS A 37 -9.16 -11.96 10.38
CA LYS A 37 -7.76 -11.53 10.07
C LYS A 37 -7.61 -10.03 10.33
N SER A 38 -6.45 -9.64 10.76
CA SER A 38 -6.19 -8.20 11.06
C SER A 38 -5.88 -7.45 9.76
N VAL A 39 -6.31 -6.21 9.70
CA VAL A 39 -6.06 -5.38 8.49
C VAL A 39 -5.55 -4.01 8.91
N TYR A 40 -4.55 -3.53 8.22
CA TYR A 40 -3.96 -2.20 8.55
C TYR A 40 -4.40 -1.19 7.50
N GLN A 41 -4.90 -0.06 7.95
CA GLN A 41 -5.37 1.00 7.01
C GLN A 41 -4.62 2.29 7.27
N GLY A 42 -4.36 3.02 6.23
CA GLY A 42 -3.61 4.30 6.38
C GLY A 42 -3.68 5.10 5.08
N TYR A 43 -2.93 6.16 5.01
CA TYR A 43 -2.92 7.03 3.80
C TYR A 43 -1.53 7.09 3.19
N ILE A 44 -1.47 7.13 1.88
CA ILE A 44 -0.17 7.20 1.16
C ILE A 44 -0.18 8.45 0.30
N GLU A 45 0.92 9.17 0.28
CA GLU A 45 0.99 10.42 -0.54
C GLU A 45 2.20 10.36 -1.48
N ASP A 46 2.11 11.10 -2.56
CA ASP A 46 3.21 11.13 -3.56
C ASP A 46 3.34 12.54 -4.12
N ASP A 47 3.90 12.66 -5.29
CA ASP A 47 4.09 13.99 -5.93
C ASP A 47 2.75 14.53 -6.42
N THR A 48 1.80 13.66 -6.59
CA THR A 48 0.45 14.10 -7.08
C THR A 48 -0.47 14.34 -5.88
N ALA A 49 -1.16 13.32 -5.44
CA ALA A 49 -2.08 13.48 -4.27
C ALA A 49 -1.92 12.31 -3.30
N ARG A 50 -2.99 11.91 -2.67
CA ARG A 50 -2.92 10.79 -1.68
C ARG A 50 -4.24 10.01 -1.68
N ILE A 51 -4.18 8.78 -1.22
CA ILE A 51 -5.41 7.93 -1.17
C ILE A 51 -5.31 6.91 -0.03
N ARG A 52 -6.44 6.40 0.38
CA ARG A 52 -6.48 5.41 1.49
C ARG A 52 -6.07 4.03 1.00
N ILE A 53 -5.40 3.29 1.85
CA ILE A 53 -4.94 1.92 1.49
C ILE A 53 -5.31 0.94 2.60
N SER A 54 -5.36 -0.32 2.27
CA SER A 54 -5.70 -1.36 3.28
C SER A 54 -4.88 -2.63 3.02
N SER A 55 -4.08 -3.00 3.98
CA SER A 55 -3.23 -4.22 3.84
C SER A 55 -3.74 -5.32 4.76
N PHE A 56 -3.70 -6.54 4.29
CA PHE A 56 -4.19 -7.70 5.10
C PHE A 56 -3.02 -8.47 5.71
N GLY A 57 -2.96 -8.50 7.01
CA GLY A 57 -1.89 -9.26 7.73
C GLY A 57 -0.53 -8.59 7.52
N LYS A 58 -0.33 -7.98 6.38
CA LYS A 58 0.98 -7.35 6.09
C LYS A 58 1.24 -6.16 7.02
N GLN A 59 2.39 -6.15 7.63
CA GLN A 59 2.76 -5.07 8.56
C GLN A 59 3.31 -3.86 7.81
N LEU A 60 2.90 -2.69 8.22
CA LEU A 60 3.37 -1.43 7.57
C LEU A 60 3.89 -0.48 8.64
N GLN A 61 4.83 0.35 8.29
CA GLN A 61 5.42 1.31 9.28
C GLN A 61 4.98 2.75 8.95
N ASP A 62 4.75 3.53 9.97
CA ASP A 62 4.32 4.94 9.76
C ASP A 62 5.43 5.76 9.11
N SER A 63 5.06 6.57 8.17
CA SER A 63 6.05 7.43 7.46
C SER A 63 7.19 6.56 6.94
N ASP A 64 6.96 5.92 5.83
CA ASP A 64 8.01 5.04 5.25
C ASP A 64 7.83 4.93 3.73
N VAL A 65 8.83 5.31 2.99
CA VAL A 65 8.76 5.26 1.51
C VAL A 65 8.87 3.81 1.04
N VAL A 66 7.86 3.33 0.37
CA VAL A 66 7.87 1.92 -0.11
C VAL A 66 7.24 1.85 -1.51
N ARG A 67 7.41 0.71 -2.13
CA ARG A 67 6.84 0.49 -3.50
C ARG A 67 5.77 -0.59 -3.41
N ILE A 68 4.59 -0.28 -3.89
CA ILE A 68 3.47 -1.28 -3.87
C ILE A 68 3.24 -1.82 -5.27
N ASP A 69 3.41 -3.11 -5.44
CA ASP A 69 3.22 -3.76 -6.76
C ASP A 69 2.15 -4.85 -6.66
N ASN A 70 1.48 -5.09 -7.75
CA ASN A 70 0.42 -6.13 -7.81
C ASN A 70 -0.69 -5.79 -6.82
N ALA A 71 -1.00 -4.52 -6.69
CA ALA A 71 -2.10 -4.10 -5.76
C ALA A 71 -3.41 -4.02 -6.53
N ARG A 72 -4.49 -4.32 -5.86
CA ARG A 72 -5.83 -4.29 -6.52
C ARG A 72 -6.61 -3.04 -6.13
N VAL A 73 -7.48 -2.63 -6.99
CA VAL A 73 -8.31 -1.41 -6.72
C VAL A 73 -9.70 -1.85 -6.25
N ALA A 74 -10.17 -1.25 -5.19
CA ALA A 74 -11.52 -1.59 -4.65
C ALA A 74 -12.20 -0.35 -4.10
N GLN A 75 -13.50 -0.37 -4.05
CA GLN A 75 -14.28 0.79 -3.54
C GLN A 75 -14.96 0.40 -2.24
N PHE A 76 -14.64 1.08 -1.18
CA PHE A 76 -15.26 0.80 0.16
C PHE A 76 -15.96 2.05 0.69
N ASN A 77 -17.16 1.87 1.15
CA ASN A 77 -17.96 3.00 1.71
C ASN A 77 -18.12 4.10 0.65
N GLY A 78 -18.00 3.74 -0.60
CA GLY A 78 -18.16 4.73 -1.70
C GLY A 78 -16.84 5.44 -1.97
N TYR A 79 -15.78 5.01 -1.32
CA TYR A 79 -14.45 5.66 -1.53
C TYR A 79 -13.46 4.66 -2.14
N LEU A 80 -12.72 5.12 -3.10
CA LEU A 80 -11.71 4.25 -3.78
C LEU A 80 -10.49 4.06 -2.89
N SER A 81 -9.90 2.90 -2.95
CA SER A 81 -8.70 2.62 -2.13
C SER A 81 -7.90 1.49 -2.76
N LEU A 82 -6.64 1.39 -2.39
CA LEU A 82 -5.77 0.32 -2.96
C LEU A 82 -5.55 -0.76 -1.92
N SER A 83 -6.15 -1.90 -2.14
CA SER A 83 -6.02 -3.04 -1.19
C SER A 83 -4.80 -3.87 -1.55
N VAL A 84 -4.10 -4.34 -0.55
CA VAL A 84 -2.88 -5.17 -0.77
C VAL A 84 -3.05 -6.53 -0.09
N GLY A 85 -2.87 -7.58 -0.83
CA GLY A 85 -3.00 -8.97 -0.28
C GLY A 85 -1.63 -9.54 0.05
N ASP A 86 -1.61 -10.70 0.66
CA ASP A 86 -0.33 -11.36 1.02
C ASP A 86 0.37 -11.82 -0.26
N SER A 87 -0.37 -11.92 -1.33
CA SER A 87 0.21 -12.37 -2.63
C SER A 87 0.84 -11.16 -3.33
N SER A 88 0.66 -9.99 -2.77
CA SER A 88 1.23 -8.76 -3.38
C SER A 88 2.72 -8.67 -3.11
N ARG A 89 3.39 -7.75 -3.77
CA ARG A 89 4.86 -7.59 -3.57
C ARG A 89 5.16 -6.16 -3.13
N ILE A 90 5.81 -6.04 -2.00
CA ILE A 90 6.18 -4.70 -1.45
C ILE A 90 7.69 -4.63 -1.23
N GLU A 91 8.31 -3.60 -1.75
CA GLU A 91 9.79 -3.42 -1.59
C GLU A 91 10.09 -2.04 -1.00
N SER A 92 10.77 -2.02 0.11
CA SER A 92 11.13 -0.74 0.78
C SER A 92 12.24 -0.05 0.00
N VAL A 93 12.19 1.26 -0.05
CA VAL A 93 13.24 2.04 -0.80
C VAL A 93 14.06 2.88 0.18
N ASN A 94 15.36 2.81 0.04
CA ASN A 94 16.28 3.58 0.93
C ASN A 94 16.28 5.06 0.53
N VAL A 95 16.85 5.87 1.38
CA VAL A 95 16.92 7.34 1.13
C VAL A 95 15.53 7.88 0.82
N ASN A 96 15.24 8.12 -0.43
CA ASN A 96 13.91 8.66 -0.82
C ASN A 96 13.69 8.44 -2.32
N ILE A 97 13.15 7.30 -2.66
CA ILE A 97 12.88 6.96 -4.09
C ILE A 97 14.12 7.23 -4.94
N PRO A 98 15.09 6.35 -4.88
CA PRO A 98 16.35 6.48 -5.66
C PRO A 98 16.09 6.54 -7.18
N LEU A 99 16.90 7.29 -7.87
CA LEU A 99 16.73 7.43 -9.34
C LEU A 99 16.95 6.09 -10.03
N GLU A 100 16.05 5.74 -10.91
CA GLU A 100 16.16 4.46 -11.64
C GLU A 100 17.37 4.49 -12.59
N HIS A 101 18.13 3.44 -12.59
CA HIS A 101 19.34 3.36 -13.47
C HIS A 101 19.64 1.92 -13.83
N HIS A 102 19.87 1.66 -15.09
CA HIS A 102 20.19 0.27 -15.55
C HIS A 102 21.19 0.34 -16.71
N HIS A 103 22.45 0.29 -16.39
CA HIS A 103 23.51 0.35 -17.44
C HIS A 103 24.79 -0.32 -16.93
N HIS A 104 25.69 -0.61 -17.83
CA HIS A 104 26.98 -1.27 -17.45
C HIS A 104 26.72 -2.45 -16.53
N HIS A 105 26.38 -3.57 -17.10
CA HIS A 105 26.11 -4.81 -16.30
C HIS A 105 25.01 -4.55 -15.28
N HIS A 106 24.35 -5.60 -14.87
CA HIS A 106 23.25 -5.47 -13.87
C HIS A 106 22.81 -6.86 -13.43
N SER A 1 1.82 -5.58 -14.26
CA SER A 1 1.29 -4.34 -13.61
C SER A 1 1.77 -3.11 -14.38
N ASP A 2 1.71 -1.96 -13.77
CA ASP A 2 2.18 -0.72 -14.46
C ASP A 2 2.19 0.44 -13.47
N LEU A 3 3.26 1.19 -13.45
CA LEU A 3 3.35 2.35 -12.51
C LEU A 3 2.39 3.45 -12.95
N VAL A 4 1.55 3.91 -12.05
CA VAL A 4 0.59 4.99 -12.39
C VAL A 4 0.49 5.98 -11.23
N LYS A 5 -0.02 7.15 -11.49
CA LYS A 5 -0.14 8.18 -10.41
C LYS A 5 -1.34 7.87 -9.51
N ILE A 6 -1.29 8.31 -8.28
CA ILE A 6 -2.42 8.04 -7.35
C ILE A 6 -3.70 8.71 -7.87
N ARG A 7 -3.59 9.93 -8.33
CA ARG A 7 -4.79 10.66 -8.84
C ARG A 7 -5.31 9.98 -10.11
N ASP A 8 -4.50 9.18 -10.74
CA ASP A 8 -4.95 8.49 -12.01
C ASP A 8 -5.55 7.13 -11.66
N VAL A 9 -5.63 6.80 -10.39
CA VAL A 9 -6.18 5.47 -9.99
C VAL A 9 -7.67 5.41 -10.32
N SER A 10 -8.10 4.33 -10.91
CA SER A 10 -9.54 4.17 -11.26
C SER A 10 -9.87 2.68 -11.41
N LEU A 11 -11.13 2.35 -11.43
CA LEU A 11 -11.53 0.92 -11.57
C LEU A 11 -11.09 0.42 -12.95
N SER A 12 -10.89 1.32 -13.87
CA SER A 12 -10.45 0.90 -15.24
C SER A 12 -9.14 0.13 -15.13
N THR A 13 -8.45 0.26 -14.02
CA THR A 13 -7.16 -0.46 -13.83
C THR A 13 -7.20 -1.26 -12.53
N PRO A 14 -7.82 -2.42 -12.56
CA PRO A 14 -7.93 -3.30 -11.36
C PRO A 14 -6.57 -3.58 -10.72
N TYR A 15 -5.56 -3.78 -11.54
CA TYR A 15 -4.19 -4.07 -11.02
C TYR A 15 -3.26 -2.91 -11.41
N VAL A 16 -2.51 -2.39 -10.48
CA VAL A 16 -1.59 -1.26 -10.81
C VAL A 16 -0.38 -1.28 -9.86
N SER A 17 0.53 -0.36 -10.05
CA SER A 17 1.74 -0.27 -9.17
C SER A 17 1.90 1.18 -8.71
N VAL A 18 2.10 1.40 -7.43
CA VAL A 18 2.26 2.80 -6.91
C VAL A 18 3.39 2.84 -5.87
N ILE A 19 3.91 4.01 -5.61
CA ILE A 19 5.01 4.15 -4.62
C ILE A 19 4.83 5.46 -3.84
N GLY A 20 5.21 5.47 -2.59
CA GLY A 20 5.05 6.74 -1.81
C GLY A 20 5.28 6.48 -0.33
N LYS A 21 4.82 7.38 0.52
CA LYS A 21 5.01 7.22 1.98
C LYS A 21 3.70 6.79 2.62
N ILE A 22 3.77 5.96 3.63
CA ILE A 22 2.53 5.47 4.32
C ILE A 22 2.29 6.30 5.58
N THR A 23 1.07 6.76 5.78
CA THR A 23 0.75 7.58 6.98
C THR A 23 -0.57 7.10 7.60
N GLY A 24 -0.78 7.38 8.85
CA GLY A 24 -2.06 6.94 9.51
C GLY A 24 -1.83 5.63 10.24
N ILE A 25 -1.70 4.55 9.51
CA ILE A 25 -1.47 3.22 10.15
C ILE A 25 -2.51 2.98 11.25
N HIS A 26 -3.50 2.19 10.96
CA HIS A 26 -4.57 1.86 11.95
C HIS A 26 -4.76 0.35 12.01
N LYS A 27 -4.77 -0.21 13.19
CA LYS A 27 -4.94 -1.69 13.31
C LYS A 27 -6.41 -2.03 13.50
N LYS A 28 -6.92 -2.98 12.78
CA LYS A 28 -8.34 -3.38 12.92
C LYS A 28 -8.48 -4.88 12.68
N GLU A 29 -9.49 -5.49 13.27
CA GLU A 29 -9.71 -6.97 13.09
C GLU A 29 -10.97 -7.19 12.28
N TYR A 30 -11.00 -8.20 11.45
CA TYR A 30 -12.22 -8.48 10.63
C TYR A 30 -12.37 -9.98 10.44
N GLU A 31 -13.53 -10.41 10.04
CA GLU A 31 -13.76 -11.87 9.84
C GLU A 31 -13.35 -12.27 8.42
N SER A 32 -12.78 -13.43 8.26
CA SER A 32 -12.37 -13.90 6.91
C SER A 32 -12.52 -15.42 6.84
N ASP A 33 -13.46 -15.89 6.07
CA ASP A 33 -13.68 -17.36 5.95
C ASP A 33 -13.92 -17.96 7.34
N GLY A 34 -14.51 -17.20 8.24
CA GLY A 34 -14.78 -17.73 9.60
C GLY A 34 -13.53 -17.61 10.49
N THR A 35 -12.56 -16.84 10.06
CA THR A 35 -11.31 -16.68 10.87
C THR A 35 -11.01 -15.20 11.07
N THR A 36 -10.68 -14.81 12.26
CA THR A 36 -10.39 -13.37 12.54
C THR A 36 -8.93 -13.07 12.17
N LYS A 37 -8.71 -12.04 11.39
CA LYS A 37 -7.31 -11.66 10.99
C LYS A 37 -7.15 -10.15 11.10
N SER A 38 -5.98 -9.70 11.50
CA SER A 38 -5.76 -8.24 11.63
C SER A 38 -5.48 -7.61 10.26
N VAL A 39 -5.80 -6.35 10.12
CA VAL A 39 -5.54 -5.65 8.82
C VAL A 39 -5.07 -4.23 9.13
N TYR A 40 -4.12 -3.74 8.37
CA TYR A 40 -3.59 -2.35 8.62
C TYR A 40 -4.17 -1.39 7.59
N GLN A 41 -4.67 -0.27 8.03
CA GLN A 41 -5.26 0.74 7.08
C GLN A 41 -4.52 2.06 7.24
N GLY A 42 -4.49 2.86 6.22
CA GLY A 42 -3.78 4.16 6.32
C GLY A 42 -3.99 4.97 5.05
N TYR A 43 -3.10 5.88 4.78
CA TYR A 43 -3.21 6.73 3.55
C TYR A 43 -1.82 6.83 2.93
N ILE A 44 -1.72 6.77 1.63
CA ILE A 44 -0.39 6.87 0.97
C ILE A 44 -0.33 8.13 0.10
N GLU A 45 0.71 8.90 0.24
CA GLU A 45 0.84 10.17 -0.55
C GLU A 45 2.07 10.10 -1.45
N ASP A 46 2.07 10.86 -2.53
CA ASP A 46 3.24 10.84 -3.46
C ASP A 46 3.50 12.26 -3.96
N ASP A 47 3.95 12.38 -5.18
CA ASP A 47 4.25 13.74 -5.73
C ASP A 47 2.97 14.46 -6.15
N THR A 48 1.85 13.77 -6.15
CA THR A 48 0.56 14.43 -6.56
C THR A 48 -0.40 14.54 -5.37
N ALA A 49 -1.18 13.51 -5.13
CA ALA A 49 -2.17 13.55 -3.99
C ALA A 49 -2.00 12.32 -3.11
N ARG A 50 -3.08 11.86 -2.52
CA ARG A 50 -3.01 10.66 -1.63
C ARG A 50 -4.32 9.85 -1.72
N ILE A 51 -4.25 8.58 -1.40
CA ILE A 51 -5.48 7.73 -1.46
C ILE A 51 -5.48 6.73 -0.30
N ARG A 52 -6.64 6.34 0.15
CA ARG A 52 -6.73 5.36 1.28
C ARG A 52 -6.36 3.96 0.79
N ILE A 53 -5.57 3.24 1.56
CA ILE A 53 -5.17 1.86 1.16
C ILE A 53 -5.21 0.94 2.39
N SER A 54 -5.13 -0.34 2.17
CA SER A 54 -5.16 -1.30 3.31
C SER A 54 -4.31 -2.52 3.00
N SER A 55 -3.79 -3.16 4.01
CA SER A 55 -2.93 -4.37 3.80
C SER A 55 -3.35 -5.45 4.79
N PHE A 56 -3.69 -6.61 4.31
CA PHE A 56 -4.13 -7.71 5.20
C PHE A 56 -2.93 -8.53 5.70
N GLY A 57 -2.85 -8.74 6.99
CA GLY A 57 -1.72 -9.55 7.55
C GLY A 57 -0.41 -8.77 7.52
N LYS A 58 -0.10 -8.17 6.40
CA LYS A 58 1.18 -7.41 6.30
C LYS A 58 1.09 -6.12 7.13
N GLN A 59 2.14 -5.82 7.87
CA GLN A 59 2.13 -4.59 8.71
C GLN A 59 2.83 -3.45 7.96
N LEU A 60 2.49 -2.23 8.28
CA LEU A 60 3.12 -1.05 7.60
C LEU A 60 3.63 -0.06 8.66
N GLN A 61 4.59 0.77 8.30
CA GLN A 61 5.16 1.76 9.27
C GLN A 61 4.89 3.17 8.78
N ASP A 62 4.46 4.04 9.66
CA ASP A 62 4.16 5.44 9.25
C ASP A 62 5.44 6.18 8.84
N SER A 63 5.37 6.91 7.76
CA SER A 63 6.55 7.70 7.27
C SER A 63 7.53 6.80 6.50
N ASP A 64 7.28 5.51 6.46
CA ASP A 64 8.21 4.62 5.72
C ASP A 64 7.91 4.66 4.22
N VAL A 65 8.93 4.60 3.41
CA VAL A 65 8.73 4.64 1.92
C VAL A 65 8.62 3.20 1.42
N VAL A 66 7.54 2.89 0.75
CA VAL A 66 7.35 1.50 0.22
C VAL A 66 6.80 1.54 -1.20
N ARG A 67 6.96 0.45 -1.91
CA ARG A 67 6.46 0.36 -3.31
C ARG A 67 5.49 -0.82 -3.41
N ILE A 68 4.30 -0.59 -3.90
CA ILE A 68 3.29 -1.69 -4.02
C ILE A 68 3.09 -2.00 -5.51
N ASP A 69 3.23 -3.26 -5.86
CA ASP A 69 3.06 -3.67 -7.30
C ASP A 69 1.84 -4.58 -7.42
N ASN A 70 1.10 -4.44 -8.49
CA ASN A 70 -0.11 -5.30 -8.70
C ASN A 70 -1.12 -5.04 -7.58
N ALA A 71 -1.26 -3.81 -7.16
CA ALA A 71 -2.24 -3.48 -6.09
C ALA A 71 -3.65 -3.67 -6.65
N ARG A 72 -4.56 -4.18 -5.85
CA ARG A 72 -5.96 -4.40 -6.33
C ARG A 72 -6.82 -3.18 -5.97
N VAL A 73 -7.40 -2.56 -6.96
CA VAL A 73 -8.26 -1.37 -6.70
C VAL A 73 -9.67 -1.81 -6.27
N ALA A 74 -10.18 -1.23 -5.23
CA ALA A 74 -11.55 -1.61 -4.76
C ALA A 74 -12.30 -0.35 -4.32
N GLN A 75 -13.61 -0.39 -4.34
CA GLN A 75 -14.42 0.81 -3.93
C GLN A 75 -15.20 0.48 -2.66
N PHE A 76 -14.92 1.19 -1.60
CA PHE A 76 -15.64 0.95 -0.30
C PHE A 76 -16.33 2.24 0.15
N ASN A 77 -17.55 2.15 0.57
CA ASN A 77 -18.30 3.36 1.03
C ASN A 77 -18.29 4.41 -0.07
N GLY A 78 -18.25 4.00 -1.32
CA GLY A 78 -18.26 4.99 -2.43
C GLY A 78 -16.89 5.64 -2.58
N TYR A 79 -15.91 5.16 -1.84
CA TYR A 79 -14.54 5.76 -1.92
C TYR A 79 -13.56 4.73 -2.49
N LEU A 80 -12.72 5.14 -3.41
CA LEU A 80 -11.74 4.21 -4.02
C LEU A 80 -10.59 3.94 -3.04
N SER A 81 -10.06 2.76 -3.07
CA SER A 81 -8.93 2.41 -2.16
C SER A 81 -8.13 1.27 -2.77
N LEU A 82 -6.92 1.08 -2.30
CA LEU A 82 -6.04 -0.01 -2.85
C LEU A 82 -5.93 -1.13 -1.82
N SER A 83 -6.21 -2.34 -2.23
CA SER A 83 -6.13 -3.51 -1.31
C SER A 83 -4.82 -4.25 -1.55
N VAL A 84 -4.03 -4.44 -0.51
CA VAL A 84 -2.73 -5.16 -0.66
C VAL A 84 -2.81 -6.49 0.09
N GLY A 85 -2.44 -7.58 -0.55
CA GLY A 85 -2.50 -8.90 0.12
C GLY A 85 -1.46 -9.84 -0.49
N ASP A 86 -1.75 -11.11 -0.50
CA ASP A 86 -0.80 -12.11 -1.06
C ASP A 86 -0.57 -11.84 -2.55
N SER A 87 -1.60 -11.53 -3.27
CA SER A 87 -1.46 -11.27 -4.74
C SER A 87 -0.53 -10.08 -4.97
N SER A 88 -0.67 -9.04 -4.19
CA SER A 88 0.19 -7.84 -4.38
C SER A 88 1.58 -8.07 -3.76
N ARG A 89 2.52 -7.22 -4.11
CA ARG A 89 3.91 -7.37 -3.56
C ARG A 89 4.35 -6.03 -2.94
N ILE A 90 4.88 -6.08 -1.74
CA ILE A 90 5.34 -4.82 -1.06
C ILE A 90 6.87 -4.85 -0.94
N GLU A 91 7.54 -3.80 -1.34
CA GLU A 91 9.03 -3.76 -1.24
C GLU A 91 9.45 -2.42 -0.62
N SER A 92 10.18 -2.47 0.46
CA SER A 92 10.62 -1.21 1.12
C SER A 92 11.78 -0.59 0.35
N VAL A 93 11.98 0.70 0.49
CA VAL A 93 13.10 1.38 -0.23
C VAL A 93 13.81 2.34 0.73
N ASN A 94 13.50 2.24 2.00
CA ASN A 94 14.14 3.14 3.01
C ASN A 94 15.45 2.51 3.49
N VAL A 95 15.83 1.38 2.93
CA VAL A 95 17.09 0.69 3.34
C VAL A 95 17.99 0.50 2.11
N ASN A 96 19.26 0.80 2.26
CA ASN A 96 20.20 0.65 1.11
C ASN A 96 20.32 -0.83 0.73
N ILE A 97 20.34 -1.12 -0.55
CA ILE A 97 20.45 -2.54 -1.02
C ILE A 97 21.56 -2.62 -2.09
N PRO A 98 22.78 -2.38 -1.71
CA PRO A 98 23.95 -2.41 -2.65
C PRO A 98 24.33 -3.84 -3.06
N LEU A 99 24.92 -3.99 -4.21
CA LEU A 99 25.31 -5.35 -4.69
C LEU A 99 26.56 -5.84 -3.95
N GLU A 100 26.66 -7.14 -3.79
CA GLU A 100 27.84 -7.74 -3.09
C GLU A 100 27.86 -7.26 -1.63
N HIS A 101 26.81 -7.53 -0.89
CA HIS A 101 26.77 -7.11 0.55
C HIS A 101 26.96 -8.33 1.44
N HIS A 102 28.13 -8.49 2.01
CA HIS A 102 28.40 -9.66 2.89
C HIS A 102 27.83 -10.94 2.26
N HIS A 103 28.48 -11.44 1.23
CA HIS A 103 27.99 -12.68 0.57
C HIS A 103 29.19 -13.46 0.01
N HIS A 104 29.17 -14.76 0.17
CA HIS A 104 30.29 -15.60 -0.35
C HIS A 104 29.90 -17.07 -0.18
N HIS A 105 28.69 -17.40 -0.55
CA HIS A 105 28.22 -18.81 -0.42
C HIS A 105 28.54 -19.33 0.99
N HIS A 106 28.87 -18.44 1.89
CA HIS A 106 29.20 -18.86 3.29
C HIS A 106 28.73 -17.79 4.27
N SER A 1 -0.99 -3.49 -13.62
CA SER A 1 0.15 -3.71 -12.70
C SER A 1 1.25 -2.69 -13.01
N ASP A 2 1.00 -1.83 -13.96
CA ASP A 2 2.02 -0.81 -14.34
C ASP A 2 1.97 0.38 -13.37
N LEU A 3 2.93 1.26 -13.49
CA LEU A 3 2.98 2.44 -12.58
C LEU A 3 1.96 3.48 -13.03
N VAL A 4 1.08 3.90 -12.14
CA VAL A 4 0.06 4.94 -12.51
C VAL A 4 -0.09 5.94 -11.35
N LYS A 5 -0.65 7.08 -11.63
CA LYS A 5 -0.82 8.12 -10.57
C LYS A 5 -2.04 7.78 -9.69
N ILE A 6 -2.02 8.22 -8.46
CA ILE A 6 -3.14 7.93 -7.52
C ILE A 6 -4.42 8.57 -8.07
N ARG A 7 -4.34 9.77 -8.55
CA ARG A 7 -5.56 10.44 -9.10
C ARG A 7 -6.02 9.71 -10.37
N ASP A 8 -5.15 8.93 -10.97
CA ASP A 8 -5.53 8.19 -12.21
C ASP A 8 -6.10 6.83 -11.83
N VAL A 9 -5.84 6.37 -10.64
CA VAL A 9 -6.35 5.03 -10.23
C VAL A 9 -7.86 4.93 -10.48
N SER A 10 -8.30 3.83 -11.02
CA SER A 10 -9.76 3.64 -11.28
C SER A 10 -10.07 2.14 -11.29
N LEU A 11 -11.32 1.80 -11.25
CA LEU A 11 -11.72 0.37 -11.24
C LEU A 11 -11.42 -0.25 -12.60
N SER A 12 -11.14 0.56 -13.58
CA SER A 12 -10.82 0.01 -14.92
C SER A 12 -9.58 -0.86 -14.82
N THR A 13 -8.69 -0.54 -13.92
CA THR A 13 -7.44 -1.35 -13.74
C THR A 13 -7.37 -1.85 -12.30
N PRO A 14 -8.00 -2.95 -12.01
CA PRO A 14 -8.01 -3.54 -10.63
C PRO A 14 -6.60 -3.68 -10.05
N TYR A 15 -5.65 -4.09 -10.87
CA TYR A 15 -4.26 -4.27 -10.38
C TYR A 15 -3.37 -3.14 -10.90
N VAL A 16 -2.61 -2.53 -10.03
CA VAL A 16 -1.71 -1.42 -10.47
C VAL A 16 -0.50 -1.32 -9.55
N SER A 17 0.35 -0.37 -9.77
CA SER A 17 1.55 -0.20 -8.90
C SER A 17 1.75 1.29 -8.60
N VAL A 18 2.07 1.62 -7.37
CA VAL A 18 2.29 3.06 -7.01
C VAL A 18 3.48 3.17 -6.05
N ILE A 19 4.01 4.36 -5.93
CA ILE A 19 5.16 4.58 -5.00
C ILE A 19 4.87 5.79 -4.12
N GLY A 20 5.10 5.68 -2.84
CA GLY A 20 4.82 6.84 -1.96
C GLY A 20 5.15 6.48 -0.51
N LYS A 21 4.72 7.31 0.42
CA LYS A 21 5.02 7.04 1.87
C LYS A 21 3.72 6.72 2.60
N ILE A 22 3.75 5.75 3.47
CA ILE A 22 2.51 5.37 4.22
C ILE A 22 2.55 6.02 5.60
N THR A 23 1.47 6.66 6.00
CA THR A 23 1.40 7.32 7.35
C THR A 23 0.09 6.96 8.04
N GLY A 24 0.03 7.11 9.34
CA GLY A 24 -1.22 6.80 10.10
C GLY A 24 -1.08 5.42 10.75
N ILE A 25 -1.21 4.38 9.98
CA ILE A 25 -1.10 2.99 10.53
C ILE A 25 -2.14 2.76 11.61
N HIS A 26 -3.01 1.81 11.40
CA HIS A 26 -4.06 1.49 12.42
C HIS A 26 -4.34 -0.01 12.39
N LYS A 27 -4.57 -0.60 13.53
CA LYS A 27 -4.84 -2.08 13.57
C LYS A 27 -6.35 -2.32 13.64
N LYS A 28 -6.86 -3.18 12.78
CA LYS A 28 -8.31 -3.48 12.79
C LYS A 28 -8.50 -4.97 12.51
N GLU A 29 -9.65 -5.50 12.85
CA GLU A 29 -9.91 -6.96 12.61
C GLU A 29 -11.14 -7.12 11.72
N TYR A 30 -11.11 -8.08 10.83
CA TYR A 30 -12.28 -8.29 9.91
C TYR A 30 -12.48 -9.79 9.72
N GLU A 31 -13.64 -10.20 9.29
CA GLU A 31 -13.92 -11.65 9.08
C GLU A 31 -13.55 -12.05 7.66
N SER A 32 -12.56 -12.90 7.50
CA SER A 32 -12.14 -13.35 6.15
C SER A 32 -12.52 -14.82 5.96
N ASP A 33 -13.41 -15.10 5.05
CA ASP A 33 -13.84 -16.51 4.81
C ASP A 33 -14.32 -17.14 6.12
N GLY A 34 -14.88 -16.35 7.00
CA GLY A 34 -15.40 -16.90 8.28
C GLY A 34 -14.28 -16.94 9.33
N THR A 35 -13.10 -16.49 8.99
CA THR A 35 -11.97 -16.50 9.98
C THR A 35 -11.50 -15.07 10.26
N THR A 36 -11.41 -14.71 11.51
CA THR A 36 -10.98 -13.34 11.87
C THR A 36 -9.51 -13.12 11.50
N LYS A 37 -9.22 -12.07 10.78
CA LYS A 37 -7.81 -11.78 10.38
C LYS A 37 -7.49 -10.31 10.65
N SER A 38 -6.28 -10.03 11.02
CA SER A 38 -5.88 -8.62 11.33
C SER A 38 -5.59 -7.88 10.03
N VAL A 39 -5.93 -6.62 9.97
CA VAL A 39 -5.66 -5.81 8.74
C VAL A 39 -5.11 -4.44 9.16
N TYR A 40 -4.12 -3.95 8.45
CA TYR A 40 -3.52 -2.63 8.78
C TYR A 40 -4.02 -1.60 7.78
N GLN A 41 -4.50 -0.46 8.26
CA GLN A 41 -5.01 0.60 7.34
C GLN A 41 -4.27 1.90 7.61
N GLY A 42 -4.22 2.76 6.63
CA GLY A 42 -3.52 4.05 6.83
C GLY A 42 -3.71 4.93 5.59
N TYR A 43 -2.86 5.91 5.40
CA TYR A 43 -2.98 6.81 4.22
C TYR A 43 -1.64 6.87 3.48
N ILE A 44 -1.68 6.89 2.18
CA ILE A 44 -0.43 6.96 1.36
C ILE A 44 -0.45 8.26 0.56
N GLU A 45 0.64 8.96 0.50
CA GLU A 45 0.66 10.26 -0.27
C GLU A 45 1.92 10.32 -1.13
N ASP A 46 1.83 11.03 -2.23
CA ASP A 46 3.01 11.15 -3.15
C ASP A 46 3.03 12.55 -3.77
N ASP A 47 3.55 12.67 -4.96
CA ASP A 47 3.61 14.00 -5.63
C ASP A 47 2.29 14.27 -6.37
N THR A 48 1.37 13.33 -6.34
CA THR A 48 0.06 13.52 -7.03
C THR A 48 -1.02 13.83 -6.00
N ALA A 49 -1.30 12.91 -5.11
CA ALA A 49 -2.35 13.17 -4.08
C ALA A 49 -2.25 12.12 -2.97
N ARG A 50 -3.37 11.79 -2.37
CA ARG A 50 -3.36 10.78 -1.27
C ARG A 50 -4.58 9.87 -1.37
N ILE A 51 -4.47 8.65 -0.92
CA ILE A 51 -5.64 7.71 -1.00
C ILE A 51 -5.61 6.72 0.17
N ARG A 52 -6.74 6.14 0.49
CA ARG A 52 -6.79 5.17 1.63
C ARG A 52 -6.09 3.88 1.22
N ILE A 53 -5.45 3.21 2.16
CA ILE A 53 -4.76 1.92 1.84
C ILE A 53 -5.03 0.88 2.92
N SER A 54 -5.05 -0.38 2.56
CA SER A 54 -5.31 -1.45 3.55
C SER A 54 -4.42 -2.65 3.23
N SER A 55 -3.85 -3.27 4.23
CA SER A 55 -2.97 -4.47 3.99
C SER A 55 -3.40 -5.60 4.92
N PHE A 56 -3.53 -6.79 4.40
CA PHE A 56 -3.96 -7.95 5.23
C PHE A 56 -2.76 -8.70 5.80
N GLY A 57 -2.71 -8.83 7.10
CA GLY A 57 -1.58 -9.58 7.74
C GLY A 57 -0.30 -8.73 7.75
N LYS A 58 0.12 -8.26 6.61
CA LYS A 58 1.37 -7.46 6.57
C LYS A 58 1.13 -6.08 7.22
N GLN A 59 2.02 -5.69 8.10
CA GLN A 59 1.88 -4.37 8.78
C GLN A 59 2.71 -3.31 8.07
N LEU A 60 2.34 -2.06 8.21
CA LEU A 60 3.10 -0.95 7.54
C LEU A 60 3.55 0.04 8.61
N GLN A 61 4.65 0.73 8.37
CA GLN A 61 5.18 1.70 9.36
C GLN A 61 4.86 3.13 8.92
N ASP A 62 4.89 4.06 9.83
CA ASP A 62 4.58 5.47 9.50
C ASP A 62 5.63 6.07 8.56
N SER A 63 5.22 7.01 7.73
CA SER A 63 6.15 7.67 6.77
C SER A 63 7.15 6.66 6.21
N ASP A 64 6.69 5.48 5.87
CA ASP A 64 7.61 4.44 5.32
C ASP A 64 7.67 4.55 3.79
N VAL A 65 8.83 4.79 3.25
CA VAL A 65 8.95 4.91 1.78
C VAL A 65 8.99 3.51 1.17
N VAL A 66 7.96 3.10 0.47
CA VAL A 66 7.94 1.73 -0.12
C VAL A 66 7.25 1.76 -1.49
N ARG A 67 7.37 0.68 -2.22
CA ARG A 67 6.73 0.58 -3.57
C ARG A 67 5.73 -0.57 -3.54
N ILE A 68 4.50 -0.30 -3.87
CA ILE A 68 3.47 -1.39 -3.87
C ILE A 68 3.20 -1.80 -5.31
N ASP A 69 3.32 -3.06 -5.61
CA ASP A 69 3.07 -3.56 -6.99
C ASP A 69 1.89 -4.53 -7.00
N ASN A 70 1.07 -4.45 -8.02
CA ASN A 70 -0.11 -5.35 -8.14
C ASN A 70 -1.10 -5.06 -7.02
N ALA A 71 -1.25 -3.80 -6.67
CA ALA A 71 -2.21 -3.43 -5.60
C ALA A 71 -3.64 -3.57 -6.13
N ARG A 72 -4.53 -4.11 -5.33
CA ARG A 72 -5.94 -4.30 -5.79
C ARG A 72 -6.75 -3.03 -5.52
N VAL A 73 -7.30 -2.44 -6.55
CA VAL A 73 -8.11 -1.20 -6.37
C VAL A 73 -9.53 -1.57 -5.96
N ALA A 74 -10.06 -0.89 -4.97
CA ALA A 74 -11.45 -1.20 -4.51
C ALA A 74 -12.20 0.11 -4.27
N GLN A 75 -13.52 0.07 -4.35
CA GLN A 75 -14.34 1.31 -4.14
C GLN A 75 -15.21 1.12 -2.90
N PHE A 76 -14.93 1.85 -1.85
CA PHE A 76 -15.74 1.73 -0.59
C PHE A 76 -16.46 3.05 -0.30
N ASN A 77 -17.75 2.99 -0.13
CA ASN A 77 -18.55 4.22 0.17
C ASN A 77 -18.31 5.27 -0.92
N GLY A 78 -18.09 4.85 -2.13
CA GLY A 78 -17.88 5.84 -3.23
C GLY A 78 -16.45 6.36 -3.19
N TYR A 79 -15.64 5.86 -2.29
CA TYR A 79 -14.21 6.33 -2.19
C TYR A 79 -13.26 5.22 -2.63
N LEU A 80 -12.30 5.56 -3.45
CA LEU A 80 -11.34 4.55 -3.94
C LEU A 80 -10.30 4.22 -2.86
N SER A 81 -9.83 3.00 -2.86
CA SER A 81 -8.81 2.59 -1.85
C SER A 81 -7.95 1.47 -2.44
N LEU A 82 -6.77 1.26 -1.91
CA LEU A 82 -5.88 0.17 -2.44
C LEU A 82 -5.75 -0.92 -1.39
N SER A 83 -6.04 -2.14 -1.77
CA SER A 83 -5.94 -3.29 -0.82
C SER A 83 -4.72 -4.14 -1.18
N VAL A 84 -3.83 -4.33 -0.24
CA VAL A 84 -2.60 -5.14 -0.53
C VAL A 84 -2.79 -6.56 0.00
N GLY A 85 -2.88 -7.52 -0.88
CA GLY A 85 -3.08 -8.93 -0.46
C GLY A 85 -1.75 -9.69 -0.48
N ASP A 86 -1.80 -10.97 -0.27
CA ASP A 86 -0.56 -11.80 -0.26
C ASP A 86 0.03 -11.83 -1.68
N SER A 87 -0.80 -11.83 -2.68
CA SER A 87 -0.30 -11.87 -4.08
C SER A 87 0.43 -10.56 -4.41
N SER A 88 0.23 -9.55 -3.61
CA SER A 88 0.90 -8.25 -3.89
C SER A 88 2.37 -8.33 -3.50
N ARG A 89 3.19 -7.46 -4.04
CA ARG A 89 4.65 -7.46 -3.71
C ARG A 89 5.05 -6.09 -3.19
N ILE A 90 5.80 -6.06 -2.11
CA ILE A 90 6.24 -4.75 -1.52
C ILE A 90 7.77 -4.67 -1.54
N GLU A 91 8.31 -3.57 -2.00
CA GLU A 91 9.80 -3.40 -2.04
C GLU A 91 10.18 -2.16 -1.24
N SER A 92 11.14 -2.30 -0.36
CA SER A 92 11.57 -1.15 0.47
C SER A 92 12.32 -0.13 -0.39
N VAL A 93 12.20 1.14 -0.06
CA VAL A 93 12.91 2.20 -0.85
C VAL A 93 13.72 3.08 0.11
N ASN A 94 14.96 3.33 -0.25
CA ASN A 94 15.84 4.19 0.60
C ASN A 94 16.08 3.54 1.97
N VAL A 95 16.63 4.29 2.90
CA VAL A 95 16.92 3.73 4.26
C VAL A 95 15.86 4.21 5.25
N ASN A 96 15.29 3.29 5.99
CA ASN A 96 14.25 3.66 7.00
C ASN A 96 14.87 3.65 8.39
N ILE A 97 14.08 3.40 9.41
CA ILE A 97 14.61 3.37 10.80
C ILE A 97 14.54 1.94 11.36
N PRO A 98 15.50 1.10 11.03
CA PRO A 98 15.53 -0.30 11.51
C PRO A 98 15.86 -0.39 13.01
N LEU A 99 15.46 -1.46 13.64
CA LEU A 99 15.73 -1.64 15.09
C LEU A 99 15.44 -0.33 15.84
N GLU A 100 14.19 0.00 15.97
CA GLU A 100 13.79 1.25 16.68
C GLU A 100 13.33 0.89 18.10
N HIS A 101 13.47 -0.36 18.47
CA HIS A 101 13.04 -0.78 19.83
C HIS A 101 13.52 0.22 20.88
N HIS A 102 12.65 1.12 21.27
CA HIS A 102 13.02 2.15 22.30
C HIS A 102 14.42 2.70 22.05
N HIS A 103 14.96 3.40 23.01
CA HIS A 103 16.32 3.96 22.86
C HIS A 103 16.97 4.14 24.23
N HIS A 104 18.23 3.82 24.35
CA HIS A 104 18.94 3.97 25.64
C HIS A 104 20.43 3.70 25.42
N HIS A 105 21.01 4.34 24.42
CA HIS A 105 22.45 4.13 24.13
C HIS A 105 23.31 4.69 25.27
N HIS A 106 22.92 5.82 25.81
CA HIS A 106 23.71 6.44 26.92
C HIS A 106 23.68 5.52 28.15
N SER A 1 2.57 -5.73 -14.59
CA SER A 1 2.04 -4.54 -13.84
C SER A 1 2.52 -3.26 -14.54
N ASP A 2 2.34 -2.13 -13.90
CA ASP A 2 2.78 -0.85 -14.53
C ASP A 2 2.61 0.28 -13.52
N LEU A 3 3.46 1.27 -13.58
CA LEU A 3 3.37 2.39 -12.61
C LEU A 3 2.33 3.40 -13.08
N VAL A 4 1.44 3.78 -12.19
CA VAL A 4 0.37 4.78 -12.55
C VAL A 4 0.23 5.80 -11.42
N LYS A 5 -0.41 6.89 -11.70
CA LYS A 5 -0.59 7.95 -10.66
C LYS A 5 -1.73 7.58 -9.71
N ILE A 6 -1.71 8.12 -8.52
CA ILE A 6 -2.79 7.82 -7.53
C ILE A 6 -4.13 8.35 -8.07
N ARG A 7 -4.14 9.53 -8.61
CA ARG A 7 -5.40 10.11 -9.14
C ARG A 7 -5.88 9.30 -10.35
N ASP A 8 -5.02 8.48 -10.90
CA ASP A 8 -5.41 7.65 -12.08
C ASP A 8 -5.99 6.33 -11.59
N VAL A 9 -6.04 6.14 -10.30
CA VAL A 9 -6.58 4.85 -9.76
C VAL A 9 -8.08 4.75 -10.05
N SER A 10 -8.51 3.62 -10.55
CA SER A 10 -9.96 3.45 -10.86
C SER A 10 -10.30 1.96 -10.90
N LEU A 11 -11.56 1.64 -10.97
CA LEU A 11 -11.98 0.22 -11.03
C LEU A 11 -11.46 -0.41 -12.33
N SER A 12 -11.43 0.35 -13.39
CA SER A 12 -10.96 -0.20 -14.68
C SER A 12 -9.53 -0.73 -14.53
N THR A 13 -8.82 -0.28 -13.52
CA THR A 13 -7.42 -0.75 -13.29
C THR A 13 -7.37 -1.56 -11.99
N PRO A 14 -7.79 -2.81 -12.03
CA PRO A 14 -7.81 -3.69 -10.81
C PRO A 14 -6.40 -4.03 -10.31
N TYR A 15 -5.42 -3.99 -11.19
CA TYR A 15 -4.02 -4.31 -10.78
C TYR A 15 -3.11 -3.16 -11.19
N VAL A 16 -2.60 -2.42 -10.22
CA VAL A 16 -1.71 -1.28 -10.55
C VAL A 16 -0.59 -1.17 -9.53
N SER A 17 0.47 -0.47 -9.88
CA SER A 17 1.62 -0.30 -8.93
C SER A 17 1.76 1.18 -8.59
N VAL A 18 1.97 1.51 -7.34
CA VAL A 18 2.12 2.95 -6.94
C VAL A 18 3.28 3.10 -5.96
N ILE A 19 3.77 4.31 -5.81
CA ILE A 19 4.90 4.55 -4.86
C ILE A 19 4.66 5.86 -4.11
N GLY A 20 4.97 5.91 -2.85
CA GLY A 20 4.75 7.18 -2.10
C GLY A 20 5.10 6.98 -0.62
N LYS A 21 4.69 7.91 0.22
CA LYS A 21 5.00 7.80 1.67
C LYS A 21 3.74 7.41 2.44
N ILE A 22 3.83 6.41 3.28
CA ILE A 22 2.65 5.97 4.06
C ILE A 22 2.75 6.48 5.50
N THR A 23 1.66 7.03 6.01
CA THR A 23 1.67 7.56 7.41
C THR A 23 0.39 7.12 8.13
N GLY A 24 0.41 7.14 9.45
CA GLY A 24 -0.81 6.73 10.23
C GLY A 24 -0.71 5.25 10.60
N ILE A 25 -1.10 4.37 9.71
CA ILE A 25 -1.06 2.91 10.00
C ILE A 25 -1.84 2.59 11.27
N HIS A 26 -2.99 1.98 11.10
CA HIS A 26 -3.85 1.60 12.26
C HIS A 26 -4.24 0.13 12.14
N LYS A 27 -4.21 -0.60 13.22
CA LYS A 27 -4.55 -2.04 13.16
C LYS A 27 -6.05 -2.25 13.40
N LYS A 28 -6.67 -3.10 12.62
CA LYS A 28 -8.13 -3.36 12.79
C LYS A 28 -8.42 -4.81 12.40
N GLU A 29 -9.44 -5.42 12.98
CA GLU A 29 -9.77 -6.84 12.65
C GLU A 29 -11.17 -6.91 12.04
N TYR A 30 -11.37 -7.81 11.10
CA TYR A 30 -12.71 -7.92 10.44
C TYR A 30 -13.01 -9.38 10.11
N GLU A 31 -14.25 -9.71 9.88
CA GLU A 31 -14.62 -11.11 9.54
C GLU A 31 -14.33 -11.37 8.06
N SER A 32 -13.84 -12.54 7.73
CA SER A 32 -13.54 -12.87 6.30
C SER A 32 -13.84 -14.34 6.03
N ASP A 33 -14.92 -14.62 5.33
CA ASP A 33 -15.28 -16.03 5.03
C ASP A 33 -15.45 -16.83 6.32
N GLY A 34 -15.92 -16.21 7.37
CA GLY A 34 -16.12 -16.94 8.66
C GLY A 34 -14.82 -17.00 9.44
N THR A 35 -13.78 -16.34 8.96
CA THR A 35 -12.48 -16.34 9.68
C THR A 35 -12.02 -14.90 9.92
N THR A 36 -11.70 -14.57 11.14
CA THR A 36 -11.25 -13.18 11.44
C THR A 36 -9.84 -12.95 10.90
N LYS A 37 -9.62 -11.84 10.25
CA LYS A 37 -8.27 -11.53 9.68
C LYS A 37 -7.87 -10.11 10.08
N SER A 38 -6.62 -9.88 10.36
CA SER A 38 -6.18 -8.53 10.76
C SER A 38 -5.84 -7.71 9.51
N VAL A 39 -6.08 -6.42 9.56
CA VAL A 39 -5.77 -5.56 8.37
C VAL A 39 -5.21 -4.22 8.87
N TYR A 40 -4.22 -3.70 8.19
CA TYR A 40 -3.63 -2.41 8.57
C TYR A 40 -4.11 -1.35 7.58
N GLN A 41 -4.60 -0.24 8.06
CA GLN A 41 -5.11 0.84 7.14
C GLN A 41 -4.34 2.12 7.40
N GLY A 42 -4.23 2.97 6.42
CA GLY A 42 -3.50 4.24 6.61
C GLY A 42 -3.70 5.13 5.40
N TYR A 43 -2.95 6.20 5.31
CA TYR A 43 -3.07 7.13 4.15
C TYR A 43 -1.72 7.26 3.45
N ILE A 44 -1.71 7.29 2.14
CA ILE A 44 -0.43 7.42 1.40
C ILE A 44 -0.48 8.72 0.59
N GLU A 45 0.62 9.41 0.48
CA GLU A 45 0.64 10.70 -0.29
C GLU A 45 1.86 10.72 -1.22
N ASP A 46 1.75 11.44 -2.30
CA ASP A 46 2.89 11.52 -3.26
C ASP A 46 2.88 12.90 -3.93
N ASP A 47 3.59 13.03 -5.02
CA ASP A 47 3.63 14.32 -5.75
C ASP A 47 2.23 14.64 -6.29
N THR A 48 1.50 13.63 -6.67
CA THR A 48 0.13 13.86 -7.22
C THR A 48 -0.86 14.16 -6.09
N ALA A 49 -1.43 13.13 -5.50
CA ALA A 49 -2.42 13.35 -4.40
C ALA A 49 -2.25 12.29 -3.32
N ARG A 50 -3.33 11.91 -2.69
CA ARG A 50 -3.25 10.87 -1.61
C ARG A 50 -4.50 9.99 -1.67
N ILE A 51 -4.43 8.80 -1.13
CA ILE A 51 -5.62 7.90 -1.16
C ILE A 51 -5.58 6.91 0.01
N ARG A 52 -6.70 6.33 0.33
CA ARG A 52 -6.76 5.35 1.45
C ARG A 52 -6.10 4.03 1.02
N ILE A 53 -5.43 3.36 1.92
CA ILE A 53 -4.78 2.05 1.58
C ILE A 53 -5.07 1.03 2.67
N SER A 54 -5.06 -0.23 2.34
CA SER A 54 -5.34 -1.28 3.35
C SER A 54 -4.45 -2.49 3.08
N SER A 55 -3.76 -2.97 4.08
CA SER A 55 -2.86 -4.15 3.90
C SER A 55 -3.41 -5.33 4.71
N PHE A 56 -3.71 -6.42 4.05
CA PHE A 56 -4.28 -7.60 4.77
C PHE A 56 -3.18 -8.60 5.12
N GLY A 57 -3.02 -8.90 6.39
CA GLY A 57 -1.98 -9.88 6.80
C GLY A 57 -0.60 -9.23 6.84
N LYS A 58 -0.27 -8.45 5.85
CA LYS A 58 1.07 -7.80 5.84
C LYS A 58 1.08 -6.59 6.77
N GLN A 59 2.15 -6.42 7.51
CA GLN A 59 2.26 -5.27 8.45
C GLN A 59 2.97 -4.10 7.77
N LEU A 60 2.65 -2.89 8.19
CA LEU A 60 3.30 -1.68 7.58
C LEU A 60 3.81 -0.77 8.70
N GLN A 61 4.76 0.07 8.39
CA GLN A 61 5.32 0.99 9.44
C GLN A 61 4.95 2.44 9.10
N ASP A 62 4.56 3.19 10.07
CA ASP A 62 4.14 4.61 9.82
C ASP A 62 5.32 5.45 9.33
N SER A 63 5.04 6.35 8.43
CA SER A 63 6.10 7.23 7.87
C SER A 63 7.21 6.39 7.23
N ASP A 64 6.99 5.96 6.02
CA ASP A 64 8.04 5.15 5.32
C ASP A 64 7.76 5.12 3.82
N VAL A 65 8.73 5.47 3.02
CA VAL A 65 8.53 5.47 1.54
C VAL A 65 8.64 4.04 1.03
N VAL A 66 7.59 3.55 0.40
CA VAL A 66 7.63 2.15 -0.12
C VAL A 66 6.95 2.10 -1.50
N ARG A 67 7.19 1.04 -2.22
CA ARG A 67 6.57 0.87 -3.57
C ARG A 67 5.71 -0.39 -3.55
N ILE A 68 4.47 -0.28 -3.97
CA ILE A 68 3.56 -1.48 -3.97
C ILE A 68 3.34 -1.95 -5.40
N ASP A 69 3.54 -3.22 -5.64
CA ASP A 69 3.35 -3.78 -7.02
C ASP A 69 2.18 -4.77 -7.01
N ASN A 70 1.41 -4.77 -8.07
CA ASN A 70 0.23 -5.69 -8.16
C ASN A 70 -0.78 -5.35 -7.06
N ALA A 71 -1.00 -4.08 -6.81
CA ALA A 71 -1.99 -3.68 -5.77
C ALA A 71 -3.41 -3.92 -6.29
N ARG A 72 -4.34 -4.23 -5.41
CA ARG A 72 -5.75 -4.48 -5.85
C ARG A 72 -6.60 -3.24 -5.57
N VAL A 73 -7.26 -2.74 -6.57
CA VAL A 73 -8.11 -1.52 -6.40
C VAL A 73 -9.53 -1.92 -5.98
N ALA A 74 -10.09 -1.26 -5.02
CA ALA A 74 -11.47 -1.60 -4.57
C ALA A 74 -12.18 -0.31 -4.14
N GLN A 75 -13.49 -0.31 -4.16
CA GLN A 75 -14.26 0.92 -3.76
C GLN A 75 -15.03 0.63 -2.48
N PHE A 76 -14.72 1.34 -1.41
CA PHE A 76 -15.43 1.12 -0.10
C PHE A 76 -15.99 2.44 0.42
N ASN A 77 -17.19 2.42 0.94
CA ASN A 77 -17.83 3.65 1.47
C ASN A 77 -17.90 4.71 0.36
N GLY A 78 -17.86 4.29 -0.88
CA GLY A 78 -17.93 5.26 -2.00
C GLY A 78 -16.56 5.90 -2.21
N TYR A 79 -15.55 5.41 -1.53
CA TYR A 79 -14.18 5.99 -1.68
C TYR A 79 -13.23 4.91 -2.22
N LEU A 80 -12.38 5.29 -3.14
CA LEU A 80 -11.43 4.31 -3.72
C LEU A 80 -10.27 4.06 -2.76
N SER A 81 -9.73 2.86 -2.77
CA SER A 81 -8.59 2.56 -1.86
C SER A 81 -7.77 1.42 -2.47
N LEU A 82 -6.56 1.25 -2.01
CA LEU A 82 -5.68 0.16 -2.56
C LEU A 82 -5.57 -0.96 -1.53
N SER A 83 -5.89 -2.16 -1.93
CA SER A 83 -5.82 -3.32 -0.99
C SER A 83 -4.60 -4.17 -1.35
N VAL A 84 -3.71 -4.38 -0.41
CA VAL A 84 -2.49 -5.20 -0.70
C VAL A 84 -2.72 -6.63 -0.18
N GLY A 85 -2.78 -7.58 -1.07
CA GLY A 85 -3.02 -8.99 -0.65
C GLY A 85 -1.69 -9.76 -0.51
N ASP A 86 -1.77 -11.02 -0.19
CA ASP A 86 -0.54 -11.85 -0.05
C ASP A 86 0.14 -12.01 -1.41
N SER A 87 -0.61 -11.94 -2.47
CA SER A 87 -0.02 -12.10 -3.83
C SER A 87 0.66 -10.79 -4.25
N SER A 88 0.50 -9.76 -3.46
CA SER A 88 1.14 -8.46 -3.81
C SER A 88 2.59 -8.44 -3.35
N ARG A 89 3.37 -7.50 -3.83
CA ARG A 89 4.81 -7.42 -3.40
C ARG A 89 5.12 -6.00 -2.92
N ILE A 90 5.90 -5.88 -1.87
CA ILE A 90 6.25 -4.52 -1.34
C ILE A 90 7.76 -4.34 -1.36
N GLU A 91 8.22 -3.23 -1.88
CA GLU A 91 9.70 -2.96 -1.92
C GLU A 91 9.98 -1.63 -1.23
N SER A 92 10.72 -1.67 -0.15
CA SER A 92 11.02 -0.42 0.59
C SER A 92 12.11 0.36 -0.14
N VAL A 93 11.99 1.67 -0.20
CA VAL A 93 13.04 2.51 -0.87
C VAL A 93 13.46 3.64 0.05
N ASN A 94 14.73 3.83 0.23
CA ASN A 94 15.23 4.92 1.11
C ASN A 94 15.79 6.05 0.25
N VAL A 95 16.48 5.72 -0.82
CA VAL A 95 17.04 6.79 -1.71
C VAL A 95 17.09 6.29 -3.16
N ASN A 96 18.15 6.60 -3.86
CA ASN A 96 18.29 6.16 -5.28
C ASN A 96 18.78 4.71 -5.31
N ILE A 97 20.04 4.50 -5.07
CA ILE A 97 20.60 3.12 -5.09
C ILE A 97 21.68 2.99 -4.01
N PRO A 98 21.28 2.99 -2.77
CA PRO A 98 22.22 2.87 -1.62
C PRO A 98 22.68 1.42 -1.46
N LEU A 99 22.09 0.51 -2.20
CA LEU A 99 22.48 -0.91 -2.09
C LEU A 99 23.70 -1.20 -2.97
N GLU A 100 24.72 -1.80 -2.39
CA GLU A 100 25.94 -2.13 -3.17
C GLU A 100 26.61 -3.34 -2.50
N HIS A 101 26.01 -3.84 -1.45
CA HIS A 101 26.59 -5.02 -0.75
C HIS A 101 26.56 -6.24 -1.67
N HIS A 102 25.48 -6.43 -2.39
CA HIS A 102 25.37 -7.61 -3.30
C HIS A 102 25.47 -7.14 -4.75
N HIS A 103 26.29 -7.79 -5.54
CA HIS A 103 26.43 -7.40 -6.97
C HIS A 103 26.79 -8.61 -7.82
N HIS A 104 26.69 -8.49 -9.12
CA HIS A 104 27.02 -9.64 -10.00
C HIS A 104 26.27 -10.90 -9.53
N HIS A 105 25.36 -10.74 -8.60
CA HIS A 105 24.58 -11.92 -8.09
C HIS A 105 23.10 -11.55 -8.00
N HIS A 106 22.24 -12.51 -8.26
CA HIS A 106 20.78 -12.23 -8.19
C HIS A 106 20.03 -13.56 -8.31
N SER A 1 0.55 -4.71 -14.41
CA SER A 1 0.70 -3.90 -13.17
C SER A 1 1.83 -2.88 -13.38
N ASP A 2 1.60 -1.91 -14.23
CA ASP A 2 2.65 -0.88 -14.50
C ASP A 2 2.60 0.22 -13.45
N LEU A 3 3.57 1.09 -13.47
CA LEU A 3 3.60 2.19 -12.46
C LEU A 3 2.68 3.33 -12.91
N VAL A 4 1.80 3.77 -12.04
CA VAL A 4 0.86 4.88 -12.40
C VAL A 4 0.73 5.84 -11.23
N LYS A 5 0.23 7.02 -11.50
CA LYS A 5 0.06 8.03 -10.43
C LYS A 5 -1.16 7.71 -9.58
N ILE A 6 -1.22 8.24 -8.39
CA ILE A 6 -2.37 8.00 -7.49
C ILE A 6 -3.65 8.57 -8.10
N ARG A 7 -3.57 9.76 -8.65
CA ARG A 7 -4.77 10.39 -9.25
C ARG A 7 -5.24 9.60 -10.48
N ASP A 8 -4.39 8.78 -11.02
CA ASP A 8 -4.79 7.98 -12.22
C ASP A 8 -5.49 6.69 -11.77
N VAL A 9 -5.58 6.49 -10.49
CA VAL A 9 -6.24 5.24 -9.98
C VAL A 9 -7.72 5.25 -10.32
N SER A 10 -8.21 4.15 -10.83
CA SER A 10 -9.65 4.06 -11.19
C SER A 10 -10.08 2.59 -11.20
N LEU A 11 -11.36 2.35 -11.24
CA LEU A 11 -11.87 0.95 -11.26
C LEU A 11 -11.40 0.25 -12.54
N SER A 12 -11.32 0.98 -13.61
CA SER A 12 -10.88 0.37 -14.90
C SER A 12 -9.49 -0.25 -14.71
N THR A 13 -8.78 0.15 -13.69
CA THR A 13 -7.42 -0.42 -13.43
C THR A 13 -7.44 -1.19 -12.10
N PRO A 14 -7.91 -2.41 -12.11
CA PRO A 14 -7.98 -3.26 -10.88
C PRO A 14 -6.59 -3.73 -10.46
N TYR A 15 -5.63 -3.62 -11.33
CA TYR A 15 -4.23 -4.04 -11.00
C TYR A 15 -3.28 -2.91 -11.35
N VAL A 16 -2.72 -2.28 -10.34
CA VAL A 16 -1.78 -1.15 -10.62
C VAL A 16 -0.65 -1.12 -9.59
N SER A 17 0.41 -0.44 -9.90
CA SER A 17 1.57 -0.34 -8.96
C SER A 17 1.75 1.12 -8.55
N VAL A 18 1.98 1.39 -7.29
CA VAL A 18 2.16 2.79 -6.82
C VAL A 18 3.37 2.90 -5.90
N ILE A 19 3.87 4.10 -5.74
CA ILE A 19 5.05 4.32 -4.86
C ILE A 19 4.92 5.66 -4.15
N GLY A 20 5.16 5.68 -2.86
CA GLY A 20 5.04 6.96 -2.12
C GLY A 20 5.32 6.73 -0.64
N LYS A 21 4.91 7.67 0.18
CA LYS A 21 5.14 7.54 1.66
C LYS A 21 3.84 7.21 2.37
N ILE A 22 3.88 6.26 3.28
CA ILE A 22 2.66 5.85 4.02
C ILE A 22 2.68 6.43 5.43
N THR A 23 1.60 7.05 5.83
CA THR A 23 1.50 7.65 7.19
C THR A 23 0.17 7.27 7.82
N GLY A 24 0.07 7.42 9.12
CA GLY A 24 -1.21 7.08 9.83
C GLY A 24 -1.11 5.66 10.42
N ILE A 25 -1.23 4.67 9.59
CA ILE A 25 -1.15 3.25 10.06
C ILE A 25 -2.21 2.99 11.14
N HIS A 26 -3.07 2.05 10.90
CA HIS A 26 -4.14 1.70 11.88
C HIS A 26 -4.38 0.20 11.86
N LYS A 27 -4.56 -0.40 13.01
CA LYS A 27 -4.80 -1.87 13.08
C LYS A 27 -6.28 -2.16 13.35
N LYS A 28 -6.86 -3.02 12.57
CA LYS A 28 -8.31 -3.36 12.75
C LYS A 28 -8.53 -4.83 12.44
N GLU A 29 -9.66 -5.36 12.83
CA GLU A 29 -9.96 -6.81 12.56
C GLU A 29 -11.23 -6.93 11.72
N TYR A 30 -11.30 -7.92 10.88
CA TYR A 30 -12.50 -8.10 10.01
C TYR A 30 -12.81 -9.59 9.85
N GLU A 31 -14.00 -9.90 9.43
CA GLU A 31 -14.39 -11.33 9.24
C GLU A 31 -14.01 -11.79 7.84
N SER A 32 -13.08 -12.72 7.74
CA SER A 32 -12.64 -13.24 6.42
C SER A 32 -13.11 -14.69 6.25
N ASP A 33 -14.09 -14.90 5.42
CA ASP A 33 -14.61 -16.28 5.18
C ASP A 33 -15.01 -16.94 6.50
N GLY A 34 -15.41 -16.15 7.47
CA GLY A 34 -15.82 -16.72 8.79
C GLY A 34 -14.60 -16.82 9.71
N THR A 35 -13.50 -16.26 9.30
CA THR A 35 -12.25 -16.30 10.14
C THR A 35 -11.77 -14.88 10.40
N THR A 36 -11.56 -14.54 11.65
CA THR A 36 -11.11 -13.17 11.98
C THR A 36 -9.65 -12.97 11.57
N LYS A 37 -9.36 -11.90 10.89
CA LYS A 37 -7.95 -11.63 10.45
C LYS A 37 -7.64 -10.15 10.67
N SER A 38 -6.40 -9.86 10.99
CA SER A 38 -6.02 -8.44 11.24
C SER A 38 -5.74 -7.73 9.90
N VAL A 39 -6.01 -6.44 9.85
CA VAL A 39 -5.78 -5.68 8.59
C VAL A 39 -5.18 -4.31 8.93
N TYR A 40 -4.21 -3.88 8.17
CA TYR A 40 -3.56 -2.56 8.41
C TYR A 40 -4.06 -1.55 7.39
N GLN A 41 -4.45 -0.38 7.83
CA GLN A 41 -4.95 0.67 6.90
C GLN A 41 -4.21 1.98 7.16
N GLY A 42 -4.16 2.84 6.19
CA GLY A 42 -3.45 4.13 6.39
C GLY A 42 -3.60 5.01 5.16
N TYR A 43 -2.78 6.04 5.07
CA TYR A 43 -2.86 6.97 3.90
C TYR A 43 -1.52 6.99 3.17
N ILE A 44 -1.55 7.10 1.87
CA ILE A 44 -0.29 7.13 1.07
C ILE A 44 -0.36 8.29 0.10
N GLU A 45 0.71 9.05 -0.01
CA GLU A 45 0.69 10.24 -0.93
C GLU A 45 2.02 10.37 -1.65
N ASP A 46 2.01 10.98 -2.80
CA ASP A 46 3.28 11.16 -3.58
C ASP A 46 3.18 12.40 -4.44
N ASP A 47 3.75 13.49 -3.99
CA ASP A 47 3.72 14.80 -4.73
C ASP A 47 2.68 14.76 -5.87
N THR A 48 1.46 14.51 -5.51
CA THR A 48 0.37 14.43 -6.51
C THR A 48 -0.97 14.40 -5.77
N ALA A 49 -1.13 13.47 -4.88
CA ALA A 49 -2.42 13.39 -4.12
C ALA A 49 -2.29 12.33 -3.02
N ARG A 50 -3.40 11.96 -2.42
CA ARG A 50 -3.38 10.94 -1.34
C ARG A 50 -4.57 9.98 -1.49
N ILE A 51 -4.40 8.76 -1.05
CA ILE A 51 -5.51 7.76 -1.15
C ILE A 51 -5.42 6.79 0.03
N ARG A 52 -6.54 6.24 0.41
CA ARG A 52 -6.56 5.28 1.56
C ARG A 52 -6.05 3.93 1.09
N ILE A 53 -5.40 3.20 1.97
CA ILE A 53 -4.86 1.85 1.59
C ILE A 53 -5.22 0.84 2.66
N SER A 54 -5.22 -0.42 2.30
CA SER A 54 -5.56 -1.49 3.28
C SER A 54 -4.76 -2.75 2.95
N SER A 55 -4.07 -3.28 3.94
CA SER A 55 -3.24 -4.51 3.71
C SER A 55 -3.69 -5.60 4.67
N PHE A 56 -3.77 -6.83 4.19
CA PHE A 56 -4.22 -7.95 5.05
C PHE A 56 -3.03 -8.73 5.62
N GLY A 57 -2.90 -8.76 6.92
CA GLY A 57 -1.78 -9.52 7.56
C GLY A 57 -0.43 -8.82 7.39
N LYS A 58 -0.31 -7.93 6.44
CA LYS A 58 0.99 -7.24 6.24
C LYS A 58 1.12 -6.05 7.20
N GLN A 59 2.29 -5.89 7.77
CA GLN A 59 2.51 -4.78 8.73
C GLN A 59 3.16 -3.58 8.01
N LEU A 60 2.75 -2.39 8.35
CA LEU A 60 3.32 -1.17 7.70
C LEU A 60 3.75 -0.17 8.77
N GLN A 61 4.71 0.66 8.47
CA GLN A 61 5.20 1.67 9.45
C GLN A 61 4.85 3.08 8.96
N ASP A 62 4.75 4.00 9.87
CA ASP A 62 4.40 5.41 9.50
C ASP A 62 5.57 6.09 8.78
N SER A 63 5.26 6.98 7.88
CA SER A 63 6.31 7.70 7.12
C SER A 63 7.25 6.69 6.47
N ASP A 64 6.72 5.56 6.08
CA ASP A 64 7.58 4.51 5.45
C ASP A 64 7.47 4.59 3.91
N VAL A 65 8.56 4.93 3.26
CA VAL A 65 8.55 5.02 1.77
C VAL A 65 8.76 3.65 1.16
N VAL A 66 7.78 3.18 0.43
CA VAL A 66 7.91 1.83 -0.21
C VAL A 66 7.12 1.82 -1.51
N ARG A 67 7.22 0.73 -2.25
CA ARG A 67 6.49 0.61 -3.55
C ARG A 67 5.59 -0.62 -3.50
N ILE A 68 4.35 -0.48 -3.89
CA ILE A 68 3.39 -1.63 -3.87
C ILE A 68 3.13 -2.08 -5.30
N ASP A 69 3.34 -3.35 -5.56
CA ASP A 69 3.11 -3.90 -6.93
C ASP A 69 1.91 -4.84 -6.89
N ASN A 70 1.23 -4.98 -8.01
CA ASN A 70 0.03 -5.87 -8.08
C ASN A 70 -1.02 -5.40 -7.08
N ALA A 71 -1.12 -4.12 -6.88
CA ALA A 71 -2.14 -3.58 -5.93
C ALA A 71 -3.54 -3.83 -6.47
N ARG A 72 -4.47 -4.12 -5.60
CA ARG A 72 -5.88 -4.39 -6.05
C ARG A 72 -6.77 -3.19 -5.71
N VAL A 73 -7.34 -2.59 -6.72
CA VAL A 73 -8.20 -1.39 -6.51
C VAL A 73 -9.65 -1.83 -6.27
N ALA A 74 -10.26 -1.31 -5.24
CA ALA A 74 -11.68 -1.68 -4.96
C ALA A 74 -12.35 -0.53 -4.22
N GLN A 75 -13.66 -0.47 -4.28
CA GLN A 75 -14.41 0.63 -3.60
C GLN A 75 -14.98 0.11 -2.28
N PHE A 76 -14.67 0.79 -1.19
CA PHE A 76 -15.19 0.36 0.15
C PHE A 76 -16.11 1.45 0.69
N ASN A 77 -17.25 1.06 1.19
CA ASN A 77 -18.23 2.05 1.76
C ASN A 77 -18.79 2.92 0.63
N GLY A 78 -17.95 3.67 -0.01
CA GLY A 78 -18.40 4.56 -1.10
C GLY A 78 -17.21 5.38 -1.59
N TYR A 79 -16.02 4.84 -1.48
CA TYR A 79 -14.81 5.58 -1.92
C TYR A 79 -13.77 4.61 -2.46
N LEU A 80 -12.90 5.07 -3.32
CA LEU A 80 -11.85 4.19 -3.90
C LEU A 80 -10.65 4.05 -2.96
N SER A 81 -10.04 2.90 -2.94
CA SER A 81 -8.86 2.69 -2.07
C SER A 81 -8.04 1.53 -2.62
N LEU A 82 -6.80 1.40 -2.19
CA LEU A 82 -5.94 0.30 -2.70
C LEU A 82 -5.88 -0.84 -1.68
N SER A 83 -6.12 -2.05 -2.12
CA SER A 83 -6.08 -3.22 -1.19
C SER A 83 -4.86 -4.08 -1.51
N VAL A 84 -4.02 -4.29 -0.53
CA VAL A 84 -2.79 -5.12 -0.73
C VAL A 84 -3.05 -6.53 -0.23
N GLY A 85 -3.14 -7.46 -1.14
CA GLY A 85 -3.41 -8.89 -0.76
C GLY A 85 -2.11 -9.67 -0.59
N ASP A 86 -2.22 -10.94 -0.36
CA ASP A 86 -1.00 -11.80 -0.18
C ASP A 86 -0.28 -11.97 -1.52
N SER A 87 -0.94 -11.74 -2.62
CA SER A 87 -0.28 -11.89 -3.94
C SER A 87 0.47 -10.61 -4.28
N SER A 88 0.27 -9.58 -3.51
CA SER A 88 0.95 -8.29 -3.78
C SER A 88 2.39 -8.33 -3.28
N ARG A 89 3.21 -7.43 -3.75
CA ARG A 89 4.64 -7.39 -3.32
C ARG A 89 5.01 -5.97 -2.87
N ILE A 90 5.71 -5.86 -1.78
CA ILE A 90 6.12 -4.52 -1.27
C ILE A 90 7.64 -4.42 -1.30
N GLU A 91 8.15 -3.35 -1.86
CA GLU A 91 9.63 -3.15 -1.94
C GLU A 91 10.01 -1.87 -1.21
N SER A 92 11.01 -1.95 -0.38
CA SER A 92 11.44 -0.75 0.40
C SER A 92 12.20 0.22 -0.50
N VAL A 93 12.09 1.50 -0.22
CA VAL A 93 12.81 2.53 -1.04
C VAL A 93 13.74 3.31 -0.13
N ASN A 94 14.96 3.48 -0.54
CA ASN A 94 15.94 4.24 0.28
C ASN A 94 15.90 5.72 -0.08
N VAL A 95 16.12 6.57 0.88
CA VAL A 95 16.10 8.03 0.63
C VAL A 95 17.47 8.47 0.10
N ASN A 96 18.44 8.57 0.98
CA ASN A 96 19.81 8.99 0.54
C ASN A 96 20.86 8.44 1.52
N ILE A 97 21.58 7.43 1.11
CA ILE A 97 22.64 6.84 1.99
C ILE A 97 22.11 6.72 3.43
N PRO A 98 21.29 5.73 3.69
CA PRO A 98 20.70 5.49 5.04
C PRO A 98 21.77 5.25 6.11
N LEU A 99 21.52 5.72 7.30
CA LEU A 99 22.51 5.54 8.40
C LEU A 99 22.68 4.03 8.67
N GLU A 100 21.60 3.32 8.72
CA GLU A 100 21.68 1.86 9.00
C GLU A 100 22.56 1.18 7.95
N HIS A 101 23.44 0.30 8.40
CA HIS A 101 24.36 -0.39 7.45
C HIS A 101 23.93 -1.85 7.31
N HIS A 102 23.90 -2.34 6.10
CA HIS A 102 23.51 -3.76 5.85
C HIS A 102 24.41 -4.70 6.64
N HIS A 103 25.62 -4.90 6.17
CA HIS A 103 26.56 -5.82 6.87
C HIS A 103 25.87 -7.17 7.08
N HIS A 104 24.84 -7.43 6.32
CA HIS A 104 24.11 -8.72 6.45
C HIS A 104 23.89 -9.05 7.94
N HIS A 105 24.55 -10.07 8.42
CA HIS A 105 24.43 -10.46 9.85
C HIS A 105 25.82 -10.55 10.46
N HIS A 106 26.84 -10.25 9.69
CA HIS A 106 28.22 -10.30 10.21
C HIS A 106 28.59 -8.95 10.84
N SER A 1 -0.55 -3.26 -11.33
CA SER A 1 0.64 -3.85 -12.01
C SER A 1 1.49 -2.72 -12.59
N ASP A 2 1.04 -2.14 -13.67
CA ASP A 2 1.81 -1.04 -14.31
C ASP A 2 1.87 0.19 -13.39
N LEU A 3 2.96 0.91 -13.43
CA LEU A 3 3.10 2.11 -12.57
C LEU A 3 2.19 3.22 -13.08
N VAL A 4 1.31 3.69 -12.22
CA VAL A 4 0.37 4.79 -12.63
C VAL A 4 0.25 5.80 -11.50
N LYS A 5 -0.25 6.97 -11.81
CA LYS A 5 -0.41 8.03 -10.77
C LYS A 5 -1.61 7.71 -9.87
N ILE A 6 -1.61 8.24 -8.68
CA ILE A 6 -2.74 7.99 -7.72
C ILE A 6 -4.04 8.55 -8.31
N ARG A 7 -3.99 9.72 -8.86
CA ARG A 7 -5.22 10.34 -9.43
C ARG A 7 -5.76 9.49 -10.57
N ASP A 8 -4.93 8.72 -11.22
CA ASP A 8 -5.39 7.88 -12.35
C ASP A 8 -6.01 6.59 -11.80
N VAL A 9 -6.04 6.43 -10.51
CA VAL A 9 -6.60 5.18 -9.91
C VAL A 9 -8.11 5.10 -10.18
N SER A 10 -8.55 3.97 -10.65
CA SER A 10 -10.00 3.79 -10.94
C SER A 10 -10.33 2.30 -11.00
N LEU A 11 -11.59 1.97 -11.02
CA LEU A 11 -12.02 0.55 -11.07
C LEU A 11 -11.52 -0.09 -12.36
N SER A 12 -11.46 0.65 -13.42
CA SER A 12 -10.99 0.06 -14.71
C SER A 12 -9.57 -0.45 -14.53
N THR A 13 -8.88 -0.01 -13.51
CA THR A 13 -7.48 -0.46 -13.25
C THR A 13 -7.45 -1.32 -11.98
N PRO A 14 -7.83 -2.58 -12.09
CA PRO A 14 -7.86 -3.50 -10.91
C PRO A 14 -6.45 -3.83 -10.42
N TYR A 15 -5.47 -3.70 -11.28
CA TYR A 15 -4.06 -3.99 -10.87
C TYR A 15 -3.18 -2.79 -11.18
N VAL A 16 -2.72 -2.10 -10.17
CA VAL A 16 -1.85 -0.91 -10.39
C VAL A 16 -0.70 -0.90 -9.40
N SER A 17 0.33 -0.13 -9.69
CA SER A 17 1.51 -0.04 -8.78
C SER A 17 1.75 1.43 -8.43
N VAL A 18 2.00 1.71 -7.18
CA VAL A 18 2.24 3.12 -6.75
C VAL A 18 3.35 3.17 -5.70
N ILE A 19 3.93 4.33 -5.51
CA ILE A 19 5.02 4.48 -4.49
C ILE A 19 4.82 5.78 -3.71
N GLY A 20 5.06 5.74 -2.42
CA GLY A 20 4.87 6.96 -1.60
C GLY A 20 5.20 6.66 -0.14
N LYS A 21 4.76 7.52 0.75
CA LYS A 21 5.04 7.33 2.21
C LYS A 21 3.75 6.88 2.90
N ILE A 22 3.88 6.03 3.88
CA ILE A 22 2.68 5.52 4.62
C ILE A 22 2.43 6.36 5.87
N THR A 23 1.21 6.82 6.06
CA THR A 23 0.89 7.65 7.26
C THR A 23 -0.47 7.23 7.85
N GLY A 24 -0.67 7.52 9.11
CA GLY A 24 -1.96 7.18 9.78
C GLY A 24 -2.15 5.66 9.84
N ILE A 25 -1.32 4.98 10.58
CA ILE A 25 -1.45 3.49 10.68
C ILE A 25 -2.54 3.12 11.67
N HIS A 26 -3.47 2.29 11.25
CA HIS A 26 -4.58 1.86 12.16
C HIS A 26 -4.75 0.35 12.04
N LYS A 27 -5.02 -0.31 13.14
CA LYS A 27 -5.20 -1.79 13.12
C LYS A 27 -6.68 -2.14 13.23
N LYS A 28 -7.15 -3.04 12.42
CA LYS A 28 -8.59 -3.45 12.46
C LYS A 28 -8.70 -4.96 12.26
N GLU A 29 -9.83 -5.52 12.61
CA GLU A 29 -10.05 -6.99 12.45
C GLU A 29 -11.31 -7.25 11.64
N TYR A 30 -11.29 -8.21 10.75
CA TYR A 30 -12.50 -8.51 9.92
C TYR A 30 -12.65 -10.03 9.77
N GLU A 31 -13.83 -10.47 9.46
CA GLU A 31 -14.07 -11.93 9.30
C GLU A 31 -13.75 -12.36 7.88
N SER A 32 -12.70 -13.13 7.71
CA SER A 32 -12.30 -13.61 6.35
C SER A 32 -12.49 -15.12 6.25
N ASP A 33 -13.32 -15.55 5.34
CA ASP A 33 -13.57 -17.02 5.15
C ASP A 33 -14.02 -17.63 6.48
N GLY A 34 -14.68 -16.86 7.31
CA GLY A 34 -15.17 -17.40 8.61
C GLY A 34 -14.06 -17.34 9.65
N THR A 35 -12.93 -16.75 9.33
CA THR A 35 -11.81 -16.66 10.30
C THR A 35 -11.39 -15.19 10.47
N THR A 36 -11.32 -14.74 11.69
CA THR A 36 -10.94 -13.32 11.94
C THR A 36 -9.48 -13.09 11.53
N LYS A 37 -9.25 -12.04 10.77
CA LYS A 37 -7.86 -11.72 10.32
C LYS A 37 -7.57 -10.25 10.56
N SER A 38 -6.37 -9.94 10.94
CA SER A 38 -5.99 -8.53 11.20
C SER A 38 -5.75 -7.80 9.89
N VAL A 39 -6.10 -6.53 9.83
CA VAL A 39 -5.87 -5.74 8.60
C VAL A 39 -5.39 -4.34 8.97
N TYR A 40 -4.42 -3.83 8.26
CA TYR A 40 -3.88 -2.47 8.56
C TYR A 40 -4.41 -1.48 7.53
N GLN A 41 -4.89 -0.36 7.99
CA GLN A 41 -5.43 0.69 7.06
C GLN A 41 -4.73 2.01 7.32
N GLY A 42 -4.57 2.82 6.31
CA GLY A 42 -3.89 4.13 6.51
C GLY A 42 -3.99 4.96 5.24
N TYR A 43 -3.20 6.00 5.16
CA TYR A 43 -3.22 6.90 3.97
C TYR A 43 -1.82 6.97 3.36
N ILE A 44 -1.73 7.02 2.06
CA ILE A 44 -0.41 7.09 1.37
C ILE A 44 -0.35 8.37 0.56
N GLU A 45 0.82 8.98 0.49
CA GLU A 45 0.98 10.26 -0.28
C GLU A 45 2.18 10.18 -1.20
N ASP A 46 2.13 10.87 -2.31
CA ASP A 46 3.27 10.85 -3.27
C ASP A 46 3.31 12.17 -4.04
N ASP A 47 4.08 12.22 -5.10
CA ASP A 47 4.18 13.47 -5.90
C ASP A 47 2.86 13.72 -6.65
N THR A 48 1.97 12.78 -6.65
CA THR A 48 0.66 12.95 -7.35
C THR A 48 -0.39 13.44 -6.36
N ALA A 49 -0.82 12.59 -5.47
CA ALA A 49 -1.85 13.02 -4.48
C ALA A 49 -1.85 12.04 -3.30
N ARG A 50 -3.02 11.72 -2.79
CA ARG A 50 -3.09 10.75 -1.66
C ARG A 50 -4.34 9.87 -1.80
N ILE A 51 -4.28 8.68 -1.27
CA ILE A 51 -5.45 7.76 -1.37
C ILE A 51 -5.47 6.80 -0.18
N ARG A 52 -6.60 6.19 0.08
CA ARG A 52 -6.70 5.24 1.21
C ARG A 52 -6.00 3.93 0.84
N ILE A 53 -5.42 3.26 1.81
CA ILE A 53 -4.73 1.96 1.52
C ILE A 53 -5.08 0.94 2.59
N SER A 54 -5.01 -0.32 2.26
CA SER A 54 -5.32 -1.39 3.24
C SER A 54 -4.42 -2.59 2.98
N SER A 55 -3.80 -3.10 4.03
CA SER A 55 -2.90 -4.28 3.89
C SER A 55 -3.42 -5.43 4.75
N PHE A 56 -3.45 -6.61 4.22
CA PHE A 56 -3.97 -7.79 4.98
C PHE A 56 -2.83 -8.56 5.64
N GLY A 57 -2.88 -8.69 6.94
CA GLY A 57 -1.83 -9.45 7.67
C GLY A 57 -0.50 -8.70 7.65
N LYS A 58 -0.13 -8.17 6.52
CA LYS A 58 1.17 -7.44 6.43
C LYS A 58 1.04 -6.04 7.00
N GLN A 59 1.96 -5.67 7.87
CA GLN A 59 1.94 -4.32 8.50
C GLN A 59 2.77 -3.34 7.67
N LEU A 60 2.58 -2.06 7.92
CA LEU A 60 3.35 -1.01 7.18
C LEU A 60 4.00 -0.08 8.19
N GLN A 61 5.04 0.60 7.78
CA GLN A 61 5.78 1.52 8.71
C GLN A 61 5.45 2.98 8.38
N ASP A 62 5.16 3.75 9.38
CA ASP A 62 4.79 5.17 9.18
C ASP A 62 6.01 5.99 8.72
N SER A 63 5.78 6.94 7.86
CA SER A 63 6.89 7.80 7.35
C SER A 63 7.86 6.94 6.55
N ASP A 64 7.53 5.68 6.37
CA ASP A 64 8.42 4.77 5.60
C ASP A 64 8.04 4.79 4.11
N VAL A 65 9.01 4.89 3.26
CA VAL A 65 8.73 4.91 1.80
C VAL A 65 8.66 3.48 1.28
N VAL A 66 7.54 3.11 0.70
CA VAL A 66 7.38 1.73 0.16
C VAL A 66 6.71 1.78 -1.20
N ARG A 67 6.86 0.73 -1.96
CA ARG A 67 6.24 0.65 -3.32
C ARG A 67 5.36 -0.59 -3.39
N ILE A 68 4.11 -0.42 -3.73
CA ILE A 68 3.18 -1.57 -3.82
C ILE A 68 3.05 -2.00 -5.27
N ASP A 69 3.26 -3.27 -5.52
CA ASP A 69 3.17 -3.81 -6.92
C ASP A 69 1.96 -4.74 -7.01
N ASN A 70 1.23 -4.65 -8.10
CA ASN A 70 0.02 -5.50 -8.30
C ASN A 70 -1.02 -5.19 -7.21
N ALA A 71 -1.16 -3.93 -6.86
CA ALA A 71 -2.16 -3.56 -5.81
C ALA A 71 -3.57 -3.78 -6.36
N ARG A 72 -4.49 -4.11 -5.49
CA ARG A 72 -5.90 -4.36 -5.94
C ARG A 72 -6.76 -3.12 -5.66
N VAL A 73 -7.34 -2.58 -6.69
CA VAL A 73 -8.19 -1.36 -6.53
C VAL A 73 -9.58 -1.76 -6.04
N ALA A 74 -10.09 -1.07 -5.05
CA ALA A 74 -11.45 -1.41 -4.53
C ALA A 74 -12.14 -0.13 -4.06
N GLN A 75 -13.45 -0.14 -4.04
CA GLN A 75 -14.22 1.07 -3.61
C GLN A 75 -14.96 0.77 -2.31
N PHE A 76 -14.65 1.50 -1.27
CA PHE A 76 -15.33 1.28 0.05
C PHE A 76 -16.09 2.54 0.46
N ASN A 77 -17.35 2.40 0.74
CA ASN A 77 -18.19 3.56 1.15
C ASN A 77 -18.13 4.67 0.09
N GLY A 78 -18.00 4.29 -1.15
CA GLY A 78 -17.96 5.30 -2.25
C GLY A 78 -16.57 5.91 -2.35
N TYR A 79 -15.61 5.42 -1.60
CA TYR A 79 -14.22 5.97 -1.65
C TYR A 79 -13.26 4.92 -2.22
N LEU A 80 -12.43 5.33 -3.14
CA LEU A 80 -11.46 4.38 -3.76
C LEU A 80 -10.29 4.13 -2.81
N SER A 81 -9.76 2.93 -2.83
CA SER A 81 -8.62 2.60 -1.94
C SER A 81 -7.81 1.46 -2.56
N LEU A 82 -6.58 1.31 -2.14
CA LEU A 82 -5.71 0.22 -2.71
C LEU A 82 -5.58 -0.90 -1.68
N SER A 83 -6.03 -2.08 -2.03
CA SER A 83 -5.94 -3.24 -1.08
C SER A 83 -4.72 -4.09 -1.44
N VAL A 84 -3.87 -4.34 -0.48
CA VAL A 84 -2.65 -5.16 -0.74
C VAL A 84 -2.85 -6.57 -0.19
N GLY A 85 -3.00 -7.53 -1.07
CA GLY A 85 -3.21 -8.95 -0.65
C GLY A 85 -1.88 -9.72 -0.65
N ASP A 86 -1.94 -10.99 -0.36
CA ASP A 86 -0.71 -11.82 -0.34
C ASP A 86 -0.16 -11.97 -1.76
N SER A 87 -0.96 -11.68 -2.75
CA SER A 87 -0.48 -11.81 -4.16
C SER A 87 0.28 -10.54 -4.54
N SER A 88 0.23 -9.53 -3.71
CA SER A 88 0.95 -8.26 -4.02
C SER A 88 2.38 -8.32 -3.48
N ARG A 89 3.19 -7.39 -3.89
CA ARG A 89 4.61 -7.36 -3.40
C ARG A 89 4.97 -5.95 -2.95
N ILE A 90 5.61 -5.83 -1.82
CA ILE A 90 6.00 -4.49 -1.29
C ILE A 90 7.52 -4.38 -1.24
N GLU A 91 8.06 -3.30 -1.77
CA GLU A 91 9.54 -3.09 -1.78
C GLU A 91 9.88 -1.82 -0.99
N SER A 92 10.70 -1.95 0.03
CA SER A 92 11.09 -0.77 0.84
C SER A 92 12.20 0.02 0.15
N VAL A 93 12.22 1.31 0.35
CA VAL A 93 13.27 2.16 -0.27
C VAL A 93 13.77 3.18 0.77
N ASN A 94 13.91 2.76 2.00
CA ASN A 94 14.38 3.70 3.06
C ASN A 94 15.16 2.90 4.11
N VAL A 95 16.47 3.00 4.07
CA VAL A 95 17.33 2.25 5.05
C VAL A 95 17.07 2.73 6.48
N ASN A 96 18.03 3.40 7.07
CA ASN A 96 17.88 3.88 8.47
C ASN A 96 17.61 2.71 9.41
N ILE A 97 18.19 1.56 9.13
CA ILE A 97 17.98 0.36 10.00
C ILE A 97 19.33 -0.32 10.27
N PRO A 98 20.27 0.42 10.79
CA PRO A 98 21.63 -0.12 11.10
C PRO A 98 21.62 -1.13 12.26
N LEU A 99 22.55 -2.04 12.26
CA LEU A 99 22.61 -3.06 13.34
C LEU A 99 23.08 -2.41 14.65
N GLU A 100 22.52 -2.83 15.75
CA GLU A 100 22.90 -2.25 17.07
C GLU A 100 24.22 -2.84 17.56
N HIS A 101 25.06 -2.02 18.12
CA HIS A 101 26.37 -2.50 18.65
C HIS A 101 26.83 -1.56 19.76
N HIS A 102 27.20 -0.35 19.41
CA HIS A 102 27.68 0.62 20.43
C HIS A 102 26.50 1.16 21.23
N HIS A 103 26.70 1.37 22.51
CA HIS A 103 25.62 1.92 23.38
C HIS A 103 24.29 1.23 23.08
N HIS A 104 23.21 1.79 23.59
CA HIS A 104 21.86 1.17 23.37
C HIS A 104 20.79 2.26 23.39
N HIS A 105 19.63 1.96 22.89
CA HIS A 105 18.53 2.97 22.84
C HIS A 105 17.89 3.10 24.22
N HIS A 106 17.75 4.32 24.69
CA HIS A 106 17.14 4.55 26.03
C HIS A 106 16.69 6.02 26.11
N SER A 1 -0.57 -4.06 -13.89
CA SER A 1 0.38 -3.91 -12.76
C SER A 1 1.43 -2.85 -13.13
N ASP A 2 1.11 -2.02 -14.09
CA ASP A 2 2.07 -0.97 -14.53
C ASP A 2 2.11 0.17 -13.52
N LEU A 3 3.12 0.99 -13.59
CA LEU A 3 3.24 2.12 -12.63
C LEU A 3 2.35 3.27 -13.09
N VAL A 4 1.47 3.72 -12.24
CA VAL A 4 0.55 4.84 -12.59
C VAL A 4 0.44 5.80 -11.41
N LYS A 5 -0.04 6.99 -11.65
CA LYS A 5 -0.19 7.99 -10.56
C LYS A 5 -1.40 7.66 -9.70
N ILE A 6 -1.44 8.17 -8.50
CA ILE A 6 -2.57 7.90 -7.57
C ILE A 6 -3.87 8.46 -8.15
N ARG A 7 -3.84 9.64 -8.70
CA ARG A 7 -5.08 10.24 -9.27
C ARG A 7 -5.52 9.44 -10.49
N ASP A 8 -4.63 8.67 -11.07
CA ASP A 8 -4.99 7.87 -12.26
C ASP A 8 -5.65 6.56 -11.81
N VAL A 9 -5.75 6.36 -10.51
CA VAL A 9 -6.37 5.11 -10.00
C VAL A 9 -7.85 5.06 -10.35
N SER A 10 -8.30 3.94 -10.87
CA SER A 10 -9.74 3.82 -11.23
C SER A 10 -10.13 2.33 -11.25
N LEU A 11 -11.39 2.05 -11.30
CA LEU A 11 -11.86 0.64 -11.32
C LEU A 11 -11.37 -0.05 -12.60
N SER A 12 -11.36 0.65 -13.68
CA SER A 12 -10.91 0.04 -14.97
C SER A 12 -9.51 -0.55 -14.77
N THR A 13 -8.78 -0.07 -13.79
CA THR A 13 -7.41 -0.59 -13.53
C THR A 13 -7.40 -1.32 -12.17
N PRO A 14 -7.84 -2.56 -12.15
CA PRO A 14 -7.90 -3.37 -10.89
C PRO A 14 -6.51 -3.78 -10.41
N TYR A 15 -5.56 -3.80 -11.31
CA TYR A 15 -4.16 -4.19 -10.95
C TYR A 15 -3.19 -3.09 -11.36
N VAL A 16 -2.64 -2.39 -10.41
CA VAL A 16 -1.67 -1.30 -10.75
C VAL A 16 -0.60 -1.19 -9.68
N SER A 17 0.50 -0.55 -10.00
CA SER A 17 1.61 -0.38 -9.02
C SER A 17 1.77 1.10 -8.70
N VAL A 18 1.93 1.43 -7.44
CA VAL A 18 2.09 2.87 -7.05
C VAL A 18 3.18 3.01 -5.99
N ILE A 19 3.71 4.19 -5.82
CA ILE A 19 4.78 4.42 -4.80
C ILE A 19 4.53 5.73 -4.06
N GLY A 20 4.70 5.73 -2.78
CA GLY A 20 4.47 6.98 -2.00
C GLY A 20 4.96 6.82 -0.56
N LYS A 21 4.56 7.71 0.32
CA LYS A 21 4.99 7.62 1.74
C LYS A 21 3.82 7.12 2.58
N ILE A 22 4.05 6.09 3.35
CA ILE A 22 2.96 5.52 4.20
C ILE A 22 2.85 6.30 5.50
N THR A 23 1.65 6.72 5.84
CA THR A 23 1.44 7.49 7.11
C THR A 23 0.13 7.04 7.78
N GLY A 24 -0.03 7.38 9.02
CA GLY A 24 -1.27 7.00 9.77
C GLY A 24 -1.50 5.49 9.72
N ILE A 25 -0.96 4.77 10.68
CA ILE A 25 -1.14 3.29 10.70
C ILE A 25 -2.25 2.93 11.69
N HIS A 26 -3.23 2.19 11.23
CA HIS A 26 -4.36 1.79 12.13
C HIS A 26 -4.60 0.29 11.99
N LYS A 27 -4.72 -0.40 13.10
CA LYS A 27 -4.94 -1.87 13.05
C LYS A 27 -6.43 -2.17 13.24
N LYS A 28 -6.98 -2.99 12.39
CA LYS A 28 -8.44 -3.34 12.49
C LYS A 28 -8.60 -4.85 12.36
N GLU A 29 -9.64 -5.38 12.93
CA GLU A 29 -9.90 -6.85 12.86
C GLU A 29 -11.24 -7.11 12.18
N TYR A 30 -11.30 -8.12 11.35
CA TYR A 30 -12.58 -8.43 10.64
C TYR A 30 -12.74 -9.95 10.54
N GLU A 31 -13.93 -10.41 10.30
CA GLU A 31 -14.16 -11.88 10.21
C GLU A 31 -13.99 -12.31 8.75
N SER A 32 -12.84 -12.84 8.42
CA SER A 32 -12.58 -13.29 7.03
C SER A 32 -13.20 -14.67 6.79
N ASP A 33 -12.69 -15.39 5.83
CA ASP A 33 -13.24 -16.75 5.51
C ASP A 33 -13.38 -17.57 6.80
N GLY A 34 -14.46 -17.37 7.50
CA GLY A 34 -14.68 -18.13 8.76
C GLY A 34 -13.48 -17.99 9.69
N THR A 35 -12.57 -17.09 9.39
CA THR A 35 -11.37 -16.92 10.26
C THR A 35 -11.11 -15.43 10.48
N THR A 36 -10.86 -15.05 11.71
CA THR A 36 -10.59 -13.61 12.01
C THR A 36 -9.19 -13.25 11.56
N LYS A 37 -9.04 -12.17 10.82
CA LYS A 37 -7.69 -11.74 10.35
C LYS A 37 -7.52 -10.25 10.58
N SER A 38 -6.32 -9.84 10.88
CA SER A 38 -6.05 -8.40 11.14
C SER A 38 -5.76 -7.68 9.82
N VAL A 39 -6.13 -6.43 9.74
CA VAL A 39 -5.88 -5.64 8.49
C VAL A 39 -5.39 -4.25 8.88
N TYR A 40 -4.40 -3.75 8.19
CA TYR A 40 -3.85 -2.40 8.52
C TYR A 40 -4.35 -1.39 7.49
N GLN A 41 -4.78 -0.23 7.94
CA GLN A 41 -5.28 0.82 7.02
C GLN A 41 -4.52 2.11 7.26
N GLY A 42 -4.45 2.96 6.28
CA GLY A 42 -3.71 4.24 6.47
C GLY A 42 -3.86 5.10 5.21
N TYR A 43 -3.06 6.14 5.11
CA TYR A 43 -3.13 7.04 3.93
C TYR A 43 -1.75 7.17 3.31
N ILE A 44 -1.67 7.22 2.01
CA ILE A 44 -0.36 7.37 1.32
C ILE A 44 -0.34 8.71 0.60
N GLU A 45 0.80 9.37 0.58
CA GLU A 45 0.90 10.70 -0.09
C GLU A 45 2.09 10.71 -1.04
N ASP A 46 2.00 11.47 -2.11
CA ASP A 46 3.13 11.53 -3.08
C ASP A 46 3.17 12.93 -3.71
N ASP A 47 3.89 13.07 -4.80
CA ASP A 47 3.98 14.40 -5.48
C ASP A 47 2.66 14.70 -6.21
N THR A 48 1.85 13.69 -6.42
CA THR A 48 0.56 13.90 -7.14
C THR A 48 -0.55 14.15 -6.13
N ALA A 49 -0.99 13.13 -5.44
CA ALA A 49 -2.08 13.30 -4.43
C ALA A 49 -1.97 12.22 -3.37
N ARG A 50 -3.06 11.93 -2.69
CA ARG A 50 -3.05 10.89 -1.63
C ARG A 50 -4.30 10.01 -1.73
N ILE A 51 -4.23 8.81 -1.21
CA ILE A 51 -5.42 7.91 -1.27
C ILE A 51 -5.41 6.94 -0.09
N ARG A 52 -6.55 6.38 0.24
CA ARG A 52 -6.63 5.42 1.39
C ARG A 52 -6.04 4.08 0.97
N ILE A 53 -5.38 3.40 1.87
CA ILE A 53 -4.78 2.07 1.54
C ILE A 53 -5.16 1.05 2.61
N SER A 54 -5.11 -0.21 2.25
CA SER A 54 -5.45 -1.28 3.22
C SER A 54 -4.53 -2.47 2.97
N SER A 55 -3.99 -3.04 4.01
CA SER A 55 -3.07 -4.22 3.86
C SER A 55 -3.55 -5.35 4.76
N PHE A 56 -3.65 -6.54 4.23
CA PHE A 56 -4.15 -7.70 5.03
C PHE A 56 -2.99 -8.59 5.47
N GLY A 57 -2.85 -8.80 6.76
CA GLY A 57 -1.77 -9.69 7.27
C GLY A 57 -0.42 -8.96 7.24
N LYS A 58 -0.06 -8.40 6.13
CA LYS A 58 1.26 -7.70 6.03
C LYS A 58 1.31 -6.50 6.98
N GLN A 59 2.41 -6.37 7.69
CA GLN A 59 2.55 -5.24 8.66
C GLN A 59 3.05 -3.98 7.95
N LEU A 60 2.65 -2.83 8.45
CA LEU A 60 3.09 -1.53 7.85
C LEU A 60 3.63 -0.62 8.95
N GLN A 61 4.44 0.33 8.60
CA GLN A 61 5.02 1.27 9.61
C GLN A 61 4.73 2.71 9.23
N ASP A 62 4.58 3.56 10.21
CA ASP A 62 4.26 4.99 9.95
C ASP A 62 5.43 5.70 9.26
N SER A 63 5.10 6.64 8.41
CA SER A 63 6.13 7.41 7.67
C SER A 63 7.17 6.47 7.06
N ASP A 64 6.88 5.89 5.95
CA ASP A 64 7.85 4.96 5.29
C ASP A 64 7.63 4.95 3.78
N VAL A 65 8.68 5.24 3.03
CA VAL A 65 8.56 5.25 1.54
C VAL A 65 8.61 3.82 1.03
N VAL A 66 7.53 3.34 0.45
CA VAL A 66 7.50 1.94 -0.09
C VAL A 66 6.77 1.91 -1.43
N ARG A 67 6.94 0.85 -2.17
CA ARG A 67 6.26 0.71 -3.49
C ARG A 67 5.43 -0.57 -3.47
N ILE A 68 4.20 -0.49 -3.92
CA ILE A 68 3.31 -1.68 -3.94
C ILE A 68 3.13 -2.13 -5.39
N ASP A 69 3.37 -3.40 -5.65
CA ASP A 69 3.23 -3.94 -7.03
C ASP A 69 2.01 -4.86 -7.10
N ASN A 70 1.30 -4.83 -8.20
CA ASN A 70 0.10 -5.69 -8.35
C ASN A 70 -0.92 -5.32 -7.27
N ALA A 71 -1.05 -4.04 -7.00
CA ALA A 71 -2.01 -3.59 -5.96
C ALA A 71 -3.44 -3.79 -6.46
N ARG A 72 -4.37 -4.02 -5.55
CA ARG A 72 -5.79 -4.23 -5.95
C ARG A 72 -6.60 -2.97 -5.66
N VAL A 73 -7.29 -2.47 -6.65
CA VAL A 73 -8.11 -1.24 -6.45
C VAL A 73 -9.54 -1.64 -6.07
N ALA A 74 -10.08 -1.01 -5.05
CA ALA A 74 -11.46 -1.34 -4.62
C ALA A 74 -12.17 -0.07 -4.17
N GLN A 75 -13.48 -0.07 -4.21
CA GLN A 75 -14.25 1.15 -3.81
C GLN A 75 -15.03 0.85 -2.54
N PHE A 76 -14.77 1.58 -1.48
CA PHE A 76 -15.47 1.38 -0.19
C PHE A 76 -16.10 2.70 0.27
N ASN A 77 -17.33 2.66 0.68
CA ASN A 77 -18.04 3.88 1.15
C ASN A 77 -18.01 4.95 0.05
N GLY A 78 -18.00 4.53 -1.19
CA GLY A 78 -18.00 5.52 -2.31
C GLY A 78 -16.60 6.13 -2.47
N TYR A 79 -15.64 5.66 -1.71
CA TYR A 79 -14.25 6.21 -1.82
C TYR A 79 -13.30 5.14 -2.34
N LEU A 80 -12.44 5.49 -3.25
CA LEU A 80 -11.49 4.50 -3.82
C LEU A 80 -10.36 4.24 -2.84
N SER A 81 -9.86 3.02 -2.83
CA SER A 81 -8.75 2.67 -1.91
C SER A 81 -7.94 1.53 -2.52
N LEU A 82 -6.73 1.35 -2.05
CA LEU A 82 -5.86 0.26 -2.59
C LEU A 82 -5.75 -0.85 -1.55
N SER A 83 -6.05 -2.06 -1.93
CA SER A 83 -5.97 -3.21 -0.98
C SER A 83 -4.77 -4.08 -1.35
N VAL A 84 -3.94 -4.39 -0.40
CA VAL A 84 -2.75 -5.24 -0.68
C VAL A 84 -3.02 -6.67 -0.19
N GLY A 85 -3.13 -7.60 -1.11
CA GLY A 85 -3.41 -9.01 -0.74
C GLY A 85 -2.11 -9.80 -0.64
N ASP A 86 -2.21 -11.07 -0.36
CA ASP A 86 -0.99 -11.92 -0.25
C ASP A 86 -0.35 -12.08 -1.63
N SER A 87 -1.09 -11.81 -2.67
CA SER A 87 -0.53 -11.95 -4.05
C SER A 87 0.22 -10.67 -4.44
N SER A 88 0.05 -9.63 -3.66
CA SER A 88 0.75 -8.35 -3.97
C SER A 88 2.15 -8.36 -3.35
N ARG A 89 3.02 -7.46 -3.79
CA ARG A 89 4.40 -7.41 -3.21
C ARG A 89 4.71 -5.99 -2.74
N ILE A 90 5.42 -5.88 -1.64
CA ILE A 90 5.78 -4.54 -1.10
C ILE A 90 7.30 -4.41 -1.08
N GLU A 91 7.82 -3.32 -1.61
CA GLU A 91 9.29 -3.11 -1.65
C GLU A 91 9.62 -1.77 -1.00
N SER A 92 10.43 -1.79 0.02
CA SER A 92 10.80 -0.54 0.73
C SER A 92 11.87 0.21 -0.06
N VAL A 93 11.97 1.50 0.13
CA VAL A 93 13.00 2.30 -0.60
C VAL A 93 13.92 3.01 0.41
N ASN A 94 15.20 2.88 0.24
CA ASN A 94 16.17 3.52 1.17
C ASN A 94 16.53 4.93 0.65
N VAL A 95 15.96 5.94 1.25
CA VAL A 95 16.25 7.35 0.80
C VAL A 95 17.14 8.01 1.86
N ASN A 96 17.11 7.50 3.06
CA ASN A 96 17.93 8.08 4.17
C ASN A 96 17.87 9.61 4.12
N ILE A 97 18.72 10.28 4.86
CA ILE A 97 18.74 11.76 4.86
C ILE A 97 19.39 12.27 3.56
N PRO A 98 20.61 11.88 3.27
CA PRO A 98 21.33 12.33 2.04
C PRO A 98 20.63 11.87 0.74
N LEU A 99 20.73 12.66 -0.29
CA LEU A 99 20.08 12.27 -1.58
C LEU A 99 20.98 11.31 -2.36
N GLU A 100 20.45 10.19 -2.78
CA GLU A 100 21.27 9.20 -3.54
C GLU A 100 21.10 9.45 -5.05
N HIS A 101 22.19 9.67 -5.74
CA HIS A 101 22.11 9.94 -7.20
C HIS A 101 21.92 8.64 -7.98
N HIS A 102 21.01 8.63 -8.91
CA HIS A 102 20.74 7.40 -9.71
C HIS A 102 21.58 7.43 -11.00
N HIS A 103 22.57 6.57 -11.08
CA HIS A 103 23.42 6.51 -12.29
C HIS A 103 24.19 5.19 -12.29
N HIS A 104 24.88 4.91 -11.22
CA HIS A 104 25.65 3.64 -11.12
C HIS A 104 24.72 2.53 -10.63
N HIS A 105 23.58 2.88 -10.10
CA HIS A 105 22.63 1.85 -9.60
C HIS A 105 21.87 1.22 -10.77
N HIS A 106 21.74 -0.08 -10.77
CA HIS A 106 21.01 -0.77 -11.86
C HIS A 106 20.87 -2.25 -11.52
N SER A 1 0.25 -3.25 -10.97
CA SER A 1 0.98 -3.61 -12.22
C SER A 1 1.84 -2.43 -12.69
N ASP A 2 1.44 -1.80 -13.76
CA ASP A 2 2.23 -0.64 -14.29
C ASP A 2 2.19 0.53 -13.31
N LEU A 3 3.23 1.32 -13.27
CA LEU A 3 3.25 2.47 -12.35
C LEU A 3 2.29 3.55 -12.85
N VAL A 4 1.40 4.03 -12.01
CA VAL A 4 0.44 5.08 -12.44
C VAL A 4 0.24 6.11 -11.32
N LYS A 5 -0.30 7.24 -11.66
CA LYS A 5 -0.53 8.31 -10.65
C LYS A 5 -1.75 7.99 -9.78
N ILE A 6 -1.78 8.50 -8.58
CA ILE A 6 -2.92 8.23 -7.67
C ILE A 6 -4.21 8.80 -8.28
N ARG A 7 -4.15 9.98 -8.81
CA ARG A 7 -5.36 10.61 -9.40
C ARG A 7 -5.84 9.78 -10.61
N ASP A 8 -4.97 9.00 -11.19
CA ASP A 8 -5.37 8.17 -12.36
C ASP A 8 -5.93 6.83 -11.88
N VAL A 9 -6.02 6.63 -10.59
CA VAL A 9 -6.56 5.34 -10.08
C VAL A 9 -8.05 5.21 -10.40
N SER A 10 -8.45 4.08 -10.92
CA SER A 10 -9.88 3.88 -11.27
C SER A 10 -10.19 2.38 -11.35
N LEU A 11 -11.44 2.04 -11.37
CA LEU A 11 -11.83 0.60 -11.45
C LEU A 11 -11.38 0.04 -12.81
N SER A 12 -11.16 0.89 -13.77
CA SER A 12 -10.71 0.42 -15.11
C SER A 12 -9.34 -0.26 -14.99
N THR A 13 -8.65 -0.03 -13.90
CA THR A 13 -7.30 -0.65 -13.69
C THR A 13 -7.34 -1.53 -12.44
N PRO A 14 -7.78 -2.75 -12.57
CA PRO A 14 -7.87 -3.70 -11.42
C PRO A 14 -6.54 -3.82 -10.68
N TYR A 15 -5.43 -3.85 -11.39
CA TYR A 15 -4.10 -3.97 -10.72
C TYR A 15 -3.23 -2.78 -11.12
N VAL A 16 -2.67 -2.10 -10.15
CA VAL A 16 -1.79 -0.93 -10.46
C VAL A 16 -0.65 -0.87 -9.44
N SER A 17 0.40 -0.15 -9.77
CA SER A 17 1.56 -0.01 -8.84
C SER A 17 1.71 1.45 -8.44
N VAL A 18 1.95 1.71 -7.17
CA VAL A 18 2.11 3.12 -6.69
C VAL A 18 3.30 3.21 -5.74
N ILE A 19 3.79 4.40 -5.52
CA ILE A 19 4.95 4.58 -4.59
C ILE A 19 4.79 5.86 -3.78
N GLY A 20 5.19 5.84 -2.53
CA GLY A 20 5.05 7.06 -1.70
C GLY A 20 5.31 6.71 -0.23
N LYS A 21 4.88 7.54 0.68
CA LYS A 21 5.11 7.28 2.12
C LYS A 21 3.77 6.97 2.80
N ILE A 22 3.76 6.00 3.68
CA ILE A 22 2.51 5.62 4.39
C ILE A 22 2.46 6.28 5.76
N THR A 23 1.35 6.90 6.10
CA THR A 23 1.23 7.58 7.44
C THR A 23 -0.11 7.22 8.09
N GLY A 24 -0.18 7.33 9.38
CA GLY A 24 -1.45 7.01 10.10
C GLY A 24 -1.72 5.50 10.05
N ILE A 25 -0.96 4.73 10.76
CA ILE A 25 -1.19 3.25 10.76
C ILE A 25 -2.36 2.92 11.68
N HIS A 26 -3.33 2.18 11.19
CA HIS A 26 -4.51 1.81 12.02
C HIS A 26 -4.71 0.30 11.95
N LYS A 27 -4.90 -0.34 13.08
CA LYS A 27 -5.09 -1.82 13.09
C LYS A 27 -6.56 -2.13 13.35
N LYS A 28 -7.10 -3.07 12.61
CA LYS A 28 -8.53 -3.45 12.81
C LYS A 28 -8.71 -4.93 12.48
N GLU A 29 -9.73 -5.55 13.01
CA GLU A 29 -9.97 -6.99 12.73
C GLU A 29 -11.25 -7.15 11.89
N TYR A 30 -11.28 -8.12 11.02
CA TYR A 30 -12.49 -8.33 10.17
C TYR A 30 -12.73 -9.81 9.96
N GLU A 31 -13.93 -10.17 9.60
CA GLU A 31 -14.25 -11.61 9.39
C GLU A 31 -13.84 -12.04 7.98
N SER A 32 -13.22 -13.18 7.86
CA SER A 32 -12.80 -13.67 6.51
C SER A 32 -12.88 -15.20 6.49
N ASP A 33 -13.70 -15.73 5.64
CA ASP A 33 -13.84 -17.22 5.54
C ASP A 33 -14.23 -17.80 6.90
N GLY A 34 -14.97 -17.06 7.69
CA GLY A 34 -15.39 -17.59 9.02
C GLY A 34 -14.26 -17.47 10.02
N THR A 35 -13.22 -16.74 9.71
CA THR A 35 -12.06 -16.60 10.66
C THR A 35 -11.76 -15.12 10.88
N THR A 36 -11.10 -14.81 11.97
CA THR A 36 -10.77 -13.39 12.28
C THR A 36 -9.36 -13.08 11.78
N LYS A 37 -9.23 -12.07 10.95
CA LYS A 37 -7.89 -11.70 10.41
C LYS A 37 -7.65 -10.21 10.65
N SER A 38 -6.44 -9.85 10.98
CA SER A 38 -6.13 -8.42 11.24
C SER A 38 -5.82 -7.71 9.93
N VAL A 39 -6.17 -6.45 9.83
CA VAL A 39 -5.90 -5.67 8.59
C VAL A 39 -5.30 -4.32 8.96
N TYR A 40 -4.29 -3.89 8.25
CA TYR A 40 -3.65 -2.59 8.55
C TYR A 40 -4.12 -1.55 7.53
N GLN A 41 -4.54 -0.40 7.99
CA GLN A 41 -5.05 0.66 7.06
C GLN A 41 -4.30 1.96 7.32
N GLY A 42 -4.23 2.81 6.34
CA GLY A 42 -3.51 4.10 6.54
C GLY A 42 -3.63 4.96 5.28
N TYR A 43 -2.84 6.00 5.19
CA TYR A 43 -2.90 6.90 3.99
C TYR A 43 -1.54 6.90 3.30
N ILE A 44 -1.54 6.90 1.99
CA ILE A 44 -0.24 6.91 1.23
C ILE A 44 -0.25 8.12 0.30
N GLU A 45 0.82 8.89 0.28
CA GLU A 45 0.84 10.11 -0.59
C GLU A 45 2.14 10.19 -1.41
N ASP A 46 2.09 10.89 -2.52
CA ASP A 46 3.30 11.04 -3.38
C ASP A 46 3.33 12.44 -3.97
N ASP A 47 3.78 12.59 -5.19
CA ASP A 47 3.83 13.92 -5.83
C ASP A 47 2.49 14.19 -6.53
N THR A 48 1.59 13.24 -6.49
CA THR A 48 0.27 13.42 -7.15
C THR A 48 -0.79 13.77 -6.10
N ALA A 49 -1.14 12.85 -5.25
CA ALA A 49 -2.16 13.13 -4.21
C ALA A 49 -2.08 12.07 -3.10
N ARG A 50 -3.20 11.75 -2.50
CA ARG A 50 -3.20 10.73 -1.40
C ARG A 50 -4.42 9.81 -1.56
N ILE A 51 -4.33 8.59 -1.07
CA ILE A 51 -5.48 7.65 -1.18
C ILE A 51 -5.45 6.64 -0.04
N ARG A 52 -6.58 6.10 0.31
CA ARG A 52 -6.64 5.12 1.43
C ARG A 52 -6.09 3.76 0.99
N ILE A 53 -5.41 3.09 1.88
CA ILE A 53 -4.84 1.75 1.55
C ILE A 53 -5.17 0.77 2.67
N SER A 54 -5.24 -0.51 2.35
CA SER A 54 -5.55 -1.53 3.39
C SER A 54 -4.73 -2.78 3.09
N SER A 55 -3.91 -3.21 4.03
CA SER A 55 -3.08 -4.43 3.82
C SER A 55 -3.53 -5.53 4.78
N PHE A 56 -3.60 -6.75 4.31
CA PHE A 56 -4.07 -7.87 5.18
C PHE A 56 -2.89 -8.61 5.80
N GLY A 57 -2.83 -8.66 7.11
CA GLY A 57 -1.73 -9.39 7.81
C GLY A 57 -0.40 -8.66 7.60
N LYS A 58 -0.22 -8.00 6.49
CA LYS A 58 1.07 -7.29 6.26
C LYS A 58 1.15 -6.04 7.13
N GLN A 59 2.27 -5.82 7.76
CA GLN A 59 2.43 -4.63 8.64
C GLN A 59 2.92 -3.43 7.81
N LEU A 60 2.65 -2.23 8.27
CA LEU A 60 3.08 -1.02 7.53
C LEU A 60 3.84 -0.09 8.48
N GLN A 61 4.74 0.71 7.96
CA GLN A 61 5.55 1.63 8.82
C GLN A 61 5.20 3.09 8.50
N ASP A 62 4.97 3.86 9.53
CA ASP A 62 4.59 5.29 9.34
C ASP A 62 5.73 6.10 8.71
N SER A 63 5.40 6.98 7.80
CA SER A 63 6.43 7.83 7.13
C SER A 63 7.43 6.97 6.38
N ASP A 64 7.21 5.69 6.31
CA ASP A 64 8.15 4.80 5.57
C ASP A 64 7.86 4.85 4.07
N VAL A 65 8.88 5.08 3.27
CA VAL A 65 8.67 5.12 1.80
C VAL A 65 8.71 3.70 1.25
N VAL A 66 7.63 3.27 0.63
CA VAL A 66 7.59 1.89 0.08
C VAL A 66 6.91 1.91 -1.29
N ARG A 67 7.09 0.85 -2.04
CA ARG A 67 6.48 0.75 -3.40
C ARG A 67 5.63 -0.52 -3.45
N ILE A 68 4.38 -0.39 -3.81
CA ILE A 68 3.48 -1.59 -3.87
C ILE A 68 3.20 -1.95 -5.33
N ASP A 69 3.40 -3.20 -5.67
CA ASP A 69 3.16 -3.66 -7.07
C ASP A 69 1.99 -4.63 -7.10
N ASN A 70 1.26 -4.64 -8.19
CA ASN A 70 0.09 -5.56 -8.31
C ASN A 70 -0.94 -5.24 -7.22
N ALA A 71 -1.10 -3.97 -6.90
CA ALA A 71 -2.08 -3.59 -5.86
C ALA A 71 -3.50 -3.71 -6.41
N ARG A 72 -4.39 -4.31 -5.68
CA ARG A 72 -5.80 -4.47 -6.17
C ARG A 72 -6.61 -3.20 -5.86
N VAL A 73 -7.31 -2.69 -6.84
CA VAL A 73 -8.12 -1.46 -6.63
C VAL A 73 -9.51 -1.86 -6.13
N ALA A 74 -9.99 -1.19 -5.12
CA ALA A 74 -11.35 -1.52 -4.59
C ALA A 74 -12.07 -0.24 -4.18
N GLN A 75 -13.38 -0.27 -4.17
CA GLN A 75 -14.17 0.94 -3.79
C GLN A 75 -14.97 0.62 -2.52
N PHE A 76 -14.71 1.34 -1.46
CA PHE A 76 -15.45 1.09 -0.18
C PHE A 76 -16.05 2.41 0.32
N ASN A 77 -17.30 2.37 0.70
CA ASN A 77 -18.00 3.60 1.22
C ASN A 77 -17.93 4.72 0.16
N GLY A 78 -17.92 4.37 -1.09
CA GLY A 78 -17.88 5.40 -2.16
C GLY A 78 -16.47 5.98 -2.29
N TYR A 79 -15.52 5.44 -1.57
CA TYR A 79 -14.12 5.95 -1.64
C TYR A 79 -13.20 4.89 -2.26
N LEU A 80 -12.38 5.30 -3.19
CA LEU A 80 -11.46 4.34 -3.86
C LEU A 80 -10.26 4.05 -2.93
N SER A 81 -9.76 2.84 -2.97
CA SER A 81 -8.59 2.51 -2.10
C SER A 81 -7.82 1.34 -2.69
N LEU A 82 -6.61 1.15 -2.27
CA LEU A 82 -5.77 0.01 -2.80
C LEU A 82 -5.68 -1.07 -1.73
N SER A 83 -5.95 -2.30 -2.11
CA SER A 83 -5.89 -3.42 -1.14
C SER A 83 -4.66 -4.28 -1.42
N VAL A 84 -3.86 -4.53 -0.42
CA VAL A 84 -2.63 -5.37 -0.62
C VAL A 84 -2.89 -6.78 -0.09
N GLY A 85 -3.03 -7.72 -0.98
CA GLY A 85 -3.28 -9.13 -0.57
C GLY A 85 -1.97 -9.90 -0.54
N ASP A 86 -2.02 -11.17 -0.25
CA ASP A 86 -0.77 -11.98 -0.23
C ASP A 86 -0.23 -12.13 -1.65
N SER A 87 -1.05 -11.87 -2.64
CA SER A 87 -0.59 -12.00 -4.04
C SER A 87 0.11 -10.71 -4.46
N SER A 88 0.03 -9.70 -3.65
CA SER A 88 0.68 -8.40 -3.98
C SER A 88 2.15 -8.43 -3.55
N ARG A 89 2.93 -7.47 -3.98
CA ARG A 89 4.38 -7.43 -3.60
C ARG A 89 4.74 -6.05 -3.05
N ILE A 90 5.55 -6.02 -2.02
CA ILE A 90 5.97 -4.73 -1.40
C ILE A 90 7.49 -4.62 -1.47
N GLU A 91 7.98 -3.50 -1.94
CA GLU A 91 9.46 -3.29 -2.02
C GLU A 91 9.82 -2.04 -1.22
N SER A 92 10.50 -2.21 -0.13
CA SER A 92 10.89 -1.06 0.72
C SER A 92 12.00 -0.26 0.06
N VAL A 93 12.02 1.04 0.25
CA VAL A 93 13.09 1.88 -0.37
C VAL A 93 13.91 2.55 0.74
N ASN A 94 15.21 2.42 0.68
CA ASN A 94 16.10 3.03 1.69
C ASN A 94 17.55 2.82 1.25
N VAL A 95 17.79 1.75 0.54
CA VAL A 95 19.18 1.44 0.03
C VAL A 95 20.17 1.43 1.20
N ASN A 96 21.32 0.84 0.97
CA ASN A 96 22.36 0.76 2.02
C ASN A 96 21.81 0.01 3.23
N ILE A 97 22.23 -1.23 3.39
CA ILE A 97 21.75 -2.07 4.54
C ILE A 97 20.29 -1.75 4.88
N PRO A 98 19.41 -1.91 3.93
CA PRO A 98 17.96 -1.63 4.12
C PRO A 98 17.27 -2.64 5.03
N LEU A 99 16.24 -2.23 5.72
CA LEU A 99 15.51 -3.15 6.63
C LEU A 99 16.46 -3.70 7.70
N GLU A 100 16.13 -3.52 8.94
CA GLU A 100 17.01 -4.01 10.04
C GLU A 100 16.94 -5.53 10.15
N HIS A 101 18.06 -6.17 10.43
CA HIS A 101 18.08 -7.65 10.55
C HIS A 101 17.22 -8.29 9.46
N HIS A 102 15.97 -8.52 9.74
CA HIS A 102 15.06 -9.15 8.75
C HIS A 102 15.75 -10.36 8.11
N HIS A 103 15.61 -11.52 8.70
CA HIS A 103 16.26 -12.75 8.15
C HIS A 103 15.49 -13.25 6.93
N HIS A 104 15.70 -14.50 6.59
CA HIS A 104 15.00 -15.09 5.41
C HIS A 104 15.34 -14.28 4.15
N HIS A 105 16.35 -14.68 3.45
CA HIS A 105 16.75 -13.94 2.22
C HIS A 105 15.64 -14.08 1.17
N HIS A 106 15.05 -15.25 1.07
CA HIS A 106 13.97 -15.45 0.07
C HIS A 106 12.67 -14.81 0.59
N SER A 1 1.00 -4.98 -14.20
CA SER A 1 1.19 -4.06 -13.05
C SER A 1 1.89 -2.78 -13.56
N ASP A 2 1.19 -2.00 -14.35
CA ASP A 2 1.80 -0.76 -14.90
C ASP A 2 1.86 0.34 -13.82
N LEU A 3 2.79 1.24 -13.93
CA LEU A 3 2.91 2.32 -12.93
C LEU A 3 1.83 3.37 -13.17
N VAL A 4 1.10 3.73 -12.15
CA VAL A 4 0.02 4.76 -12.30
C VAL A 4 0.06 5.71 -11.12
N LYS A 5 -0.55 6.84 -11.26
CA LYS A 5 -0.55 7.85 -10.15
C LYS A 5 -1.74 7.60 -9.22
N ILE A 6 -1.69 8.15 -8.04
CA ILE A 6 -2.79 7.96 -7.06
C ILE A 6 -4.08 8.56 -7.64
N ARG A 7 -3.98 9.72 -8.24
CA ARG A 7 -5.20 10.37 -8.80
C ARG A 7 -5.64 9.63 -10.06
N ASP A 8 -4.79 8.79 -10.60
CA ASP A 8 -5.16 8.02 -11.83
C ASP A 8 -5.79 6.70 -11.41
N VAL A 9 -5.92 6.47 -10.13
CA VAL A 9 -6.52 5.19 -9.65
C VAL A 9 -7.97 5.06 -10.10
N SER A 10 -8.32 3.92 -10.63
CA SER A 10 -9.72 3.70 -11.09
C SER A 10 -10.02 2.20 -11.09
N LEU A 11 -11.27 1.83 -11.13
CA LEU A 11 -11.62 0.39 -11.13
C LEU A 11 -11.28 -0.21 -12.49
N SER A 12 -10.96 0.62 -13.45
CA SER A 12 -10.62 0.10 -14.80
C SER A 12 -9.31 -0.68 -14.74
N THR A 13 -8.54 -0.48 -13.70
CA THR A 13 -7.24 -1.21 -13.55
C THR A 13 -7.22 -1.99 -12.24
N PRO A 14 -7.76 -3.19 -12.24
CA PRO A 14 -7.81 -4.05 -11.03
C PRO A 14 -6.41 -4.21 -10.41
N TYR A 15 -5.41 -4.41 -11.24
CA TYR A 15 -4.02 -4.59 -10.72
C TYR A 15 -3.12 -3.47 -11.26
N VAL A 16 -2.36 -2.85 -10.40
CA VAL A 16 -1.45 -1.76 -10.87
C VAL A 16 -0.27 -1.62 -9.90
N SER A 17 0.54 -0.62 -10.11
CA SER A 17 1.71 -0.39 -9.21
C SER A 17 1.74 1.08 -8.81
N VAL A 18 2.00 1.36 -7.56
CA VAL A 18 2.04 2.79 -7.09
C VAL A 18 3.21 3.00 -6.13
N ILE A 19 3.65 4.21 -5.98
CA ILE A 19 4.78 4.52 -5.06
C ILE A 19 4.43 5.74 -4.22
N GLY A 20 4.66 5.69 -2.94
CA GLY A 20 4.32 6.87 -2.10
C GLY A 20 4.85 6.68 -0.67
N LYS A 21 4.47 7.56 0.22
CA LYS A 21 4.94 7.46 1.64
C LYS A 21 3.74 7.18 2.54
N ILE A 22 3.78 6.09 3.25
CA ILE A 22 2.66 5.71 4.15
C ILE A 22 2.86 6.32 5.53
N THR A 23 1.82 6.92 6.06
CA THR A 23 1.92 7.55 7.42
C THR A 23 0.67 7.22 8.24
N GLY A 24 0.77 7.30 9.54
CA GLY A 24 -0.40 7.00 10.40
C GLY A 24 -0.83 5.55 10.22
N ILE A 25 -0.19 4.64 10.91
CA ILE A 25 -0.57 3.19 10.79
C ILE A 25 -1.72 2.88 11.73
N HIS A 26 -2.73 2.24 11.23
CA HIS A 26 -3.92 1.87 12.08
C HIS A 26 -4.25 0.40 11.86
N LYS A 27 -4.53 -0.32 12.92
CA LYS A 27 -4.86 -1.76 12.79
C LYS A 27 -6.35 -2.00 13.01
N LYS A 28 -6.95 -2.85 12.20
CA LYS A 28 -8.39 -3.14 12.35
C LYS A 28 -8.62 -4.62 12.00
N GLU A 29 -9.71 -5.19 12.44
CA GLU A 29 -9.98 -6.64 12.14
C GLU A 29 -11.42 -6.82 11.67
N TYR A 30 -11.66 -7.75 10.79
CA TYR A 30 -13.04 -7.99 10.29
C TYR A 30 -13.24 -9.48 10.05
N GLU A 31 -14.47 -9.92 9.93
CA GLU A 31 -14.73 -11.37 9.72
C GLU A 31 -14.60 -11.74 8.23
N SER A 32 -14.00 -12.87 7.96
CA SER A 32 -13.85 -13.32 6.55
C SER A 32 -13.76 -14.85 6.53
N ASP A 33 -14.54 -15.47 5.68
CA ASP A 33 -14.53 -16.97 5.60
C ASP A 33 -14.95 -17.56 6.95
N GLY A 34 -15.63 -16.79 7.76
CA GLY A 34 -16.08 -17.31 9.08
C GLY A 34 -14.93 -17.19 10.08
N THR A 35 -13.92 -16.43 9.74
CA THR A 35 -12.76 -16.26 10.67
C THR A 35 -12.35 -14.78 10.75
N THR A 36 -11.85 -14.36 11.87
CA THR A 36 -11.44 -12.95 12.04
C THR A 36 -10.01 -12.76 11.52
N LYS A 37 -9.78 -11.78 10.68
CA LYS A 37 -8.40 -11.55 10.14
C LYS A 37 -7.97 -10.12 10.41
N SER A 38 -6.70 -9.93 10.71
CA SER A 38 -6.18 -8.57 11.01
C SER A 38 -5.84 -7.84 9.72
N VAL A 39 -6.12 -6.57 9.67
CA VAL A 39 -5.81 -5.77 8.44
C VAL A 39 -5.22 -4.42 8.88
N TYR A 40 -4.18 -3.98 8.21
CA TYR A 40 -3.55 -2.67 8.58
C TYR A 40 -4.00 -1.61 7.58
N GLN A 41 -4.39 -0.47 8.07
CA GLN A 41 -4.86 0.64 7.17
C GLN A 41 -4.04 1.89 7.45
N GLY A 42 -3.99 2.79 6.51
CA GLY A 42 -3.20 4.03 6.72
C GLY A 42 -3.41 4.98 5.56
N TYR A 43 -2.64 6.04 5.50
CA TYR A 43 -2.78 7.02 4.38
C TYR A 43 -1.47 7.11 3.62
N ILE A 44 -1.53 7.26 2.32
CA ILE A 44 -0.28 7.36 1.51
C ILE A 44 -0.36 8.63 0.67
N GLU A 45 0.74 9.34 0.53
CA GLU A 45 0.73 10.61 -0.27
C GLU A 45 1.91 10.65 -1.22
N ASP A 46 1.79 11.42 -2.28
CA ASP A 46 2.90 11.51 -3.28
C ASP A 46 2.94 12.94 -3.85
N ASP A 47 3.22 13.06 -5.12
CA ASP A 47 3.29 14.40 -5.76
C ASP A 47 1.89 14.82 -6.24
N THR A 48 1.01 13.88 -6.42
CA THR A 48 -0.37 14.21 -6.90
C THR A 48 -1.29 14.45 -5.70
N ALA A 49 -1.73 13.40 -5.06
CA ALA A 49 -2.64 13.56 -3.90
C ALA A 49 -2.40 12.42 -2.91
N ARG A 50 -3.44 12.02 -2.20
CA ARG A 50 -3.29 10.92 -1.20
C ARG A 50 -4.54 10.04 -1.22
N ILE A 51 -4.43 8.83 -0.73
CA ILE A 51 -5.63 7.93 -0.72
C ILE A 51 -5.49 6.91 0.41
N ARG A 52 -6.59 6.31 0.79
CA ARG A 52 -6.57 5.30 1.88
C ARG A 52 -5.99 3.98 1.36
N ILE A 53 -5.24 3.30 2.18
CA ILE A 53 -4.63 2.00 1.76
C ILE A 53 -4.93 0.93 2.82
N SER A 54 -4.97 -0.32 2.42
CA SER A 54 -5.26 -1.40 3.39
C SER A 54 -4.41 -2.63 3.06
N SER A 55 -3.77 -3.19 4.05
CA SER A 55 -2.90 -4.39 3.82
C SER A 55 -3.45 -5.56 4.63
N PHE A 56 -3.65 -6.69 4.00
CA PHE A 56 -4.20 -7.87 4.73
C PHE A 56 -3.07 -8.75 5.27
N GLY A 57 -3.03 -8.97 6.55
CA GLY A 57 -1.97 -9.84 7.13
C GLY A 57 -0.65 -9.07 7.23
N LYS A 58 -0.21 -8.46 6.16
CA LYS A 58 1.07 -7.72 6.21
C LYS A 58 0.91 -6.37 6.91
N GLN A 59 1.81 -6.05 7.79
CA GLN A 59 1.74 -4.76 8.55
C GLN A 59 2.55 -3.68 7.81
N LEU A 60 2.27 -2.43 8.10
CA LEU A 60 3.01 -1.30 7.43
C LEU A 60 3.67 -0.44 8.51
N GLN A 61 4.75 0.23 8.17
CA GLN A 61 5.47 1.07 9.16
C GLN A 61 5.13 2.55 8.94
N ASP A 62 5.10 3.30 10.00
CA ASP A 62 4.76 4.76 9.93
C ASP A 62 5.82 5.55 9.17
N SER A 63 5.39 6.45 8.33
CA SER A 63 6.32 7.31 7.56
C SER A 63 7.41 6.47 6.89
N ASP A 64 7.10 5.86 5.79
CA ASP A 64 8.12 5.04 5.07
C ASP A 64 7.81 5.01 3.57
N VAL A 65 8.77 5.36 2.76
CA VAL A 65 8.54 5.36 1.28
C VAL A 65 8.69 3.93 0.75
N VAL A 66 7.66 3.41 0.15
CA VAL A 66 7.74 2.01 -0.39
C VAL A 66 7.06 1.92 -1.76
N ARG A 67 7.34 0.86 -2.47
CA ARG A 67 6.74 0.64 -3.81
C ARG A 67 5.86 -0.60 -3.76
N ILE A 68 4.61 -0.46 -4.13
CA ILE A 68 3.68 -1.64 -4.12
C ILE A 68 3.35 -2.02 -5.56
N ASP A 69 3.59 -3.26 -5.91
CA ASP A 69 3.31 -3.73 -7.30
C ASP A 69 2.14 -4.72 -7.29
N ASN A 70 1.33 -4.69 -8.32
CA ASN A 70 0.15 -5.61 -8.40
C ASN A 70 -0.83 -5.25 -7.29
N ALA A 71 -0.98 -3.99 -7.00
CA ALA A 71 -1.93 -3.56 -5.93
C ALA A 71 -3.36 -3.80 -6.41
N ARG A 72 -4.24 -4.20 -5.53
CA ARG A 72 -5.65 -4.46 -5.94
C ARG A 72 -6.50 -3.22 -5.63
N VAL A 73 -7.20 -2.71 -6.62
CA VAL A 73 -8.04 -1.51 -6.39
C VAL A 73 -9.41 -1.92 -5.85
N ALA A 74 -9.85 -1.30 -4.79
CA ALA A 74 -11.18 -1.65 -4.22
C ALA A 74 -11.82 -0.37 -3.69
N GLN A 75 -13.11 -0.24 -3.86
CA GLN A 75 -13.82 0.99 -3.37
C GLN A 75 -14.82 0.60 -2.29
N PHE A 76 -14.90 1.37 -1.24
CA PHE A 76 -15.86 1.06 -0.14
C PHE A 76 -16.64 2.32 0.24
N ASN A 77 -17.92 2.18 0.42
CA ASN A 77 -18.78 3.35 0.79
C ASN A 77 -18.65 4.44 -0.26
N GLY A 78 -18.29 4.08 -1.47
CA GLY A 78 -18.16 5.10 -2.55
C GLY A 78 -16.81 5.80 -2.43
N TYR A 79 -15.78 5.10 -2.00
CA TYR A 79 -14.44 5.74 -1.85
C TYR A 79 -13.37 4.78 -2.35
N LEU A 80 -12.61 5.18 -3.33
CA LEU A 80 -11.55 4.28 -3.88
C LEU A 80 -10.44 4.07 -2.84
N SER A 81 -9.90 2.88 -2.81
CA SER A 81 -8.80 2.58 -1.84
C SER A 81 -7.93 1.48 -2.43
N LEU A 82 -6.69 1.41 -2.04
CA LEU A 82 -5.78 0.36 -2.59
C LEU A 82 -5.62 -0.76 -1.57
N SER A 83 -5.88 -1.98 -1.98
CA SER A 83 -5.75 -3.15 -1.06
C SER A 83 -4.51 -3.95 -1.43
N VAL A 84 -3.63 -4.18 -0.48
CA VAL A 84 -2.40 -4.96 -0.76
C VAL A 84 -2.60 -6.40 -0.31
N GLY A 85 -2.73 -7.31 -1.24
CA GLY A 85 -2.96 -8.74 -0.88
C GLY A 85 -1.64 -9.49 -0.76
N ASP A 86 -1.70 -10.76 -0.44
CA ASP A 86 -0.46 -11.57 -0.31
C ASP A 86 0.20 -11.73 -1.68
N SER A 87 -0.54 -11.56 -2.73
CA SER A 87 0.04 -11.70 -4.09
C SER A 87 0.75 -10.41 -4.47
N SER A 88 0.62 -9.38 -3.67
CA SER A 88 1.30 -8.10 -3.99
C SER A 88 2.76 -8.15 -3.57
N ARG A 89 3.59 -7.31 -4.14
CA ARG A 89 5.04 -7.29 -3.78
C ARG A 89 5.38 -5.93 -3.18
N ILE A 90 5.98 -5.90 -2.02
CA ILE A 90 6.34 -4.60 -1.37
C ILE A 90 7.85 -4.43 -1.34
N GLU A 91 8.33 -3.30 -1.78
CA GLU A 91 9.81 -3.05 -1.79
C GLU A 91 10.07 -1.69 -1.13
N SER A 92 10.73 -1.69 -0.01
CA SER A 92 11.01 -0.40 0.68
C SER A 92 12.20 0.28 0.02
N VAL A 93 12.07 1.56 -0.30
CA VAL A 93 13.20 2.29 -0.95
C VAL A 93 13.44 3.62 -0.23
N ASN A 94 14.68 3.90 0.10
CA ASN A 94 15.01 5.18 0.80
C ASN A 94 14.18 5.29 2.09
N VAL A 95 13.97 4.18 2.76
CA VAL A 95 13.17 4.21 4.01
C VAL A 95 13.89 5.05 5.09
N ASN A 96 13.17 5.90 5.77
CA ASN A 96 13.79 6.75 6.82
C ASN A 96 13.66 6.09 8.19
N ILE A 97 14.58 6.36 9.07
CA ILE A 97 14.54 5.75 10.43
C ILE A 97 14.61 6.88 11.48
N PRO A 98 13.56 7.66 11.58
CA PRO A 98 13.52 8.79 12.57
C PRO A 98 13.37 8.28 14.01
N LEU A 99 13.77 9.07 14.96
CA LEU A 99 13.69 8.63 16.39
C LEU A 99 12.23 8.60 16.84
N GLU A 100 11.90 7.67 17.70
CA GLU A 100 10.51 7.55 18.21
C GLU A 100 10.55 7.03 19.65
N HIS A 101 11.62 6.37 20.02
CA HIS A 101 11.71 5.83 21.41
C HIS A 101 12.29 6.89 22.35
N HIS A 102 11.77 6.97 23.54
CA HIS A 102 12.28 7.97 24.52
C HIS A 102 12.08 7.42 25.94
N HIS A 103 12.25 6.12 26.11
CA HIS A 103 12.08 5.49 27.45
C HIS A 103 12.95 4.23 27.54
N HIS A 104 12.69 3.27 26.69
CA HIS A 104 13.49 2.01 26.74
C HIS A 104 14.93 2.30 26.34
N HIS A 105 15.12 3.12 25.34
CA HIS A 105 16.51 3.46 24.88
C HIS A 105 17.39 2.21 24.85
N HIS A 106 18.68 2.40 24.80
CA HIS A 106 19.61 1.24 24.77
C HIS A 106 20.97 1.67 25.30
N SER A 1 0.41 -4.03 -11.70
CA SER A 1 0.68 -4.54 -13.07
C SER A 1 1.12 -3.38 -13.95
N ASP A 2 1.17 -2.19 -13.41
CA ASP A 2 1.60 -1.01 -14.21
C ASP A 2 1.71 0.21 -13.29
N LEU A 3 2.73 1.01 -13.48
CA LEU A 3 2.90 2.21 -12.62
C LEU A 3 1.91 3.30 -13.04
N VAL A 4 1.10 3.77 -12.12
CA VAL A 4 0.11 4.84 -12.46
C VAL A 4 0.04 5.86 -11.32
N LYS A 5 -0.53 7.00 -11.61
CA LYS A 5 -0.64 8.07 -10.58
C LYS A 5 -1.81 7.77 -9.63
N ILE A 6 -1.76 8.33 -8.45
CA ILE A 6 -2.86 8.11 -7.46
C ILE A 6 -4.16 8.70 -8.02
N ARG A 7 -4.10 9.86 -8.59
CA ARG A 7 -5.33 10.49 -9.16
C ARG A 7 -5.85 9.64 -10.33
N ASP A 8 -4.99 8.86 -10.93
CA ASP A 8 -5.43 8.01 -12.07
C ASP A 8 -5.99 6.68 -11.55
N VAL A 9 -5.98 6.48 -10.26
CA VAL A 9 -6.51 5.21 -9.70
C VAL A 9 -8.03 5.14 -9.85
N SER A 10 -8.53 4.04 -10.36
CA SER A 10 -10.00 3.90 -10.54
C SER A 10 -10.34 2.42 -10.73
N LEU A 11 -11.60 2.08 -10.65
CA LEU A 11 -12.02 0.66 -10.82
C LEU A 11 -11.80 0.26 -12.28
N SER A 12 -11.37 1.18 -13.09
CA SER A 12 -11.12 0.85 -14.51
C SER A 12 -10.00 -0.18 -14.61
N THR A 13 -9.06 -0.14 -13.70
CA THR A 13 -7.92 -1.11 -13.75
C THR A 13 -7.98 -2.03 -12.51
N PRO A 14 -7.80 -3.33 -12.68
CA PRO A 14 -7.85 -4.30 -11.55
C PRO A 14 -6.59 -4.23 -10.68
N TYR A 15 -5.43 -4.38 -11.28
CA TYR A 15 -4.15 -4.33 -10.51
C TYR A 15 -3.31 -3.13 -10.94
N VAL A 16 -2.77 -2.41 -10.00
CA VAL A 16 -1.94 -1.21 -10.34
C VAL A 16 -0.75 -1.12 -9.38
N SER A 17 0.27 -0.39 -9.78
CA SER A 17 1.47 -0.23 -8.91
C SER A 17 1.60 1.23 -8.51
N VAL A 18 1.85 1.51 -7.26
CA VAL A 18 1.98 2.93 -6.80
C VAL A 18 3.20 3.10 -5.90
N ILE A 19 3.64 4.31 -5.71
CA ILE A 19 4.83 4.56 -4.85
C ILE A 19 4.58 5.82 -4.02
N GLY A 20 4.97 5.82 -2.77
CA GLY A 20 4.75 7.01 -1.92
C GLY A 20 5.11 6.70 -0.47
N LYS A 21 4.77 7.59 0.43
CA LYS A 21 5.09 7.37 1.88
C LYS A 21 3.81 7.00 2.63
N ILE A 22 3.87 5.98 3.44
CA ILE A 22 2.66 5.55 4.21
C ILE A 22 2.66 6.20 5.60
N THR A 23 1.57 6.81 5.98
CA THR A 23 1.50 7.46 7.32
C THR A 23 0.13 7.20 7.97
N GLY A 24 0.06 7.27 9.27
CA GLY A 24 -1.23 7.05 9.98
C GLY A 24 -1.57 5.56 9.98
N ILE A 25 -0.85 4.78 10.75
CA ILE A 25 -1.13 3.32 10.80
C ILE A 25 -2.31 3.03 11.74
N HIS A 26 -3.26 2.26 11.28
CA HIS A 26 -4.45 1.91 12.11
C HIS A 26 -4.69 0.41 12.02
N LYS A 27 -5.02 -0.21 13.12
CA LYS A 27 -5.26 -1.69 13.12
C LYS A 27 -6.75 -1.98 13.29
N LYS A 28 -7.27 -2.90 12.52
CA LYS A 28 -8.72 -3.25 12.64
C LYS A 28 -8.90 -4.72 12.29
N GLU A 29 -9.93 -5.34 12.82
CA GLU A 29 -10.17 -6.80 12.53
C GLU A 29 -11.47 -6.96 11.74
N TYR A 30 -11.52 -7.91 10.85
CA TYR A 30 -12.76 -8.12 10.03
C TYR A 30 -13.05 -9.62 9.90
N GLU A 31 -14.27 -9.97 9.59
CA GLU A 31 -14.62 -11.41 9.46
C GLU A 31 -14.46 -11.86 8.01
N SER A 32 -13.37 -12.51 7.71
CA SER A 32 -13.13 -12.98 6.32
C SER A 32 -13.93 -14.25 6.06
N ASP A 33 -13.45 -15.09 5.18
CA ASP A 33 -14.17 -16.36 4.86
C ASP A 33 -14.45 -17.17 6.13
N GLY A 34 -15.40 -16.75 6.92
CA GLY A 34 -15.72 -17.47 8.17
C GLY A 34 -14.52 -17.45 9.10
N THR A 35 -13.60 -16.53 8.89
CA THR A 35 -12.39 -16.47 9.77
C THR A 35 -12.03 -15.02 10.07
N THR A 36 -11.76 -14.71 11.31
CA THR A 36 -11.40 -13.32 11.68
C THR A 36 -9.94 -13.06 11.31
N LYS A 37 -9.68 -11.99 10.59
CA LYS A 37 -8.26 -11.68 10.19
C LYS A 37 -7.96 -10.22 10.47
N SER A 38 -6.75 -9.94 10.86
CA SER A 38 -6.36 -8.53 11.16
C SER A 38 -5.95 -7.82 9.87
N VAL A 39 -6.22 -6.54 9.77
CA VAL A 39 -5.84 -5.78 8.55
C VAL A 39 -5.30 -4.41 8.94
N TYR A 40 -4.25 -3.96 8.31
CA TYR A 40 -3.66 -2.64 8.64
C TYR A 40 -4.12 -1.61 7.61
N GLN A 41 -4.51 -0.45 8.04
CA GLN A 41 -4.98 0.62 7.11
C GLN A 41 -4.22 1.90 7.38
N GLY A 42 -4.16 2.77 6.40
CA GLY A 42 -3.43 4.05 6.61
C GLY A 42 -3.60 4.93 5.37
N TYR A 43 -2.84 5.99 5.27
CA TYR A 43 -2.94 6.90 4.09
C TYR A 43 -1.58 7.00 3.41
N ILE A 44 -1.57 7.06 2.11
CA ILE A 44 -0.27 7.17 1.36
C ILE A 44 -0.31 8.45 0.52
N GLU A 45 0.81 9.11 0.38
CA GLU A 45 0.86 10.37 -0.42
C GLU A 45 2.01 10.30 -1.43
N ASP A 46 1.90 11.01 -2.52
CA ASP A 46 2.98 10.99 -3.54
C ASP A 46 3.12 12.38 -4.19
N ASP A 47 3.48 12.43 -5.44
CA ASP A 47 3.65 13.73 -6.13
C ASP A 47 2.32 14.24 -6.68
N THR A 48 1.27 13.45 -6.62
CA THR A 48 -0.07 13.89 -7.15
C THR A 48 -1.03 14.15 -5.98
N ALA A 49 -1.40 13.14 -5.26
CA ALA A 49 -2.34 13.33 -4.12
C ALA A 49 -2.19 12.19 -3.13
N ARG A 50 -3.26 11.83 -2.46
CA ARG A 50 -3.19 10.72 -1.46
C ARG A 50 -4.43 9.83 -1.55
N ILE A 51 -4.31 8.59 -1.15
CA ILE A 51 -5.48 7.67 -1.21
C ILE A 51 -5.43 6.68 -0.03
N ARG A 52 -6.55 6.07 0.28
CA ARG A 52 -6.59 5.11 1.41
C ARG A 52 -5.93 3.78 1.00
N ILE A 53 -5.26 3.13 1.92
CA ILE A 53 -4.59 1.82 1.60
C ILE A 53 -4.91 0.79 2.70
N SER A 54 -4.88 -0.46 2.34
CA SER A 54 -5.18 -1.53 3.34
C SER A 54 -4.31 -2.75 3.04
N SER A 55 -3.81 -3.41 4.06
CA SER A 55 -2.96 -4.62 3.85
C SER A 55 -3.43 -5.74 4.76
N PHE A 56 -3.49 -6.94 4.25
CA PHE A 56 -3.98 -8.09 5.08
C PHE A 56 -2.79 -8.83 5.72
N GLY A 57 -2.82 -8.99 7.02
CA GLY A 57 -1.73 -9.73 7.71
C GLY A 57 -0.43 -8.91 7.70
N LYS A 58 -0.09 -8.32 6.59
CA LYS A 58 1.18 -7.54 6.53
C LYS A 58 1.02 -6.20 7.27
N GLN A 59 2.01 -5.84 8.05
CA GLN A 59 1.96 -4.57 8.83
C GLN A 59 2.68 -3.46 8.06
N LEU A 60 2.36 -2.22 8.35
CA LEU A 60 3.01 -1.06 7.66
C LEU A 60 3.67 -0.16 8.71
N GLN A 61 4.69 0.57 8.34
CA GLN A 61 5.39 1.46 9.31
C GLN A 61 5.16 2.93 8.95
N ASP A 62 4.89 3.74 9.94
CA ASP A 62 4.63 5.18 9.69
C ASP A 62 5.90 5.89 9.17
N SER A 63 5.74 6.73 8.18
CA SER A 63 6.89 7.47 7.60
C SER A 63 7.86 6.51 6.92
N ASP A 64 7.53 6.09 5.72
CA ASP A 64 8.43 5.17 4.98
C ASP A 64 8.06 5.16 3.49
N VAL A 65 9.00 5.51 2.64
CA VAL A 65 8.72 5.53 1.18
C VAL A 65 8.87 4.12 0.63
N VAL A 66 7.82 3.55 0.12
CA VAL A 66 7.88 2.16 -0.44
C VAL A 66 7.10 2.08 -1.75
N ARG A 67 7.36 1.06 -2.53
CA ARG A 67 6.64 0.87 -3.82
C ARG A 67 5.84 -0.41 -3.74
N ILE A 68 4.56 -0.34 -4.02
CA ILE A 68 3.69 -1.57 -3.97
C ILE A 68 3.37 -2.00 -5.39
N ASP A 69 3.61 -3.25 -5.70
CA ASP A 69 3.33 -3.78 -7.07
C ASP A 69 2.18 -4.77 -7.02
N ASN A 70 1.37 -4.80 -8.05
CA ASN A 70 0.21 -5.73 -8.11
C ASN A 70 -0.81 -5.33 -7.03
N ALA A 71 -0.96 -4.06 -6.78
CA ALA A 71 -1.95 -3.60 -5.75
C ALA A 71 -3.36 -3.74 -6.32
N ARG A 72 -4.28 -4.24 -5.54
CA ARG A 72 -5.68 -4.40 -6.05
C ARG A 72 -6.50 -3.15 -5.72
N VAL A 73 -7.24 -2.67 -6.68
CA VAL A 73 -8.08 -1.46 -6.46
C VAL A 73 -9.45 -1.87 -5.92
N ALA A 74 -9.90 -1.23 -4.87
CA ALA A 74 -11.23 -1.57 -4.29
C ALA A 74 -12.02 -0.28 -4.07
N GLN A 75 -13.32 -0.38 -3.87
CA GLN A 75 -14.14 0.85 -3.67
C GLN A 75 -14.88 0.77 -2.34
N PHE A 76 -14.69 1.76 -1.52
CA PHE A 76 -15.37 1.80 -0.20
C PHE A 76 -16.76 2.41 -0.40
N ASN A 77 -17.52 2.57 0.66
CA ASN A 77 -18.90 3.15 0.56
C ASN A 77 -18.95 4.26 -0.51
N GLY A 78 -17.83 4.79 -0.89
CA GLY A 78 -17.81 5.85 -1.92
C GLY A 78 -16.40 6.43 -2.04
N TYR A 79 -15.39 5.63 -1.76
CA TYR A 79 -13.98 6.16 -1.85
C TYR A 79 -13.06 5.07 -2.44
N LEU A 80 -12.14 5.48 -3.28
CA LEU A 80 -11.20 4.50 -3.89
C LEU A 80 -10.12 4.10 -2.88
N SER A 81 -9.64 2.89 -2.96
CA SER A 81 -8.57 2.45 -2.01
C SER A 81 -7.76 1.31 -2.64
N LEU A 82 -6.56 1.09 -2.15
CA LEU A 82 -5.70 0.00 -2.70
C LEU A 82 -5.52 -1.07 -1.63
N SER A 83 -5.82 -2.31 -1.96
CA SER A 83 -5.68 -3.42 -0.97
C SER A 83 -4.46 -4.26 -1.32
N VAL A 84 -3.61 -4.53 -0.36
CA VAL A 84 -2.39 -5.35 -0.62
C VAL A 84 -2.64 -6.78 -0.14
N GLY A 85 -2.66 -7.72 -1.05
CA GLY A 85 -2.90 -9.15 -0.68
C GLY A 85 -1.57 -9.88 -0.45
N ASP A 86 -1.64 -11.12 -0.05
CA ASP A 86 -0.40 -11.91 0.18
C ASP A 86 0.33 -12.17 -1.14
N SER A 87 -0.38 -12.12 -2.24
CA SER A 87 0.29 -12.38 -3.56
C SER A 87 0.90 -11.08 -4.07
N SER A 88 0.70 -9.99 -3.37
CA SER A 88 1.27 -8.69 -3.82
C SER A 88 2.74 -8.59 -3.42
N ARG A 89 3.43 -7.57 -3.88
CA ARG A 89 4.88 -7.41 -3.53
C ARG A 89 5.13 -6.01 -3.01
N ILE A 90 5.98 -5.88 -2.03
CA ILE A 90 6.30 -4.54 -1.44
C ILE A 90 7.81 -4.32 -1.52
N GLU A 91 8.23 -3.19 -2.03
CA GLU A 91 9.69 -2.91 -2.14
C GLU A 91 10.00 -1.57 -1.47
N SER A 92 10.76 -1.61 -0.41
CA SER A 92 11.11 -0.35 0.31
C SER A 92 12.23 0.37 -0.43
N VAL A 93 12.32 1.66 -0.25
CA VAL A 93 13.40 2.45 -0.92
C VAL A 93 14.02 3.42 0.08
N ASN A 94 14.96 2.94 0.86
CA ASN A 94 15.63 3.81 1.88
C ASN A 94 17.08 4.08 1.45
N VAL A 95 17.86 3.05 1.29
CA VAL A 95 19.29 3.23 0.87
C VAL A 95 19.51 2.63 -0.52
N ASN A 96 20.14 3.37 -1.40
CA ASN A 96 20.38 2.87 -2.77
C ASN A 96 21.27 1.62 -2.74
N ILE A 97 21.08 0.75 -3.71
CA ILE A 97 21.88 -0.52 -3.82
C ILE A 97 22.29 -1.03 -2.42
N PRO A 98 21.38 -1.66 -1.71
CA PRO A 98 21.65 -2.19 -0.34
C PRO A 98 22.78 -3.22 -0.32
N LEU A 99 23.53 -3.25 0.75
CA LEU A 99 24.67 -4.21 0.84
C LEU A 99 24.16 -5.51 1.46
N GLU A 100 22.91 -5.56 1.83
CA GLU A 100 22.36 -6.80 2.45
C GLU A 100 22.37 -7.93 1.41
N HIS A 101 22.84 -9.09 1.80
CA HIS A 101 22.88 -10.24 0.85
C HIS A 101 21.75 -11.22 1.16
N HIS A 102 20.77 -11.26 0.31
CA HIS A 102 19.61 -12.19 0.51
C HIS A 102 19.12 -12.15 1.97
N HIS A 103 18.20 -13.02 2.30
CA HIS A 103 17.67 -13.06 3.69
C HIS A 103 18.76 -13.52 4.66
N HIS A 104 19.52 -14.51 4.28
CA HIS A 104 20.60 -15.00 5.19
C HIS A 104 21.56 -15.90 4.40
N HIS A 105 21.14 -17.09 4.09
CA HIS A 105 22.01 -18.04 3.33
C HIS A 105 21.70 -17.94 1.84
N HIS A 106 22.51 -17.20 1.10
CA HIS A 106 22.28 -17.06 -0.36
C HIS A 106 20.84 -16.63 -0.63
N SER A 1 0.36 -3.46 -11.06
CA SER A 1 0.89 -3.83 -12.41
C SER A 1 1.75 -2.69 -12.96
N ASP A 2 1.26 -2.01 -13.97
CA ASP A 2 2.03 -0.89 -14.58
C ASP A 2 2.05 0.31 -13.63
N LEU A 3 3.08 1.10 -13.69
CA LEU A 3 3.17 2.30 -12.80
C LEU A 3 2.21 3.38 -13.29
N VAL A 4 1.34 3.84 -12.43
CA VAL A 4 0.37 4.90 -12.81
C VAL A 4 0.25 5.91 -11.67
N LYS A 5 -0.28 7.07 -11.95
CA LYS A 5 -0.42 8.12 -10.89
C LYS A 5 -1.58 7.76 -9.94
N ILE A 6 -1.49 8.19 -8.72
CA ILE A 6 -2.56 7.89 -7.72
C ILE A 6 -3.89 8.51 -8.20
N ARG A 7 -3.83 9.73 -8.67
CA ARG A 7 -5.07 10.41 -9.14
C ARG A 7 -5.74 9.60 -10.26
N ASP A 8 -4.98 8.92 -11.07
CA ASP A 8 -5.59 8.13 -12.19
C ASP A 8 -6.07 6.78 -11.69
N VAL A 9 -6.10 6.57 -10.39
CA VAL A 9 -6.55 5.26 -9.85
C VAL A 9 -8.05 5.08 -10.10
N SER A 10 -8.44 3.93 -10.61
CA SER A 10 -9.88 3.68 -10.88
C SER A 10 -10.14 2.18 -11.02
N LEU A 11 -11.39 1.80 -11.06
CA LEU A 11 -11.74 0.37 -11.19
C LEU A 11 -11.26 -0.16 -12.55
N SER A 12 -11.28 0.67 -13.56
CA SER A 12 -10.82 0.21 -14.90
C SER A 12 -9.44 -0.44 -14.79
N THR A 13 -8.75 -0.20 -13.71
CA THR A 13 -7.40 -0.79 -13.51
C THR A 13 -7.40 -1.63 -12.22
N PRO A 14 -7.87 -2.85 -12.29
CA PRO A 14 -7.93 -3.75 -11.10
C PRO A 14 -6.59 -3.84 -10.38
N TYR A 15 -5.52 -3.93 -11.12
CA TYR A 15 -4.16 -4.02 -10.50
C TYR A 15 -3.29 -2.87 -10.98
N VAL A 16 -2.68 -2.14 -10.08
CA VAL A 16 -1.82 -0.99 -10.49
C VAL A 16 -0.62 -0.89 -9.55
N SER A 17 0.42 -0.23 -9.97
CA SER A 17 1.64 -0.05 -9.12
C SER A 17 1.83 1.43 -8.81
N VAL A 18 2.09 1.77 -7.58
CA VAL A 18 2.27 3.21 -7.21
C VAL A 18 3.49 3.34 -6.28
N ILE A 19 4.00 4.54 -6.14
CA ILE A 19 5.19 4.77 -5.27
C ILE A 19 4.88 5.89 -4.28
N GLY A 20 5.19 5.71 -3.03
CA GLY A 20 4.91 6.77 -2.03
C GLY A 20 5.23 6.27 -0.62
N LYS A 21 4.75 6.95 0.38
CA LYS A 21 5.01 6.54 1.79
C LYS A 21 3.68 6.38 2.53
N ILE A 22 3.60 5.42 3.41
CA ILE A 22 2.34 5.16 4.17
C ILE A 22 2.41 5.79 5.55
N THR A 23 1.36 6.49 5.93
CA THR A 23 1.32 7.15 7.28
C THR A 23 -0.04 6.90 7.94
N GLY A 24 -0.10 6.99 9.24
CA GLY A 24 -1.40 6.77 9.95
C GLY A 24 -1.80 5.30 9.89
N ILE A 25 -1.20 4.46 10.69
CA ILE A 25 -1.57 3.00 10.68
C ILE A 25 -2.68 2.74 11.69
N HIS A 26 -3.81 2.24 11.23
CA HIS A 26 -4.95 1.94 12.14
C HIS A 26 -5.18 0.42 12.15
N LYS A 27 -5.12 -0.19 13.29
CA LYS A 27 -5.32 -1.67 13.36
C LYS A 27 -6.81 -2.00 13.46
N LYS A 28 -7.27 -2.96 12.69
CA LYS A 28 -8.71 -3.35 12.74
C LYS A 28 -8.82 -4.85 12.48
N GLU A 29 -9.85 -5.47 12.97
CA GLU A 29 -10.03 -6.95 12.77
C GLU A 29 -11.30 -7.21 11.96
N TYR A 30 -11.28 -8.20 11.09
CA TYR A 30 -12.50 -8.49 10.26
C TYR A 30 -12.66 -10.01 10.12
N GLU A 31 -13.81 -10.46 9.74
CA GLU A 31 -14.04 -11.93 9.59
C GLU A 31 -13.64 -12.37 8.17
N SER A 32 -12.46 -12.90 8.03
CA SER A 32 -11.98 -13.34 6.68
C SER A 32 -12.50 -14.76 6.37
N ASP A 33 -11.77 -15.49 5.57
CA ASP A 33 -12.20 -16.88 5.21
C ASP A 33 -12.55 -17.67 6.47
N GLY A 34 -13.76 -17.53 6.95
CA GLY A 34 -14.17 -18.28 8.17
C GLY A 34 -13.12 -18.10 9.27
N THR A 35 -12.25 -17.14 9.12
CA THR A 35 -11.19 -16.91 10.17
C THR A 35 -10.99 -15.41 10.36
N THR A 36 -10.71 -15.00 11.56
CA THR A 36 -10.51 -13.55 11.83
C THR A 36 -9.07 -13.15 11.49
N LYS A 37 -8.90 -12.12 10.71
CA LYS A 37 -7.52 -11.67 10.34
C LYS A 37 -7.38 -10.17 10.61
N SER A 38 -6.20 -9.74 10.97
CA SER A 38 -5.99 -8.30 11.26
C SER A 38 -5.71 -7.54 9.96
N VAL A 39 -6.04 -6.27 9.91
CA VAL A 39 -5.78 -5.47 8.68
C VAL A 39 -5.36 -4.06 9.11
N TYR A 40 -4.39 -3.50 8.46
CA TYR A 40 -3.92 -2.12 8.82
C TYR A 40 -4.39 -1.13 7.75
N GLN A 41 -4.97 -0.04 8.16
CA GLN A 41 -5.47 0.98 7.17
C GLN A 41 -4.73 2.29 7.41
N GLY A 42 -4.50 3.05 6.36
CA GLY A 42 -3.79 4.33 6.54
C GLY A 42 -3.85 5.14 5.24
N TYR A 43 -3.11 6.21 5.16
CA TYR A 43 -3.12 7.05 3.94
C TYR A 43 -1.73 7.05 3.30
N ILE A 44 -1.67 7.02 1.99
CA ILE A 44 -0.36 7.02 1.28
C ILE A 44 -0.28 8.28 0.43
N GLU A 45 0.90 8.84 0.30
CA GLU A 45 1.04 10.12 -0.49
C GLU A 45 2.24 10.02 -1.43
N ASP A 46 2.26 10.86 -2.44
CA ASP A 46 3.39 10.83 -3.41
C ASP A 46 3.45 12.20 -4.12
N ASP A 47 4.20 12.29 -5.18
CA ASP A 47 4.31 13.57 -5.92
C ASP A 47 2.97 13.91 -6.59
N THR A 48 2.10 12.94 -6.72
CA THR A 48 0.78 13.19 -7.36
C THR A 48 -0.25 13.62 -6.32
N ALA A 49 -0.72 12.71 -5.51
CA ALA A 49 -1.74 13.08 -4.48
C ALA A 49 -1.74 12.04 -3.36
N ARG A 50 -2.89 11.75 -2.81
CA ARG A 50 -2.95 10.75 -1.69
C ARG A 50 -4.26 9.97 -1.75
N ILE A 51 -4.27 8.77 -1.23
CA ILE A 51 -5.52 7.95 -1.24
C ILE A 51 -5.50 6.96 -0.06
N ARG A 52 -6.65 6.46 0.32
CA ARG A 52 -6.70 5.49 1.46
C ARG A 52 -6.20 4.12 1.02
N ILE A 53 -5.55 3.40 1.91
CA ILE A 53 -5.03 2.04 1.56
C ILE A 53 -5.36 1.05 2.68
N SER A 54 -5.27 -0.21 2.40
CA SER A 54 -5.54 -1.25 3.45
C SER A 54 -4.60 -2.42 3.25
N SER A 55 -3.91 -2.84 4.30
CA SER A 55 -2.96 -3.98 4.18
C SER A 55 -3.49 -5.16 4.99
N PHE A 56 -3.70 -6.28 4.36
CA PHE A 56 -4.24 -7.48 5.09
C PHE A 56 -3.10 -8.42 5.50
N GLY A 57 -2.95 -8.66 6.76
CA GLY A 57 -1.86 -9.58 7.22
C GLY A 57 -0.55 -8.82 7.43
N LYS A 58 0.00 -8.28 6.37
CA LYS A 58 1.30 -7.55 6.52
C LYS A 58 1.09 -6.23 7.25
N GLN A 59 1.98 -5.91 8.16
CA GLN A 59 1.88 -4.62 8.92
C GLN A 59 2.76 -3.56 8.26
N LEU A 60 2.45 -2.31 8.46
CA LEU A 60 3.26 -1.21 7.83
C LEU A 60 3.67 -0.20 8.91
N GLN A 61 4.67 0.61 8.61
CA GLN A 61 5.15 1.63 9.61
C GLN A 61 4.84 3.04 9.11
N ASP A 62 4.69 3.95 10.02
CA ASP A 62 4.35 5.35 9.65
C ASP A 62 5.48 5.99 8.81
N SER A 63 5.11 6.73 7.80
CA SER A 63 6.13 7.40 6.93
C SER A 63 7.04 6.35 6.32
N ASP A 64 6.55 5.15 6.13
CA ASP A 64 7.41 4.08 5.53
C ASP A 64 7.42 4.22 4.01
N VAL A 65 8.56 4.52 3.44
CA VAL A 65 8.64 4.67 1.95
C VAL A 65 8.80 3.29 1.32
N VAL A 66 7.82 2.83 0.58
CA VAL A 66 7.92 1.47 -0.04
C VAL A 66 7.31 1.50 -1.45
N ARG A 67 7.59 0.49 -2.23
CA ARG A 67 7.04 0.41 -3.62
C ARG A 67 5.95 -0.66 -3.62
N ILE A 68 4.76 -0.31 -4.08
CA ILE A 68 3.64 -1.30 -4.10
C ILE A 68 3.37 -1.71 -5.54
N ASP A 69 3.37 -2.99 -5.81
CA ASP A 69 3.11 -3.48 -7.19
C ASP A 69 1.92 -4.44 -7.19
N ASN A 70 1.12 -4.40 -8.23
CA ASN A 70 -0.08 -5.27 -8.30
C ASN A 70 -1.05 -4.93 -7.17
N ALA A 71 -1.22 -3.67 -6.89
CA ALA A 71 -2.15 -3.25 -5.80
C ALA A 71 -3.59 -3.43 -6.28
N ARG A 72 -4.42 -4.06 -5.50
CA ARG A 72 -5.84 -4.26 -5.92
C ARG A 72 -6.66 -3.02 -5.64
N VAL A 73 -7.42 -2.56 -6.61
CA VAL A 73 -8.26 -1.35 -6.41
C VAL A 73 -9.64 -1.76 -5.91
N ALA A 74 -10.12 -1.12 -4.87
CA ALA A 74 -11.47 -1.47 -4.31
C ALA A 74 -12.20 -0.18 -3.96
N GLN A 75 -13.51 -0.21 -3.98
CA GLN A 75 -14.31 1.02 -3.65
C GLN A 75 -15.12 0.76 -2.39
N PHE A 76 -14.89 1.53 -1.35
CA PHE A 76 -15.64 1.35 -0.07
C PHE A 76 -16.31 2.66 0.33
N ASN A 77 -17.56 2.61 0.69
CA ASN A 77 -18.29 3.85 1.10
C ASN A 77 -18.20 4.89 -0.02
N GLY A 78 -18.14 4.46 -1.25
CA GLY A 78 -18.08 5.44 -2.38
C GLY A 78 -16.68 6.03 -2.49
N TYR A 79 -15.74 5.54 -1.73
CA TYR A 79 -14.34 6.09 -1.78
C TYR A 79 -13.39 5.02 -2.32
N LEU A 80 -12.55 5.38 -3.24
CA LEU A 80 -11.60 4.40 -3.83
C LEU A 80 -10.44 4.14 -2.85
N SER A 81 -9.93 2.93 -2.84
CA SER A 81 -8.80 2.61 -1.92
C SER A 81 -8.00 1.44 -2.50
N LEU A 82 -6.75 1.34 -2.16
CA LEU A 82 -5.91 0.22 -2.70
C LEU A 82 -5.74 -0.83 -1.61
N SER A 83 -6.00 -2.08 -1.93
CA SER A 83 -5.86 -3.17 -0.93
C SER A 83 -4.60 -3.98 -1.23
N VAL A 84 -3.76 -4.18 -0.25
CA VAL A 84 -2.51 -4.97 -0.45
C VAL A 84 -2.72 -6.37 0.10
N GLY A 85 -3.00 -7.32 -0.76
CA GLY A 85 -3.23 -8.72 -0.29
C GLY A 85 -1.95 -9.54 -0.45
N ASP A 86 -2.06 -10.83 -0.28
CA ASP A 86 -0.86 -11.71 -0.41
C ASP A 86 -0.42 -11.75 -1.87
N SER A 87 -1.27 -11.36 -2.77
CA SER A 87 -0.91 -11.38 -4.22
C SER A 87 -0.12 -10.12 -4.57
N SER A 88 -0.04 -9.18 -3.67
CA SER A 88 0.71 -7.92 -3.95
C SER A 88 2.18 -8.09 -3.56
N ARG A 89 3.02 -7.18 -3.99
CA ARG A 89 4.47 -7.26 -3.64
C ARG A 89 4.90 -5.94 -2.98
N ILE A 90 5.62 -6.02 -1.89
CA ILE A 90 6.09 -4.79 -1.18
C ILE A 90 7.61 -4.78 -1.16
N GLU A 91 8.23 -3.70 -1.57
CA GLU A 91 9.72 -3.61 -1.56
C GLU A 91 10.16 -2.35 -0.82
N SER A 92 11.09 -2.50 0.08
CA SER A 92 11.56 -1.32 0.87
C SER A 92 12.26 -0.32 -0.04
N VAL A 93 11.92 0.93 0.08
CA VAL A 93 12.57 2.00 -0.75
C VAL A 93 13.53 2.82 0.13
N ASN A 94 13.05 3.32 1.24
CA ASN A 94 13.92 4.13 2.15
C ASN A 94 13.68 3.67 3.59
N VAL A 95 12.47 3.75 4.05
CA VAL A 95 12.16 3.33 5.45
C VAL A 95 13.10 4.07 6.41
N ASN A 96 13.52 5.25 6.05
CA ASN A 96 14.45 6.03 6.92
C ASN A 96 15.74 5.26 7.19
N ILE A 97 16.86 5.89 6.96
CA ILE A 97 18.18 5.22 7.19
C ILE A 97 18.87 5.85 8.41
N PRO A 98 18.70 7.14 8.65
CA PRO A 98 19.33 7.81 9.82
C PRO A 98 18.42 7.73 11.05
N LEU A 99 17.25 7.17 10.89
CA LEU A 99 16.28 7.03 12.02
C LEU A 99 15.95 8.41 12.60
N GLU A 100 14.69 8.64 12.89
CA GLU A 100 14.28 9.97 13.43
C GLU A 100 14.77 10.14 14.87
N HIS A 101 14.45 11.26 15.47
CA HIS A 101 14.90 11.54 16.87
C HIS A 101 14.18 10.59 17.84
N HIS A 102 14.89 10.11 18.83
CA HIS A 102 14.26 9.17 19.82
C HIS A 102 13.39 9.94 20.81
N HIS A 103 12.26 9.38 21.18
CA HIS A 103 11.36 10.06 22.15
C HIS A 103 11.91 9.86 23.56
N HIS A 104 12.82 8.93 23.73
CA HIS A 104 13.42 8.67 25.08
C HIS A 104 12.33 8.39 26.12
N HIS A 105 12.69 7.76 27.21
CA HIS A 105 11.69 7.44 28.27
C HIS A 105 12.38 7.36 29.63
N HIS A 106 11.63 7.45 30.69
CA HIS A 106 12.23 7.37 32.05
C HIS A 106 11.14 7.12 33.08
#